data_8XOL
#
_entry.id   8XOL
#
_cell.length_a   1.00
_cell.length_b   1.00
_cell.length_c   1.00
_cell.angle_alpha   90.00
_cell.angle_beta   90.00
_cell.angle_gamma   90.00
#
_symmetry.space_group_name_H-M   'P 1'
#
loop_
_entity.id
_entity.type
_entity.pdbx_description
1 polymer 'ATP-binding cassette sub-family C member 4'
2 non-polymer 'PHOSPHOAMINOPHOSPHONIC ACID-ADENYLATE ESTER'
3 non-polymer "2-[2-[(1~{S},2~{S},4~{S},5'~{R},6~{R},7~{S},8~{R},9~{S},12~{S},13~{R},16~{S})-5',7,9,13-tetramethylspiro[5-oxapentacyclo[10.8.0.0^{2,9}.0^{4,8}.0^{13,18}]icos-18-ene-6,2'-oxane]-16-yl]oxyethyl]propane-1,3-diol"
4 non-polymer 'PALMITIC ACID'
5 non-polymer 'MAGNESIUM ION'
#
_entity_poly.entity_id   1
_entity_poly.type   'polypeptide(L)'
_entity_poly.pdbx_seq_one_letter_code
;MLPVYQEVKPNPLQDANLCSRVFFWWLNPLFKIGHKRRLEEDDMYSVLPEDRSQHLGEELQGFWDKEVLRAENDAQKPSL
TRAIIKCYWKSYLVLGIFTLIEESAKVIQPIFLGKIINYFENYDPMDSVALNTAYAYATVLTFCTLILAILHHLYFYHVQ
CAGMRLRVAMCHMIYRKALRLSNMAMGKTTTGQIVNLLSNDVNKFDQVTVFLHFLWAGPLQAIAVTALLWMEIGISCLAG
MAVLIILLPLQSCFGKLFSSLRSKTATFTDARIRTMNEVITGIRIIKMYAWEKSFSNLITNLRKKEISKILRSSCLRGMN
LASFFSASKIIVFVTFTTYVLLGSVITASRVFVAVTLYGAVRLTVTLFFPSAIERVSEAIVSIRRIQTFLLLDEISQRNR
QLPSDGKKMVHVQDFTAFWDKASETPTLQGLSFTVRPGELLAVVGPVGAGKSSLLSAVLGELAPSHGLVSVHGRIAYVSQ
QPWVFSGTLRSNILFGKKYEKERYEKVIKACALKKDLQLLEDGDLTVIGDRGTTLSGGQKARVNLARAVYQDADIYLLDD
PLSAVDAEVSRHLFELCICQILHEKITILVTHQLQYLKAASQILILKDGKMVQKGTYTEFLKSGIDFGSLLKKDNEESEQ
PPVPGTPTLRNRTFSESSVWSQQSSRPSLKDGALESQDTENVPVTLSEENRSEGKVGFQAYKNYFRAGAHWIVFIFLILL
NTAAQVAYVLQDWWLSYWANKQSMLNVTVNGGGNVTEKLDLNWYLGIYSGLTVATVLFGIARSLLVFYVLVNSSQTLHNK
MFESILKAPVLFFDRNPIGRILNRFSKDIGHLDDLLPLTFLDFIQTLLQVVGVVSVAVAVIPWIAIPLVPLGIIFIFLRR
YFLETSRDVKRLESTTRSPVFSHLSSSLQGLWTIRAYKAEERCQELFDAHQDLHSEAWFLFLTTSRWFAVRLDAICAMFV
IIVAFGSLILAKTLDAGQVGLALSYALTLMGMFQWCVRQSAEVENMMISVERVIEYTDLEKEAPWEYQKRPPPAWPHEGV
IIFDNVNFMYSPGGPLVLKHLTALIKSQEKVGIVGRTGAGKSSLISALFRLSEPEGKIWIDKILTTEIGLHDLRKKMSII
PQEPVLFTGTMRKNLDPFNEHTDEELWNALQEVQLKETIEDLPGKMDTELAESGSNFSVGQRQLVCLARAILRKNQILII
DEATANVDPRTDELIQKKIREKFAHCTVLTIAHRLNTIIDSDKIMVLDSGRLKEYDEPYVLLQNKESLFYKMVQQLGKAE
AAALTETAKQVYFKRNYPHIGHTDHMVTNTSNGQPSTLTIFETAL
;
_entity_poly.pdbx_strand_id   A
#
loop_
_chem_comp.id
_chem_comp.type
_chem_comp.name
_chem_comp.formula
ANP non-polymer 'PHOSPHOAMINOPHOSPHONIC ACID-ADENYLATE ESTER' 'C10 H17 N6 O12 P3'
DU0 non-polymer 2-[2-[(1~{S},2~{S},4~{S},5'~{R},6~{R},7~{S},8~{R},9~{S},12~{S},13~{R},16~{S})-5',7,9,13-tetramethylspiro[5-oxapentacyclo[10.8.0.0^{2,9}.0^{4,8}.0^{13,18}]icos-18-ene-6,2'-oxane]-16-yl]oxyethyl]propane-1,3-diol 'C32 H52 O5'
MG non-polymer 'MAGNESIUM ION' 'Mg 2'
PLM non-polymer 'PALMITIC ACID' 'C16 H32 O2'
#
# COMPACT_ATOMS: atom_id res chain seq x y z
N GLU A 7 19.80 28.30 11.99
CA GLU A 7 18.55 28.82 12.54
C GLU A 7 17.53 27.70 12.70
N VAL A 8 17.75 26.60 11.98
CA VAL A 8 16.86 25.45 12.08
C VAL A 8 16.98 24.83 13.47
N LYS A 9 15.84 24.60 14.11
CA LYS A 9 15.73 24.10 15.48
C LYS A 9 16.59 22.85 15.63
N PRO A 10 17.68 22.92 16.40
CA PRO A 10 18.54 21.75 16.56
C PRO A 10 17.88 20.68 17.41
N ASN A 11 18.40 19.47 17.29
CA ASN A 11 17.88 18.36 18.06
C ASN A 11 18.12 18.60 19.54
N PRO A 12 17.08 18.61 20.38
CA PRO A 12 17.29 18.80 21.82
C PRO A 12 18.11 17.69 22.45
N LEU A 13 18.22 16.54 21.79
CA LEU A 13 19.07 15.46 22.31
C LEU A 13 20.52 15.89 22.41
N GLN A 14 20.94 16.91 21.66
CA GLN A 14 22.32 17.34 21.69
C GLN A 14 22.72 17.83 23.08
N ASP A 15 21.85 18.62 23.72
CA ASP A 15 22.15 19.20 25.02
C ASP A 15 21.52 18.42 26.17
N ALA A 16 20.88 17.29 25.91
CA ALA A 16 20.22 16.53 26.97
C ALA A 16 21.24 15.71 27.75
N ASN A 17 21.07 15.69 29.07
CA ASN A 17 21.94 14.93 29.95
C ASN A 17 21.55 13.45 29.90
N LEU A 18 22.27 12.63 30.68
CA LEU A 18 22.02 11.19 30.66
C LEU A 18 20.63 10.86 31.18
N CYS A 19 20.21 11.51 32.27
CA CYS A 19 18.91 11.21 32.85
C CYS A 19 17.78 11.55 31.88
N SER A 20 17.83 12.73 31.28
CA SER A 20 16.79 13.12 30.35
C SER A 20 16.75 12.19 29.15
N ARG A 21 17.92 11.80 28.63
CA ARG A 21 17.97 10.87 27.51
C ARG A 21 17.37 9.53 27.91
N VAL A 22 17.65 9.05 29.12
CA VAL A 22 17.11 7.78 29.56
C VAL A 22 15.59 7.85 29.66
N PHE A 23 15.06 8.92 30.23
CA PHE A 23 13.63 9.05 30.43
C PHE A 23 12.92 9.74 29.27
N PHE A 24 13.66 10.19 28.25
CA PHE A 24 13.08 10.93 27.13
C PHE A 24 12.31 12.14 27.64
N TRP A 25 12.86 12.80 28.66
CA TRP A 25 12.22 13.96 29.25
C TRP A 25 12.13 15.11 28.25
N TRP A 26 13.17 15.29 27.44
CA TRP A 26 13.24 16.44 26.56
C TRP A 26 12.16 16.44 25.48
N LEU A 27 11.50 15.30 25.27
CA LEU A 27 10.40 15.27 24.31
C LEU A 27 9.13 15.92 24.85
N ASN A 28 9.13 16.30 26.13
CA ASN A 28 7.91 16.85 26.74
C ASN A 28 7.35 18.06 25.99
N PRO A 29 8.14 19.06 25.60
CA PRO A 29 7.53 20.22 24.92
C PRO A 29 6.74 19.86 23.68
N LEU A 30 7.26 18.92 22.88
CA LEU A 30 6.58 18.54 21.64
C LEU A 30 5.15 18.11 21.92
N PHE A 31 4.97 17.20 22.89
CA PHE A 31 3.62 16.79 23.26
C PHE A 31 2.79 17.98 23.70
N LYS A 32 3.38 18.89 24.48
CA LYS A 32 2.66 20.08 24.90
C LYS A 32 2.19 20.88 23.69
N ILE A 33 3.00 20.92 22.64
CA ILE A 33 2.55 21.50 21.39
C ILE A 33 1.48 20.62 20.74
N GLY A 34 1.76 19.32 20.65
CA GLY A 34 0.84 18.43 19.97
C GLY A 34 -0.53 18.40 20.60
N HIS A 35 -0.57 18.41 21.93
CA HIS A 35 -1.85 18.40 22.64
C HIS A 35 -2.69 19.63 22.33
N LYS A 36 -2.07 20.73 21.89
CA LYS A 36 -2.83 21.95 21.67
C LYS A 36 -3.31 22.09 20.23
N ARG A 37 -2.48 21.71 19.26
CA ARG A 37 -2.83 21.93 17.86
C ARG A 37 -2.27 20.80 17.02
N ARG A 38 -2.77 20.70 15.79
CA ARG A 38 -2.29 19.69 14.86
C ARG A 38 -0.85 19.97 14.47
N LEU A 39 -0.05 18.91 14.43
CA LEU A 39 1.36 19.04 14.11
C LEU A 39 1.57 19.29 12.63
N GLU A 40 2.75 19.83 12.31
CA GLU A 40 3.15 20.08 10.93
C GLU A 40 4.65 19.82 10.83
N GLU A 41 5.22 20.14 9.67
CA GLU A 41 6.64 19.91 9.45
C GLU A 41 7.53 21.01 10.02
N ASP A 42 6.95 22.10 10.51
CA ASP A 42 7.72 23.16 11.13
C ASP A 42 7.94 22.97 12.61
N ASP A 43 7.14 22.12 13.26
CA ASP A 43 7.36 21.70 14.64
C ASP A 43 8.31 20.52 14.72
N MET A 44 9.20 20.39 13.74
CA MET A 44 9.99 19.18 13.56
C MET A 44 11.25 19.27 14.41
N TYR A 45 12.07 18.22 14.35
CA TYR A 45 13.39 18.24 14.97
C TYR A 45 14.42 17.80 13.95
N SER A 46 15.48 18.59 13.80
CA SER A 46 16.50 18.29 12.82
C SER A 46 17.31 17.06 13.22
N VAL A 47 17.71 16.29 12.21
CA VAL A 47 18.51 15.10 12.45
C VAL A 47 19.89 15.49 12.94
N LEU A 48 20.46 14.65 13.81
CA LEU A 48 21.79 14.89 14.33
C LEU A 48 22.81 14.94 13.19
N PRO A 49 23.83 15.79 13.31
CA PRO A 49 24.79 15.95 12.21
C PRO A 49 25.49 14.66 11.83
N GLU A 50 25.74 13.76 12.77
CA GLU A 50 26.37 12.49 12.45
C GLU A 50 25.40 11.50 11.81
N ASP A 51 24.11 11.81 11.76
CA ASP A 51 23.12 10.92 11.18
C ASP A 51 22.56 11.45 9.86
N ARG A 52 23.15 12.51 9.31
CA ARG A 52 22.70 13.03 8.03
C ARG A 52 23.03 12.03 6.92
N SER A 53 22.19 12.02 5.89
CA SER A 53 22.31 11.01 4.83
C SER A 53 23.65 11.10 4.13
N GLN A 54 24.14 12.32 3.90
CA GLN A 54 25.39 12.49 3.15
C GLN A 54 26.56 11.82 3.84
N HIS A 55 26.68 12.00 5.16
CA HIS A 55 27.82 11.46 5.88
C HIS A 55 27.82 9.93 5.87
N LEU A 56 26.66 9.33 6.17
CA LEU A 56 26.56 7.88 6.16
C LEU A 56 26.83 7.32 4.76
N GLY A 57 26.28 7.98 3.74
CA GLY A 57 26.53 7.54 2.38
C GLY A 57 28.00 7.58 2.03
N GLU A 58 28.69 8.66 2.39
CA GLU A 58 30.10 8.78 2.06
C GLU A 58 30.93 7.71 2.78
N GLU A 59 30.68 7.50 4.08
CA GLU A 59 31.49 6.53 4.79
C GLU A 59 31.22 5.12 4.30
N LEU A 60 29.96 4.78 4.01
CA LEU A 60 29.68 3.46 3.47
C LEU A 60 30.24 3.29 2.07
N GLN A 61 30.28 4.36 1.28
CA GLN A 61 30.93 4.28 -0.02
C GLN A 61 32.41 3.97 0.14
N GLY A 62 33.06 4.62 1.09
CA GLY A 62 34.46 4.30 1.36
C GLY A 62 34.65 2.84 1.74
N PHE A 63 33.80 2.35 2.65
CA PHE A 63 33.91 0.95 3.07
C PHE A 63 33.67 0.00 1.91
N TRP A 64 32.65 0.26 1.10
CA TRP A 64 32.32 -0.61 -0.02
C TRP A 64 33.41 -0.61 -1.07
N ASP A 65 34.00 0.57 -1.35
CA ASP A 65 35.09 0.63 -2.30
C ASP A 65 36.30 -0.13 -1.79
N LYS A 66 36.61 -0.01 -0.51
CA LYS A 66 37.72 -0.77 0.05
C LYS A 66 37.46 -2.27 -0.05
N GLU A 67 36.23 -2.68 0.23
CA GLU A 67 35.88 -4.10 0.11
C GLU A 67 36.02 -4.58 -1.32
N VAL A 68 35.56 -3.78 -2.29
CA VAL A 68 35.66 -4.18 -3.69
C VAL A 68 37.12 -4.28 -4.11
N LEU A 69 37.94 -3.32 -3.69
CA LEU A 69 39.36 -3.36 -4.03
C LEU A 69 40.02 -4.60 -3.43
N ARG A 70 39.70 -4.92 -2.17
CA ARG A 70 40.27 -6.11 -1.55
C ARG A 70 39.83 -7.36 -2.29
N ALA A 71 38.56 -7.43 -2.71
CA ALA A 71 38.09 -8.58 -3.46
C ALA A 71 38.82 -8.71 -4.78
N GLU A 72 39.07 -7.59 -5.46
CA GLU A 72 39.80 -7.64 -6.72
C GLU A 72 41.26 -8.03 -6.51
N ASN A 73 41.82 -7.68 -5.35
CA ASN A 73 43.21 -8.02 -5.07
C ASN A 73 43.42 -9.53 -5.04
N ASP A 74 42.50 -10.26 -4.39
CA ASP A 74 42.60 -11.71 -4.27
C ASP A 74 41.70 -12.43 -5.26
N ALA A 75 41.10 -11.70 -6.21
CA ALA A 75 40.25 -12.29 -7.25
C ALA A 75 39.11 -13.10 -6.64
N GLN A 76 38.25 -12.40 -5.90
CA GLN A 76 37.10 -13.01 -5.26
C GLN A 76 35.87 -12.15 -5.50
N LYS A 77 34.71 -12.78 -5.41
CA LYS A 77 33.46 -12.06 -5.56
C LYS A 77 33.24 -11.18 -4.34
N PRO A 78 33.08 -9.86 -4.50
CA PRO A 78 32.91 -9.00 -3.34
C PRO A 78 31.59 -9.30 -2.62
N SER A 79 31.61 -9.08 -1.31
CA SER A 79 30.46 -9.33 -0.45
C SER A 79 30.01 -8.04 0.19
N LEU A 80 28.75 -7.67 -0.01
CA LEU A 80 28.21 -6.50 0.67
C LEU A 80 28.11 -6.73 2.17
N THR A 81 27.78 -7.95 2.58
CA THR A 81 27.67 -8.24 4.00
C THR A 81 28.99 -8.00 4.71
N ARG A 82 30.10 -8.34 4.07
CA ARG A 82 31.41 -8.08 4.66
C ARG A 82 31.60 -6.60 4.92
N ALA A 83 31.21 -5.77 3.96
CA ALA A 83 31.33 -4.32 4.14
C ALA A 83 30.44 -3.84 5.29
N ILE A 84 29.21 -4.34 5.37
CA ILE A 84 28.30 -3.89 6.42
C ILE A 84 28.86 -4.26 7.79
N ILE A 85 29.36 -5.50 7.93
CA ILE A 85 29.94 -5.92 9.20
C ILE A 85 31.15 -5.07 9.55
N LYS A 86 32.08 -4.94 8.61
CA LYS A 86 33.27 -4.14 8.85
C LYS A 86 32.94 -2.70 9.18
N CYS A 87 31.76 -2.22 8.76
CA CYS A 87 31.37 -0.86 9.07
C CYS A 87 30.71 -0.72 10.44
N TYR A 88 29.90 -1.69 10.85
CA TYR A 88 29.03 -1.49 12.00
C TYR A 88 29.28 -2.41 13.20
N TRP A 89 30.26 -3.31 13.13
CA TRP A 89 30.46 -4.20 14.27
C TRP A 89 30.91 -3.44 15.50
N LYS A 90 31.73 -2.40 15.31
CA LYS A 90 32.20 -1.61 16.45
C LYS A 90 31.04 -0.91 17.14
N SER A 91 30.09 -0.38 16.37
CA SER A 91 28.96 0.30 16.97
C SER A 91 27.88 -0.66 17.45
N TYR A 92 27.94 -1.93 17.06
CA TYR A 92 26.93 -2.88 17.52
C TYR A 92 27.36 -3.73 18.70
N LEU A 93 28.67 -3.91 18.91
CA LEU A 93 29.10 -4.77 20.01
C LEU A 93 28.72 -4.19 21.37
N VAL A 94 28.70 -2.86 21.50
CA VAL A 94 28.30 -2.24 22.76
C VAL A 94 26.85 -2.58 23.08
N LEU A 95 25.97 -2.48 22.08
CA LEU A 95 24.58 -2.84 22.29
C LEU A 95 24.45 -4.32 22.59
N GLY A 96 25.31 -5.16 22.00
CA GLY A 96 25.31 -6.57 22.36
C GLY A 96 25.67 -6.79 23.82
N ILE A 97 26.65 -6.04 24.32
CA ILE A 97 27.03 -6.13 25.72
C ILE A 97 25.84 -5.76 26.61
N PHE A 98 25.14 -4.69 26.25
CA PHE A 98 23.97 -4.33 27.05
C PHE A 98 22.89 -5.39 26.97
N THR A 99 22.72 -6.03 25.81
CA THR A 99 21.75 -7.10 25.70
C THR A 99 22.11 -8.23 26.66
N LEU A 100 23.39 -8.55 26.74
CA LEU A 100 23.84 -9.54 27.72
C LEU A 100 23.44 -9.13 29.13
N ILE A 101 23.65 -7.86 29.47
CA ILE A 101 23.31 -7.40 30.82
C ILE A 101 21.82 -7.55 31.08
N GLU A 102 20.99 -7.14 30.12
CA GLU A 102 19.55 -7.21 30.31
C GLU A 102 19.07 -8.65 30.45
N GLU A 103 19.61 -9.55 29.61
CA GLU A 103 19.26 -10.96 29.73
C GLU A 103 19.67 -11.50 31.09
N SER A 104 20.86 -11.13 31.57
CA SER A 104 21.30 -11.61 32.87
C SER A 104 20.36 -11.14 33.96
N ALA A 105 19.92 -9.89 33.90
CA ALA A 105 18.99 -9.40 34.91
C ALA A 105 17.66 -10.15 34.85
N LYS A 106 17.15 -10.39 33.64
CA LYS A 106 15.89 -11.09 33.49
C LYS A 106 15.96 -12.51 34.05
N VAL A 107 17.08 -13.20 33.82
CA VAL A 107 17.23 -14.55 34.36
C VAL A 107 17.42 -14.51 35.87
N ILE A 108 18.15 -13.52 36.38
CA ILE A 108 18.48 -13.51 37.80
C ILE A 108 17.33 -13.08 38.69
N GLN A 109 16.35 -12.37 38.14
CA GLN A 109 15.23 -11.92 38.98
C GLN A 109 14.46 -13.07 39.64
N PRO A 110 14.11 -14.17 38.94
CA PRO A 110 13.38 -15.24 39.62
C PRO A 110 14.12 -15.87 40.78
N ILE A 111 15.45 -15.82 40.82
CA ILE A 111 16.17 -16.37 41.96
C ILE A 111 15.81 -15.59 43.23
N PHE A 112 15.79 -14.27 43.13
CA PHE A 112 15.40 -13.47 44.29
C PHE A 112 13.91 -13.62 44.59
N LEU A 113 13.09 -13.84 43.55
CA LEU A 113 11.71 -14.20 43.81
C LEU A 113 11.62 -15.46 44.66
N GLY A 114 12.44 -16.46 44.35
CA GLY A 114 12.47 -17.67 45.14
C GLY A 114 12.96 -17.40 46.56
N LYS A 115 13.94 -16.52 46.71
CA LYS A 115 14.45 -16.22 48.05
C LYS A 115 13.37 -15.60 48.92
N ILE A 116 12.62 -14.64 48.37
CA ILE A 116 11.58 -13.99 49.15
C ILE A 116 10.45 -14.98 49.47
N ILE A 117 10.10 -15.84 48.50
CA ILE A 117 9.07 -16.84 48.79
C ILE A 117 9.55 -17.79 49.87
N ASN A 118 10.83 -18.14 49.86
CA ASN A 118 11.38 -19.01 50.89
C ASN A 118 11.28 -18.35 52.27
N TYR A 119 11.59 -17.06 52.34
CA TYR A 119 11.40 -16.35 53.61
C TYR A 119 9.97 -16.48 54.07
N PHE A 120 9.02 -16.29 53.15
CA PHE A 120 7.62 -16.43 53.54
C PHE A 120 7.31 -17.85 54.02
N GLU A 121 7.92 -18.85 53.39
CA GLU A 121 7.69 -20.23 53.80
C GLU A 121 8.13 -20.44 55.25
N ASN A 122 9.30 -19.95 55.60
CA ASN A 122 9.77 -20.06 56.98
C ASN A 122 9.47 -18.78 57.76
N TYR A 123 8.18 -18.50 57.92
CA TYR A 123 7.74 -17.25 58.51
C TYR A 123 7.75 -17.36 60.03
N ASP A 124 8.70 -16.68 60.66
CA ASP A 124 8.70 -16.48 62.10
C ASP A 124 8.46 -15.00 62.38
N PRO A 125 7.31 -14.62 62.94
CA PRO A 125 7.02 -13.19 63.10
C PRO A 125 8.03 -12.46 63.98
N MET A 126 8.63 -13.13 64.95
CA MET A 126 9.53 -12.44 65.87
C MET A 126 10.89 -12.15 65.24
N ASP A 127 11.34 -12.99 64.31
CA ASP A 127 12.68 -12.86 63.74
C ASP A 127 12.74 -11.64 62.83
N SER A 128 13.32 -10.56 63.32
CA SER A 128 13.46 -9.35 62.53
C SER A 128 14.57 -9.47 61.49
N VAL A 129 15.59 -10.31 61.76
CA VAL A 129 16.68 -10.47 60.80
C VAL A 129 16.17 -11.05 59.50
N ALA A 130 15.28 -12.04 59.58
CA ALA A 130 14.66 -12.59 58.38
C ALA A 130 13.88 -11.52 57.64
N LEU A 131 13.19 -10.64 58.38
CA LEU A 131 12.44 -9.56 57.74
C LEU A 131 13.38 -8.62 57.00
N ASN A 132 14.52 -8.28 57.60
CA ASN A 132 15.47 -7.39 56.95
C ASN A 132 16.05 -8.05 55.69
N THR A 133 16.39 -9.34 55.78
CA THR A 133 16.90 -10.03 54.61
C THR A 133 15.86 -10.08 53.49
N ALA A 134 14.60 -10.30 53.85
CA ALA A 134 13.54 -10.29 52.86
C ALA A 134 13.40 -8.92 52.23
N TYR A 135 13.51 -7.87 53.03
CA TYR A 135 13.45 -6.52 52.47
C TYR A 135 14.59 -6.28 51.50
N ALA A 136 15.79 -6.75 51.84
CA ALA A 136 16.93 -6.60 50.94
C ALA A 136 16.70 -7.35 49.63
N TYR A 137 16.16 -8.56 49.72
CA TYR A 137 15.88 -9.32 48.51
C TYR A 137 14.84 -8.62 47.65
N ALA A 138 13.80 -8.06 48.29
CA ALA A 138 12.80 -7.32 47.55
C ALA A 138 13.39 -6.09 46.88
N THR A 139 14.29 -5.40 47.58
CA THR A 139 14.95 -4.23 46.99
C THR A 139 15.78 -4.63 45.78
N VAL A 140 16.51 -5.74 45.88
CA VAL A 140 17.29 -6.20 44.73
C VAL A 140 16.37 -6.56 43.57
N LEU A 141 15.25 -7.22 43.87
CA LEU A 141 14.31 -7.60 42.82
C LEU A 141 13.75 -6.37 42.12
N THR A 142 13.33 -5.37 42.88
CA THR A 142 12.78 -4.17 42.24
C THR A 142 13.85 -3.37 41.53
N PHE A 143 15.09 -3.39 42.02
CA PHE A 143 16.17 -2.71 41.31
C PHE A 143 16.40 -3.36 39.95
N CYS A 144 16.40 -4.70 39.90
CA CYS A 144 16.51 -5.39 38.62
C CYS A 144 15.33 -5.07 37.73
N THR A 145 14.13 -5.02 38.31
CA THR A 145 12.94 -4.71 37.52
C THR A 145 13.03 -3.31 36.92
N LEU A 146 13.50 -2.33 37.70
CA LEU A 146 13.65 -0.98 37.17
C LEU A 146 14.70 -0.92 36.07
N ILE A 147 15.82 -1.63 36.27
CA ILE A 147 16.84 -1.69 35.22
C ILE A 147 16.23 -2.17 33.92
N LEU A 148 15.52 -3.30 33.97
CA LEU A 148 14.81 -3.75 32.79
C LEU A 148 13.89 -2.65 32.27
N ALA A 149 13.05 -2.14 33.16
CA ALA A 149 11.95 -1.25 32.78
C ALA A 149 12.39 -0.09 31.93
N ILE A 150 13.49 0.57 32.30
CA ILE A 150 13.88 1.79 31.61
C ILE A 150 15.11 1.60 30.72
N LEU A 151 16.13 0.88 31.20
CA LEU A 151 17.29 0.67 30.36
C LEU A 151 16.95 -0.10 29.11
N HIS A 152 15.95 -1.01 29.17
CA HIS A 152 15.58 -1.73 27.97
C HIS A 152 15.05 -0.79 26.91
N HIS A 153 14.24 0.19 27.31
CA HIS A 153 13.70 1.14 26.34
C HIS A 153 14.81 2.00 25.73
N LEU A 154 15.74 2.48 26.54
CA LEU A 154 16.83 3.27 25.98
C LEU A 154 17.61 2.45 24.95
N TYR A 155 17.99 1.23 25.32
CA TYR A 155 18.77 0.38 24.43
C TYR A 155 17.98 0.03 23.18
N PHE A 156 16.66 -0.15 23.31
CA PHE A 156 15.83 -0.41 22.15
C PHE A 156 15.86 0.77 21.19
N TYR A 157 15.78 1.98 21.71
CA TYR A 157 15.87 3.15 20.84
C TYR A 157 17.20 3.18 20.12
N HIS A 158 18.30 2.90 20.82
CA HIS A 158 19.59 2.93 20.15
C HIS A 158 19.70 1.85 19.08
N VAL A 159 19.17 0.66 19.34
CA VAL A 159 19.21 -0.40 18.33
C VAL A 159 18.43 0.01 17.08
N GLN A 160 17.23 0.57 17.29
CA GLN A 160 16.43 1.02 16.15
C GLN A 160 17.14 2.14 15.40
N CYS A 161 17.83 3.01 16.12
CA CYS A 161 18.58 4.08 15.46
C CYS A 161 19.71 3.51 14.62
N ALA A 162 20.39 2.47 15.12
CA ALA A 162 21.42 1.82 14.31
C ALA A 162 20.83 1.22 13.04
N GLY A 163 19.67 0.58 13.16
CA GLY A 163 19.01 0.07 11.98
C GLY A 163 18.66 1.17 10.98
N MET A 164 18.17 2.29 11.49
CA MET A 164 17.85 3.42 10.62
C MET A 164 19.10 3.94 9.94
N ARG A 165 20.22 3.95 10.64
CA ARG A 165 21.48 4.38 10.04
C ARG A 165 21.87 3.46 8.89
N LEU A 166 21.74 2.15 9.09
CA LEU A 166 22.03 1.24 7.99
C LEU A 166 21.11 1.50 6.81
N ARG A 167 19.83 1.72 7.08
CA ARG A 167 18.86 1.96 6.01
C ARG A 167 19.20 3.22 5.22
N VAL A 168 19.53 4.31 5.92
CA VAL A 168 19.82 5.56 5.21
C VAL A 168 21.08 5.43 4.39
N ALA A 169 22.09 4.73 4.93
CA ALA A 169 23.31 4.54 4.15
C ALA A 169 23.03 3.72 2.90
N MET A 170 22.23 2.66 3.02
CA MET A 170 21.90 1.85 1.85
C MET A 170 21.10 2.63 0.82
N CYS A 171 20.17 3.47 1.26
CA CYS A 171 19.40 4.26 0.31
C CYS A 171 20.31 5.22 -0.44
N HIS A 172 21.25 5.84 0.26
CA HIS A 172 22.19 6.72 -0.43
C HIS A 172 23.03 5.93 -1.43
N MET A 173 23.50 4.75 -1.05
CA MET A 173 24.24 3.90 -1.97
C MET A 173 23.44 3.64 -3.23
N ILE A 174 22.18 3.25 -3.07
CA ILE A 174 21.33 2.91 -4.20
C ILE A 174 21.16 4.12 -5.11
N TYR A 175 20.88 5.29 -4.53
CA TYR A 175 20.67 6.47 -5.35
C TYR A 175 21.92 6.84 -6.13
N ARG A 176 23.08 6.78 -5.48
CA ARG A 176 24.31 7.13 -6.18
C ARG A 176 24.58 6.16 -7.32
N LYS A 177 24.42 4.86 -7.07
CA LYS A 177 24.64 3.89 -8.14
C LYS A 177 23.67 4.11 -9.28
N ALA A 178 22.40 4.36 -8.97
CA ALA A 178 21.42 4.62 -10.02
C ALA A 178 21.81 5.84 -10.84
N LEU A 179 22.34 6.86 -10.18
CA LEU A 179 22.83 8.02 -10.92
C LEU A 179 23.96 7.64 -11.86
N ARG A 180 24.88 6.79 -11.40
CA ARG A 180 25.96 6.33 -12.26
C ARG A 180 25.59 5.12 -13.10
N LEU A 181 24.37 4.60 -12.94
CA LEU A 181 23.97 3.34 -13.55
C LEU A 181 23.90 3.47 -15.07
N SER A 182 24.00 2.32 -15.74
CA SER A 182 24.20 2.26 -17.18
C SER A 182 22.88 2.08 -17.94
N ASN A 183 23.00 1.79 -19.24
CA ASN A 183 21.86 1.59 -20.12
C ASN A 183 21.50 0.13 -20.32
N MET A 184 22.49 -0.77 -20.37
CA MET A 184 22.16 -2.18 -20.35
C MET A 184 21.43 -2.55 -19.06
N ALA A 185 21.54 -1.72 -18.03
CA ALA A 185 20.66 -1.88 -16.88
C ALA A 185 19.20 -1.72 -17.29
N MET A 186 18.88 -0.61 -17.98
CA MET A 186 17.52 -0.44 -18.50
C MET A 186 17.13 -1.58 -19.43
N GLY A 187 18.09 -2.09 -20.20
CA GLY A 187 17.81 -3.26 -21.02
C GLY A 187 17.43 -4.47 -20.18
N LYS A 188 18.10 -4.64 -19.03
CA LYS A 188 17.87 -5.78 -18.15
C LYS A 188 16.88 -5.45 -17.05
N THR A 189 17.19 -4.46 -16.21
CA THR A 189 16.32 -4.09 -15.10
C THR A 189 15.45 -2.90 -15.47
N THR A 190 14.47 -2.63 -14.63
CA THR A 190 13.53 -1.53 -14.83
C THR A 190 13.58 -0.58 -13.65
N THR A 191 13.01 0.61 -13.85
CA THR A 191 12.91 1.57 -12.76
C THR A 191 12.05 1.02 -11.63
N GLY A 192 11.05 0.21 -11.97
CA GLY A 192 10.23 -0.40 -10.93
C GLY A 192 11.03 -1.27 -9.99
N GLN A 193 11.99 -2.03 -10.53
CA GLN A 193 12.83 -2.86 -9.67
C GLN A 193 13.67 -2.02 -8.73
N ILE A 194 14.24 -0.92 -9.23
CA ILE A 194 15.07 -0.07 -8.37
C ILE A 194 14.22 0.58 -7.29
N VAL A 195 13.02 1.04 -7.66
CA VAL A 195 12.13 1.64 -6.66
C VAL A 195 11.73 0.60 -5.63
N ASN A 196 11.49 -0.64 -6.06
CA ASN A 196 11.17 -1.70 -5.11
C ASN A 196 12.35 -1.96 -4.18
N LEU A 197 13.57 -1.94 -4.71
CA LEU A 197 14.74 -2.08 -3.85
C LEU A 197 14.81 -0.96 -2.83
N LEU A 198 14.51 0.26 -3.25
CA LEU A 198 14.56 1.40 -2.35
C LEU A 198 13.44 1.37 -1.33
N SER A 199 12.32 0.72 -1.64
CA SER A 199 11.15 0.73 -0.78
C SER A 199 11.10 -0.45 0.19
N ASN A 200 11.09 -1.68 -0.35
CA ASN A 200 10.87 -2.87 0.45
C ASN A 200 12.16 -3.57 0.87
N ASP A 201 13.10 -3.74 -0.07
CA ASP A 201 14.31 -4.47 0.25
C ASP A 201 15.11 -3.80 1.35
N VAL A 202 15.23 -2.47 1.29
CA VAL A 202 16.00 -1.76 2.31
C VAL A 202 15.25 -1.67 3.62
N ASN A 203 13.92 -1.83 3.60
CA ASN A 203 13.15 -1.69 4.83
C ASN A 203 13.51 -2.77 5.84
N LYS A 204 13.90 -3.96 5.37
CA LYS A 204 14.20 -5.06 6.27
C LYS A 204 15.32 -4.69 7.25
N PHE A 205 16.26 -3.84 6.81
CA PHE A 205 17.36 -3.45 7.70
C PHE A 205 16.85 -2.71 8.93
N ASP A 206 15.65 -2.15 8.88
CA ASP A 206 15.13 -1.46 10.05
C ASP A 206 14.51 -2.41 11.06
N GLN A 207 14.43 -3.70 10.73
CA GLN A 207 13.84 -4.69 11.62
C GLN A 207 14.83 -5.73 12.11
N VAL A 208 15.73 -6.20 11.24
CA VAL A 208 16.64 -7.28 11.63
C VAL A 208 17.48 -6.87 12.83
N THR A 209 18.00 -5.65 12.80
CA THR A 209 18.86 -5.18 13.89
C THR A 209 18.14 -5.18 15.23
N VAL A 210 16.80 -5.18 15.23
CA VAL A 210 16.06 -5.22 16.48
C VAL A 210 16.35 -6.51 17.23
N PHE A 211 16.40 -7.63 16.52
CA PHE A 211 16.51 -8.93 17.16
C PHE A 211 17.85 -9.62 16.91
N LEU A 212 18.78 -8.94 16.22
CA LEU A 212 19.99 -9.61 15.75
C LEU A 212 20.76 -10.22 16.91
N HIS A 213 20.93 -9.48 18.00
CA HIS A 213 21.72 -9.98 19.12
C HIS A 213 21.11 -11.25 19.71
N PHE A 214 19.80 -11.42 19.59
CA PHE A 214 19.18 -12.62 20.13
C PHE A 214 19.76 -13.87 19.51
N LEU A 215 20.34 -13.77 18.31
CA LEU A 215 20.97 -14.93 17.68
C LEU A 215 21.96 -15.59 18.61
N TRP A 216 22.65 -14.81 19.45
CA TRP A 216 23.46 -15.40 20.50
C TRP A 216 22.82 -15.29 21.87
N ALA A 217 21.90 -14.33 22.08
CA ALA A 217 21.28 -14.19 23.38
C ALA A 217 20.23 -15.27 23.61
N GLY A 218 19.49 -15.63 22.57
CA GLY A 218 18.46 -16.63 22.66
C GLY A 218 18.95 -17.96 23.20
N PRO A 219 19.86 -18.61 22.47
CA PRO A 219 20.35 -19.92 22.94
C PRO A 219 21.00 -19.85 24.30
N LEU A 220 21.99 -18.97 24.46
CA LEU A 220 22.75 -18.91 25.70
C LEU A 220 21.84 -18.78 26.90
N GLN A 221 20.95 -17.78 26.87
CA GLN A 221 20.00 -17.60 27.97
C GLN A 221 19.27 -18.89 28.27
N ALA A 222 18.70 -19.51 27.22
CA ALA A 222 17.99 -20.77 27.42
C ALA A 222 18.87 -21.76 28.16
N ILE A 223 20.11 -21.92 27.70
CA ILE A 223 21.02 -22.85 28.37
C ILE A 223 21.12 -22.50 29.84
N ALA A 224 21.41 -21.24 30.14
CA ALA A 224 21.51 -20.81 31.53
C ALA A 224 20.22 -21.16 32.28
N VAL A 225 19.08 -20.83 31.67
CA VAL A 225 17.81 -21.11 32.34
C VAL A 225 17.73 -22.60 32.68
N THR A 226 18.06 -23.45 31.71
CA THR A 226 18.02 -24.89 31.96
C THR A 226 18.82 -25.23 33.19
N ALA A 227 20.07 -24.74 33.26
CA ALA A 227 20.90 -25.01 34.42
C ALA A 227 20.19 -24.60 35.69
N LEU A 228 19.69 -23.36 35.72
CA LEU A 228 18.99 -22.89 36.90
C LEU A 228 17.86 -23.84 37.27
N LEU A 229 17.05 -24.21 36.28
CA LEU A 229 15.92 -25.06 36.55
C LEU A 229 16.38 -26.36 37.18
N TRP A 230 17.46 -26.95 36.66
CA TRP A 230 17.98 -28.17 37.26
C TRP A 230 18.29 -27.93 38.73
N MET A 231 19.06 -26.86 39.00
CA MET A 231 19.48 -26.55 40.36
C MET A 231 18.30 -26.36 41.30
N GLU A 232 17.08 -26.32 40.78
CA GLU A 232 15.90 -26.24 41.62
C GLU A 232 15.10 -27.54 41.66
N ILE A 233 14.95 -28.22 40.53
CA ILE A 233 14.03 -29.36 40.49
C ILE A 233 14.69 -30.57 39.85
N GLY A 234 15.90 -30.39 39.32
CA GLY A 234 16.63 -31.51 38.77
C GLY A 234 16.08 -31.99 37.44
N ILE A 235 16.17 -33.32 37.24
CA ILE A 235 15.92 -33.91 35.94
C ILE A 235 14.53 -33.57 35.42
N SER A 236 13.57 -33.37 36.32
CA SER A 236 12.22 -33.03 35.91
C SER A 236 12.20 -31.85 34.95
N CYS A 237 13.05 -30.84 35.20
CA CYS A 237 13.06 -29.66 34.35
C CYS A 237 13.23 -30.03 32.88
N LEU A 238 14.07 -31.03 32.61
CA LEU A 238 14.32 -31.44 31.23
C LEU A 238 13.01 -31.68 30.49
N ALA A 239 12.10 -32.43 31.12
CA ALA A 239 10.83 -32.75 30.47
C ALA A 239 10.16 -31.48 29.98
N GLY A 240 10.05 -30.47 30.85
CA GLY A 240 9.45 -29.22 30.42
C GLY A 240 10.17 -28.64 29.21
N MET A 241 11.50 -28.52 29.30
CA MET A 241 12.25 -27.99 28.17
C MET A 241 11.96 -28.78 26.92
N ALA A 242 11.80 -30.10 27.07
CA ALA A 242 11.52 -30.94 25.91
C ALA A 242 10.32 -30.43 25.14
N VAL A 243 9.19 -30.24 25.84
CA VAL A 243 8.01 -29.82 25.09
C VAL A 243 8.22 -28.43 24.53
N LEU A 244 8.97 -27.58 25.25
CA LEU A 244 9.30 -26.28 24.71
C LEU A 244 10.05 -26.40 23.40
N ILE A 245 11.02 -27.31 23.35
CA ILE A 245 11.73 -27.55 22.10
C ILE A 245 10.77 -28.09 21.05
N ILE A 246 9.84 -28.96 21.47
CA ILE A 246 8.86 -29.48 20.53
C ILE A 246 8.02 -28.35 19.97
N LEU A 247 7.86 -27.27 20.73
CA LEU A 247 7.09 -26.13 20.25
C LEU A 247 7.74 -25.46 19.05
N LEU A 248 9.05 -25.65 18.84
CA LEU A 248 9.72 -24.92 17.76
C LEU A 248 9.36 -25.46 16.39
N PRO A 249 9.60 -26.74 16.07
CA PRO A 249 9.31 -27.18 14.69
C PRO A 249 7.83 -27.19 14.36
N LEU A 250 6.99 -27.69 15.27
CA LEU A 250 5.56 -27.78 14.97
C LEU A 250 4.99 -26.43 14.61
N GLN A 251 5.33 -25.39 15.38
CA GLN A 251 4.93 -24.04 15.03
C GLN A 251 5.35 -23.71 13.61
N SER A 252 6.63 -23.92 13.29
CA SER A 252 7.09 -23.72 11.93
C SER A 252 6.26 -24.52 10.95
N CYS A 253 6.01 -25.80 11.28
CA CYS A 253 5.16 -26.62 10.43
C CYS A 253 3.83 -25.94 10.19
N PHE A 254 3.18 -25.48 11.26
CA PHE A 254 1.94 -24.74 11.11
C PHE A 254 2.09 -23.63 10.09
N GLY A 255 3.14 -22.82 10.26
CA GLY A 255 3.37 -21.70 9.35
C GLY A 255 3.42 -22.16 7.91
N LYS A 256 4.13 -23.26 7.64
CA LYS A 256 4.20 -23.76 6.28
C LYS A 256 2.80 -24.00 5.74
N LEU A 257 1.98 -24.75 6.47
CA LEU A 257 0.61 -24.95 6.05
C LEU A 257 -0.09 -23.61 5.89
N PHE A 258 0.07 -22.74 6.88
CA PHE A 258 -0.49 -21.40 6.79
C PHE A 258 -0.08 -20.75 5.49
N SER A 259 1.22 -20.76 5.20
CA SER A 259 1.70 -20.15 3.97
C SER A 259 0.96 -20.73 2.77
N SER A 260 0.90 -22.06 2.71
CA SER A 260 0.20 -22.70 1.60
C SER A 260 -1.22 -22.19 1.50
N LEU A 261 -1.95 -22.21 2.63
CA LEU A 261 -3.32 -21.73 2.61
C LEU A 261 -3.38 -20.30 2.14
N ARG A 262 -2.44 -19.46 2.61
CA ARG A 262 -2.40 -18.08 2.18
C ARG A 262 -2.39 -17.99 0.67
N SER A 263 -1.52 -18.78 0.03
CA SER A 263 -1.46 -18.77 -1.43
C SER A 263 -2.83 -19.13 -2.01
N LYS A 264 -3.42 -20.22 -1.53
CA LYS A 264 -4.69 -20.66 -2.08
C LYS A 264 -5.79 -19.63 -1.83
N THR A 265 -5.59 -18.72 -0.88
CA THR A 265 -6.53 -17.61 -0.74
C THR A 265 -6.23 -16.52 -1.75
N ALA A 266 -4.96 -16.11 -1.84
CA ALA A 266 -4.61 -14.89 -2.56
C ALA A 266 -5.14 -14.91 -3.98
N THR A 267 -4.84 -15.98 -4.72
CA THR A 267 -5.31 -16.09 -6.10
C THR A 267 -6.82 -15.86 -6.17
N PHE A 268 -7.58 -16.60 -5.34
CA PHE A 268 -9.02 -16.41 -5.30
C PHE A 268 -9.34 -14.95 -5.08
N THR A 269 -8.76 -14.37 -4.02
CA THR A 269 -8.98 -12.95 -3.73
C THR A 269 -8.66 -12.12 -4.95
N ASP A 270 -7.49 -12.35 -5.55
CA ASP A 270 -7.12 -11.60 -6.75
C ASP A 270 -8.20 -11.72 -7.81
N ALA A 271 -8.58 -12.96 -8.13
CA ALA A 271 -9.64 -13.17 -9.10
C ALA A 271 -10.87 -12.37 -8.70
N ARG A 272 -11.28 -12.54 -7.43
CA ARG A 272 -12.39 -11.75 -6.90
C ARG A 272 -12.22 -10.29 -7.28
N ILE A 273 -11.15 -9.68 -6.81
CA ILE A 273 -10.99 -8.24 -7.00
C ILE A 273 -10.96 -7.92 -8.49
N ARG A 274 -10.30 -8.78 -9.27
CA ARG A 274 -10.22 -8.51 -10.71
C ARG A 274 -11.63 -8.42 -11.29
N THR A 275 -12.45 -9.42 -11.00
CA THR A 275 -13.81 -9.38 -11.53
C THR A 275 -14.51 -8.13 -11.06
N MET A 276 -14.33 -7.78 -9.79
CA MET A 276 -15.05 -6.63 -9.28
C MET A 276 -14.56 -5.34 -9.92
N ASN A 277 -13.28 -5.30 -10.30
CA ASN A 277 -12.80 -4.15 -11.07
C ASN A 277 -13.63 -4.01 -12.33
N GLU A 278 -13.79 -5.11 -13.07
CA GLU A 278 -14.63 -5.08 -14.26
C GLU A 278 -16.06 -4.69 -13.93
N VAL A 279 -16.50 -4.99 -12.71
CA VAL A 279 -17.83 -4.57 -12.29
C VAL A 279 -17.87 -3.06 -12.12
N ILE A 280 -16.87 -2.50 -11.44
CA ILE A 280 -16.92 -1.07 -11.14
C ILE A 280 -16.62 -0.25 -12.39
N THR A 281 -15.64 -0.67 -13.18
CA THR A 281 -15.26 0.10 -14.36
C THR A 281 -16.41 0.17 -15.36
N GLY A 282 -17.10 -0.95 -15.57
CA GLY A 282 -18.23 -0.96 -16.48
C GLY A 282 -19.55 -1.03 -15.76
N ILE A 283 -19.66 -0.30 -14.65
CA ILE A 283 -20.88 -0.36 -13.84
C ILE A 283 -22.09 0.10 -14.64
N ARG A 284 -21.94 1.19 -15.40
CA ARG A 284 -23.05 1.66 -16.21
C ARG A 284 -23.42 0.64 -17.28
N ILE A 285 -22.43 0.02 -17.91
CA ILE A 285 -22.70 -0.98 -18.93
C ILE A 285 -23.45 -2.16 -18.33
N ILE A 286 -23.01 -2.64 -17.17
CA ILE A 286 -23.71 -3.73 -16.51
C ILE A 286 -25.13 -3.32 -16.20
N LYS A 287 -25.32 -2.10 -15.71
CA LYS A 287 -26.66 -1.66 -15.31
C LYS A 287 -27.60 -1.57 -16.50
N MET A 288 -27.14 -1.01 -17.62
CA MET A 288 -28.06 -0.95 -18.75
C MET A 288 -28.16 -2.26 -19.51
N TYR A 289 -27.27 -3.22 -19.24
CA TYR A 289 -27.38 -4.53 -19.87
C TYR A 289 -28.20 -5.52 -19.04
N ALA A 290 -28.56 -5.16 -17.81
CA ALA A 290 -29.28 -6.06 -16.89
C ALA A 290 -28.51 -7.35 -16.66
N TRP A 291 -27.18 -7.23 -16.53
CA TRP A 291 -26.30 -8.36 -16.26
C TRP A 291 -25.82 -8.38 -14.82
N GLU A 292 -26.51 -7.68 -13.91
CA GLU A 292 -26.09 -7.63 -12.53
C GLU A 292 -26.16 -9.00 -11.87
N LYS A 293 -27.19 -9.79 -12.21
CA LYS A 293 -27.39 -11.07 -11.55
C LYS A 293 -26.24 -12.03 -11.82
N SER A 294 -25.78 -12.11 -13.07
CA SER A 294 -24.71 -13.04 -13.40
C SER A 294 -23.41 -12.66 -12.69
N PHE A 295 -23.08 -11.37 -12.69
CA PHE A 295 -21.89 -10.92 -11.97
C PHE A 295 -22.03 -11.17 -10.48
N SER A 296 -23.23 -10.98 -9.94
CA SER A 296 -23.45 -11.25 -8.53
C SER A 296 -23.24 -12.72 -8.21
N ASN A 297 -23.74 -13.61 -9.06
CA ASN A 297 -23.54 -15.04 -8.82
C ASN A 297 -22.07 -15.41 -8.92
N LEU A 298 -21.36 -14.89 -9.92
CA LEU A 298 -19.94 -15.20 -10.06
C LEU A 298 -19.14 -14.69 -8.86
N ILE A 299 -19.42 -13.45 -8.46
CA ILE A 299 -18.68 -12.88 -7.34
C ILE A 299 -19.04 -13.59 -6.05
N THR A 300 -20.28 -14.09 -5.93
CA THR A 300 -20.66 -14.82 -4.74
C THR A 300 -19.98 -16.16 -4.67
N ASN A 301 -19.84 -16.86 -5.80
CA ASN A 301 -19.10 -18.11 -5.80
C ASN A 301 -17.65 -17.89 -5.45
N LEU A 302 -17.03 -16.85 -6.02
CA LEU A 302 -15.65 -16.54 -5.68
C LEU A 302 -15.51 -16.21 -4.20
N ARG A 303 -16.44 -15.41 -3.68
CA ARG A 303 -16.41 -15.03 -2.27
C ARG A 303 -16.59 -16.25 -1.38
N LYS A 304 -17.46 -17.18 -1.77
CA LYS A 304 -17.68 -18.36 -0.95
C LYS A 304 -16.44 -19.24 -0.91
N LYS A 305 -15.79 -19.45 -2.06
CA LYS A 305 -14.56 -20.24 -2.05
C LYS A 305 -13.49 -19.55 -1.22
N GLU A 306 -13.34 -18.23 -1.40
CA GLU A 306 -12.35 -17.49 -0.61
C GLU A 306 -12.67 -17.55 0.87
N ILE A 307 -13.96 -17.49 1.22
CA ILE A 307 -14.34 -17.48 2.62
C ILE A 307 -14.10 -18.85 3.24
N SER A 308 -14.30 -19.93 2.47
CA SER A 308 -13.95 -21.24 2.99
C SER A 308 -12.45 -21.34 3.24
N LYS A 309 -11.64 -20.86 2.30
CA LYS A 309 -10.20 -20.92 2.48
C LYS A 309 -9.75 -20.09 3.68
N ILE A 310 -10.29 -18.87 3.83
CA ILE A 310 -9.83 -18.03 4.93
C ILE A 310 -10.37 -18.57 6.24
N LEU A 311 -11.52 -19.24 6.21
CA LEU A 311 -12.02 -19.91 7.41
C LEU A 311 -11.07 -21.00 7.86
N ARG A 312 -10.59 -21.80 6.92
CA ARG A 312 -9.60 -22.83 7.26
C ARG A 312 -8.33 -22.20 7.82
N SER A 313 -7.86 -21.14 7.16
CA SER A 313 -6.63 -20.49 7.61
C SER A 313 -6.81 -19.88 9.00
N SER A 314 -7.95 -19.25 9.25
CA SER A 314 -8.21 -18.64 10.54
C SER A 314 -8.38 -19.69 11.62
N CYS A 315 -8.97 -20.84 11.30
CA CYS A 315 -9.04 -21.92 12.27
C CYS A 315 -7.63 -22.38 12.66
N LEU A 316 -6.76 -22.55 11.67
CA LEU A 316 -5.39 -22.94 12.00
C LEU A 316 -4.69 -21.86 12.82
N ARG A 317 -4.88 -20.60 12.44
CA ARG A 317 -4.22 -19.51 13.17
C ARG A 317 -4.72 -19.42 14.61
N GLY A 318 -6.02 -19.59 14.81
CA GLY A 318 -6.55 -19.58 16.17
C GLY A 318 -6.05 -20.76 16.98
N MET A 319 -5.94 -21.94 16.36
CA MET A 319 -5.37 -23.07 17.07
C MET A 319 -3.93 -22.78 17.48
N ASN A 320 -3.15 -22.18 16.58
CA ASN A 320 -1.77 -21.85 16.91
C ASN A 320 -1.71 -20.82 18.02
N LEU A 321 -2.57 -19.81 17.98
CA LEU A 321 -2.56 -18.77 19.00
C LEU A 321 -2.95 -19.33 20.37
N ALA A 322 -3.97 -20.19 20.41
CA ALA A 322 -4.36 -20.81 21.66
C ALA A 322 -3.26 -21.72 22.18
N SER A 323 -2.58 -22.43 21.29
CA SER A 323 -1.46 -23.26 21.73
C SER A 323 -0.35 -22.41 22.32
N PHE A 324 -0.06 -21.28 21.69
CA PHE A 324 0.95 -20.38 22.24
C PHE A 324 0.53 -19.86 23.60
N PHE A 325 -0.76 -19.55 23.77
CA PHE A 325 -1.24 -19.02 25.03
C PHE A 325 -1.19 -20.07 26.14
N SER A 326 -1.48 -21.32 25.81
CA SER A 326 -1.54 -22.40 26.79
C SER A 326 -0.23 -23.17 26.91
N ALA A 327 0.81 -22.78 26.17
CA ALA A 327 2.07 -23.49 26.26
C ALA A 327 2.66 -23.43 27.65
N SER A 328 2.54 -22.29 28.33
CA SER A 328 3.07 -22.18 29.68
C SER A 328 2.41 -23.18 30.61
N LYS A 329 1.09 -23.29 30.54
CA LYS A 329 0.37 -24.24 31.38
C LYS A 329 0.78 -25.67 31.04
N ILE A 330 0.91 -25.98 29.75
CA ILE A 330 1.30 -27.32 29.36
C ILE A 330 2.67 -27.67 29.92
N ILE A 331 3.62 -26.75 29.78
CA ILE A 331 4.99 -27.00 30.23
C ILE A 331 5.01 -27.19 31.74
N VAL A 332 4.36 -26.30 32.48
CA VAL A 332 4.39 -26.39 33.93
C VAL A 332 3.74 -27.68 34.40
N PHE A 333 2.58 -28.02 33.82
CA PHE A 333 1.90 -29.24 34.21
C PHE A 333 2.77 -30.47 33.97
N VAL A 334 3.40 -30.53 32.79
CA VAL A 334 4.21 -31.70 32.47
C VAL A 334 5.38 -31.81 33.43
N THR A 335 6.12 -30.71 33.62
CA THR A 335 7.33 -30.78 34.43
C THR A 335 7.00 -31.11 35.88
N PHE A 336 5.92 -30.55 36.41
CA PHE A 336 5.62 -30.81 37.81
C PHE A 336 4.92 -32.13 38.02
N THR A 337 4.22 -32.65 37.01
CA THR A 337 3.76 -34.03 37.10
C THR A 337 4.96 -34.97 37.19
N THR A 338 5.94 -34.79 36.29
CA THR A 338 7.12 -35.64 36.35
C THR A 338 7.84 -35.46 37.68
N TYR A 339 7.85 -34.23 38.20
CA TYR A 339 8.46 -33.98 39.51
C TYR A 339 7.74 -34.75 40.61
N VAL A 340 6.40 -34.79 40.58
CA VAL A 340 5.66 -35.43 41.65
C VAL A 340 5.82 -36.94 41.59
N LEU A 341 5.60 -37.55 40.42
CA LEU A 341 5.75 -39.00 40.36
C LEU A 341 7.18 -39.46 40.56
N LEU A 342 8.16 -38.56 40.48
CA LEU A 342 9.52 -38.95 40.82
C LEU A 342 9.77 -39.05 42.31
N GLY A 343 8.71 -39.01 43.12
CA GLY A 343 8.85 -39.12 44.56
C GLY A 343 9.21 -37.84 45.26
N SER A 344 9.37 -36.74 44.53
CA SER A 344 9.71 -35.48 45.15
C SER A 344 8.45 -34.77 45.64
N VAL A 345 8.66 -33.88 46.61
CA VAL A 345 7.57 -33.15 47.25
C VAL A 345 7.69 -31.68 46.88
N ILE A 346 6.58 -31.07 46.52
CA ILE A 346 6.60 -29.71 45.98
C ILE A 346 6.50 -28.69 47.11
N THR A 347 7.04 -27.50 46.84
CA THR A 347 6.97 -26.37 47.74
C THR A 347 6.76 -25.10 46.92
N ALA A 348 6.22 -24.07 47.56
CA ALA A 348 5.82 -22.87 46.82
C ALA A 348 7.01 -22.20 46.14
N SER A 349 8.13 -22.11 46.85
CA SER A 349 9.29 -21.44 46.29
C SER A 349 9.75 -22.09 44.99
N ARG A 350 9.95 -23.41 45.02
CA ARG A 350 10.44 -24.11 43.85
C ARG A 350 9.44 -24.03 42.70
N VAL A 351 8.15 -24.21 42.99
CA VAL A 351 7.18 -24.24 41.90
C VAL A 351 7.10 -22.88 41.24
N PHE A 352 7.10 -21.80 42.02
CA PHE A 352 6.97 -20.51 41.38
C PHE A 352 8.26 -20.05 40.72
N VAL A 353 9.42 -20.45 41.24
CA VAL A 353 10.67 -20.20 40.52
C VAL A 353 10.64 -20.89 39.17
N ALA A 354 10.22 -22.15 39.15
CA ALA A 354 10.15 -22.87 37.88
C ALA A 354 9.15 -22.22 36.95
N VAL A 355 8.01 -21.78 37.47
CA VAL A 355 7.00 -21.16 36.62
C VAL A 355 7.56 -19.88 35.98
N THR A 356 8.21 -19.05 36.77
CA THR A 356 8.73 -17.80 36.23
C THR A 356 9.83 -18.05 35.20
N LEU A 357 10.76 -18.96 35.52
CA LEU A 357 11.83 -19.25 34.56
C LEU A 357 11.28 -19.83 33.27
N TYR A 358 10.31 -20.74 33.38
CA TYR A 358 9.70 -21.32 32.19
C TYR A 358 8.98 -20.26 31.37
N GLY A 359 8.27 -19.35 32.03
CA GLY A 359 7.62 -18.29 31.29
C GLY A 359 8.60 -17.42 30.53
N ALA A 360 9.69 -17.02 31.18
CA ALA A 360 10.67 -16.18 30.52
C ALA A 360 11.31 -16.90 29.33
N VAL A 361 11.77 -18.12 29.55
CA VAL A 361 12.47 -18.83 28.48
C VAL A 361 11.51 -19.20 27.36
N ARG A 362 10.25 -19.48 27.69
CA ARG A 362 9.28 -19.77 26.63
C ARG A 362 9.01 -18.53 25.79
N LEU A 363 8.84 -17.38 26.44
CA LEU A 363 8.67 -16.15 25.68
C LEU A 363 9.84 -15.95 24.73
N THR A 364 11.06 -16.06 25.26
CA THR A 364 12.24 -15.90 24.41
C THR A 364 12.22 -16.87 23.23
N VAL A 365 12.21 -18.18 23.52
CA VAL A 365 12.40 -19.17 22.47
C VAL A 365 11.27 -19.13 21.45
N THR A 366 10.03 -18.95 21.90
CA THR A 366 8.92 -19.01 20.97
C THR A 366 8.62 -17.70 20.27
N LEU A 367 9.16 -16.57 20.71
CA LEU A 367 8.90 -15.33 19.99
C LEU A 367 10.15 -14.68 19.43
N PHE A 368 11.15 -14.43 20.26
CA PHE A 368 12.28 -13.63 19.80
C PHE A 368 13.17 -14.40 18.84
N PHE A 369 13.49 -15.64 19.17
CA PHE A 369 14.40 -16.42 18.32
C PHE A 369 13.83 -16.68 16.93
N PRO A 370 12.59 -17.16 16.76
CA PRO A 370 12.11 -17.38 15.38
C PRO A 370 11.99 -16.11 14.58
N SER A 371 11.52 -15.03 15.22
CA SER A 371 11.47 -13.75 14.54
C SER A 371 12.86 -13.27 14.17
N ALA A 372 13.83 -13.47 15.06
CA ALA A 372 15.20 -13.07 14.74
C ALA A 372 15.73 -13.84 13.55
N ILE A 373 15.49 -15.15 13.50
CA ILE A 373 15.97 -15.96 12.38
C ILE A 373 15.31 -15.51 11.08
N GLU A 374 14.00 -15.30 11.11
CA GLU A 374 13.30 -14.88 9.91
C GLU A 374 13.79 -13.53 9.42
N ARG A 375 13.97 -12.58 10.34
CA ARG A 375 14.45 -11.26 9.95
C ARG A 375 15.86 -11.33 9.38
N VAL A 376 16.72 -12.16 9.97
CA VAL A 376 18.07 -12.30 9.44
C VAL A 376 18.04 -12.86 8.03
N SER A 377 17.19 -13.87 7.80
CA SER A 377 17.09 -14.44 6.46
C SER A 377 16.60 -13.41 5.45
N GLU A 378 15.58 -12.63 5.81
CA GLU A 378 15.07 -11.61 4.91
C GLU A 378 16.13 -10.55 4.63
N ALA A 379 16.87 -10.14 5.66
CA ALA A 379 17.93 -9.16 5.48
C ALA A 379 19.01 -9.70 4.56
N ILE A 380 19.35 -10.99 4.69
CA ILE A 380 20.34 -11.59 3.82
C ILE A 380 19.87 -11.57 2.39
N VAL A 381 18.59 -11.90 2.16
CA VAL A 381 18.06 -11.89 0.80
C VAL A 381 18.13 -10.48 0.22
N SER A 382 17.72 -9.48 0.99
CA SER A 382 17.73 -8.11 0.49
C SER A 382 19.15 -7.63 0.22
N ILE A 383 20.09 -8.01 1.08
CA ILE A 383 21.48 -7.62 0.86
C ILE A 383 22.02 -8.27 -0.39
N ARG A 384 21.65 -9.53 -0.64
CA ARG A 384 22.08 -10.19 -1.87
C ARG A 384 21.54 -9.45 -3.10
N ARG A 385 20.26 -9.07 -3.05
CA ARG A 385 19.68 -8.35 -4.17
C ARG A 385 20.38 -7.00 -4.38
N ILE A 386 20.64 -6.28 -3.30
CA ILE A 386 21.30 -4.98 -3.42
C ILE A 386 22.73 -5.14 -3.93
N GLN A 387 23.41 -6.21 -3.51
CA GLN A 387 24.75 -6.45 -4.02
C GLN A 387 24.73 -6.74 -5.51
N THR A 388 23.76 -7.54 -5.96
CA THR A 388 23.63 -7.78 -7.39
C THR A 388 23.38 -6.49 -8.14
N PHE A 389 22.54 -5.61 -7.58
CA PHE A 389 22.29 -4.33 -8.22
C PHE A 389 23.56 -3.48 -8.28
N LEU A 390 24.33 -3.45 -7.20
CA LEU A 390 25.53 -2.62 -7.17
C LEU A 390 26.59 -3.13 -8.13
N LEU A 391 26.78 -4.44 -8.19
CA LEU A 391 27.78 -5.00 -9.09
C LEU A 391 27.39 -4.84 -10.56
N LEU A 392 26.16 -4.45 -10.83
CA LEU A 392 25.72 -4.22 -12.21
C LEU A 392 26.60 -3.15 -12.86
N ASP A 393 27.01 -3.42 -14.09
CA ASP A 393 27.97 -2.55 -14.77
C ASP A 393 27.35 -1.19 -15.05
N GLU A 394 28.17 -0.14 -14.87
CA GLU A 394 27.77 1.23 -15.14
C GLU A 394 28.41 1.72 -16.43
N ILE A 395 27.96 2.87 -16.90
CA ILE A 395 28.58 3.49 -18.06
C ILE A 395 30.03 3.79 -17.77
N SER A 396 30.88 3.58 -18.77
CA SER A 396 32.28 3.94 -18.66
C SER A 396 32.40 5.41 -18.31
N GLN A 397 33.24 5.72 -17.34
CA GLN A 397 33.38 7.09 -16.87
C GLN A 397 33.83 7.98 -18.03
N ARG A 398 32.97 8.92 -18.40
CA ARG A 398 33.31 9.89 -19.44
C ARG A 398 34.56 10.65 -19.03
N ASN A 399 35.53 10.73 -19.94
CA ASN A 399 36.76 11.42 -19.65
C ASN A 399 36.48 12.89 -19.30
N ARG A 400 37.19 13.38 -18.29
CA ARG A 400 37.00 14.76 -17.87
C ARG A 400 37.36 15.70 -19.02
N GLN A 401 36.59 16.77 -19.16
CA GLN A 401 36.82 17.75 -20.22
C GLN A 401 38.22 18.33 -20.11
N LEU A 402 39.08 18.00 -21.06
CA LEU A 402 40.43 18.53 -21.07
C LEU A 402 40.40 20.03 -21.34
N PRO A 403 41.45 20.76 -20.92
CA PRO A 403 41.46 22.22 -21.14
C PRO A 403 41.12 22.61 -22.57
N SER A 404 40.00 23.32 -22.72
CA SER A 404 39.47 23.66 -24.04
C SER A 404 40.30 24.80 -24.62
N ASP A 405 41.42 24.43 -25.24
CA ASP A 405 42.29 25.39 -25.92
C ASP A 405 41.66 25.67 -27.28
N GLY A 406 40.63 26.51 -27.26
CA GLY A 406 39.88 26.79 -28.48
C GLY A 406 39.18 25.57 -29.03
N LYS A 407 38.70 24.70 -28.16
CA LYS A 407 38.06 23.45 -28.56
C LYS A 407 36.55 23.60 -28.38
N LYS A 408 35.88 24.06 -29.44
CA LYS A 408 34.43 24.13 -29.48
C LYS A 408 33.96 23.53 -30.81
N MET A 409 34.69 22.52 -31.28
CA MET A 409 34.49 21.87 -32.56
C MET A 409 34.24 20.39 -32.33
N VAL A 410 33.25 19.85 -33.03
CA VAL A 410 32.87 18.45 -32.87
C VAL A 410 32.95 17.77 -34.24
N HIS A 411 33.58 16.60 -34.26
CA HIS A 411 33.72 15.85 -35.50
C HIS A 411 33.66 14.37 -35.20
N VAL A 412 32.82 13.64 -35.94
CA VAL A 412 32.71 12.19 -35.83
C VAL A 412 33.07 11.61 -37.19
N GLN A 413 34.06 10.73 -37.21
CA GLN A 413 34.62 10.21 -38.45
C GLN A 413 34.11 8.78 -38.67
N ASP A 414 32.99 8.69 -39.41
CA ASP A 414 32.36 7.42 -39.80
C ASP A 414 32.38 6.39 -38.67
N PHE A 415 31.98 6.83 -37.49
CA PHE A 415 31.89 5.94 -36.34
C PHE A 415 30.73 4.97 -36.55
N THR A 416 30.98 3.69 -36.28
CA THR A 416 29.96 2.66 -36.42
C THR A 416 29.84 1.88 -35.13
N ALA A 417 28.67 1.94 -34.50
CA ALA A 417 28.37 1.18 -33.30
C ALA A 417 26.87 1.09 -33.13
N PHE A 418 26.43 0.06 -32.41
CA PHE A 418 25.02 -0.20 -32.17
C PHE A 418 24.73 -0.16 -30.68
N TRP A 419 23.48 0.14 -30.35
CA TRP A 419 23.06 0.11 -28.95
C TRP A 419 23.25 -1.28 -28.37
N ASP A 420 22.84 -2.31 -29.10
CA ASP A 420 23.05 -3.69 -28.70
C ASP A 420 24.15 -4.27 -29.58
N LYS A 421 25.38 -4.27 -29.07
CA LYS A 421 26.50 -4.79 -29.84
C LYS A 421 26.35 -6.28 -30.14
N ALA A 422 25.53 -6.99 -29.36
CA ALA A 422 25.25 -8.39 -29.68
C ALA A 422 24.57 -8.51 -31.03
N SER A 423 23.62 -7.61 -31.32
CA SER A 423 22.97 -7.56 -32.63
C SER A 423 23.95 -7.00 -33.64
N GLU A 424 24.48 -7.86 -34.50
CA GLU A 424 25.47 -7.45 -35.49
C GLU A 424 24.85 -6.66 -36.65
N THR A 425 23.52 -6.56 -36.70
CA THR A 425 22.88 -5.82 -37.77
C THR A 425 23.29 -4.34 -37.70
N PRO A 426 23.48 -3.70 -38.85
CA PRO A 426 23.89 -2.28 -38.84
C PRO A 426 22.79 -1.35 -38.38
N THR A 427 22.51 -1.36 -37.07
CA THR A 427 21.48 -0.45 -36.56
C THR A 427 21.91 1.01 -36.73
N LEU A 428 23.11 1.35 -36.28
CA LEU A 428 23.62 2.71 -36.39
C LEU A 428 25.01 2.64 -36.99
N GLN A 429 25.23 3.33 -38.10
CA GLN A 429 26.51 3.27 -38.79
C GLN A 429 26.69 4.53 -39.63
N GLY A 430 27.92 4.74 -40.07
CA GLY A 430 28.25 5.86 -40.92
C GLY A 430 28.06 7.22 -40.26
N LEU A 431 28.49 7.33 -39.00
CA LEU A 431 28.40 8.58 -38.26
C LEU A 431 29.60 9.44 -38.64
N SER A 432 29.43 10.17 -39.75
CA SER A 432 30.48 11.02 -40.30
C SER A 432 29.92 12.44 -40.47
N PHE A 433 30.33 13.35 -39.60
CA PHE A 433 29.90 14.74 -39.67
C PHE A 433 30.91 15.61 -38.95
N THR A 434 30.80 16.92 -39.16
CA THR A 434 31.67 17.87 -38.49
C THR A 434 30.90 19.16 -38.30
N VAL A 435 30.62 19.52 -37.05
CA VAL A 435 29.96 20.76 -36.68
C VAL A 435 30.97 21.68 -36.02
N ARG A 436 31.10 22.88 -36.55
CA ARG A 436 32.07 23.88 -36.16
C ARG A 436 31.42 24.93 -35.26
N PRO A 437 32.23 25.76 -34.59
CA PRO A 437 31.65 26.83 -33.76
C PRO A 437 30.73 27.74 -34.56
N GLY A 438 29.50 27.89 -34.07
CA GLY A 438 28.52 28.76 -34.67
C GLY A 438 27.60 28.12 -35.68
N GLU A 439 27.97 26.97 -36.23
CA GLU A 439 27.16 26.29 -37.23
C GLU A 439 26.12 25.41 -36.54
N LEU A 440 24.87 25.54 -36.94
CA LEU A 440 23.79 24.73 -36.40
C LEU A 440 23.41 23.67 -37.42
N LEU A 441 23.40 22.41 -36.99
CA LEU A 441 23.08 21.28 -37.87
C LEU A 441 21.65 20.86 -37.60
N ALA A 442 20.72 21.46 -38.34
CA ALA A 442 19.30 21.14 -38.21
C ALA A 442 19.03 19.86 -39.00
N VAL A 443 19.29 18.74 -38.35
CA VAL A 443 19.07 17.44 -38.98
C VAL A 443 17.57 17.24 -39.17
N VAL A 444 17.19 16.76 -40.37
CA VAL A 444 15.80 16.58 -40.73
C VAL A 444 15.62 15.16 -41.25
N GLY A 445 14.37 14.69 -41.20
CA GLY A 445 14.02 13.38 -41.67
C GLY A 445 12.82 12.81 -40.94
N PRO A 446 11.90 12.20 -41.70
CA PRO A 446 10.70 11.62 -41.07
C PRO A 446 11.02 10.37 -40.27
N VAL A 447 11.01 10.50 -38.94
CA VAL A 447 11.30 9.45 -37.96
C VAL A 447 12.36 8.48 -38.49
N GLY A 448 13.42 9.04 -39.07
CA GLY A 448 14.53 8.22 -39.53
C GLY A 448 15.27 7.60 -38.35
N ALA A 449 15.21 6.27 -38.24
CA ALA A 449 15.79 5.59 -37.08
C ALA A 449 17.25 5.97 -36.90
N GLY A 450 17.53 6.64 -35.79
CA GLY A 450 18.88 7.10 -35.51
C GLY A 450 18.91 8.51 -34.94
N LYS A 451 17.74 9.12 -34.76
CA LYS A 451 17.69 10.46 -34.21
C LYS A 451 18.27 10.50 -32.81
N SER A 452 17.93 9.50 -31.98
CA SER A 452 18.47 9.43 -30.64
C SER A 452 19.99 9.40 -30.64
N SER A 453 20.58 8.69 -31.61
CA SER A 453 22.03 8.64 -31.72
C SER A 453 22.62 10.03 -31.92
N LEU A 454 22.00 10.82 -32.80
CA LEU A 454 22.43 12.21 -32.96
C LEU A 454 22.25 12.97 -31.65
N LEU A 455 21.14 12.74 -30.96
CA LEU A 455 20.99 13.30 -29.62
C LEU A 455 22.04 12.73 -28.68
N SER A 456 22.32 11.43 -28.79
CA SER A 456 23.32 10.79 -27.96
C SER A 456 24.72 10.91 -28.55
N ALA A 457 24.91 11.77 -29.55
CA ALA A 457 26.22 11.95 -30.15
C ALA A 457 27.24 12.43 -29.13
N VAL A 458 26.79 13.13 -28.09
CA VAL A 458 27.69 13.60 -27.03
C VAL A 458 27.77 12.46 -26.01
N LEU A 459 28.56 11.46 -26.35
CA LEU A 459 28.80 10.25 -25.55
C LEU A 459 27.52 9.81 -24.82
N GLY A 460 26.46 9.64 -25.59
CA GLY A 460 25.25 9.12 -25.00
C GLY A 460 25.43 7.67 -24.64
N GLU A 461 25.51 6.81 -25.67
CA GLU A 461 25.89 5.41 -25.51
C GLU A 461 26.80 4.98 -26.65
N LEU A 462 27.59 5.91 -27.18
CA LEU A 462 28.35 5.70 -28.40
C LEU A 462 29.83 5.86 -28.16
N ALA A 463 30.36 5.19 -27.12
CA ALA A 463 31.80 5.21 -26.89
C ALA A 463 32.50 4.71 -28.14
N PRO A 464 33.52 5.43 -28.63
CA PRO A 464 34.06 5.10 -29.96
C PRO A 464 34.81 3.78 -29.97
N SER A 465 34.16 2.74 -30.51
CA SER A 465 34.85 1.48 -30.75
C SER A 465 35.74 1.58 -31.97
N HIS A 466 35.27 2.26 -33.01
CA HIS A 466 36.05 2.47 -34.22
C HIS A 466 35.61 3.81 -34.81
N GLY A 467 36.45 4.83 -34.66
CA GLY A 467 36.12 6.16 -35.11
C GLY A 467 36.65 7.24 -34.19
N LEU A 468 36.26 8.49 -34.43
CA LEU A 468 36.71 9.61 -33.64
C LEU A 468 35.52 10.40 -33.10
N VAL A 469 35.62 10.84 -31.86
CA VAL A 469 34.62 11.68 -31.23
C VAL A 469 35.34 12.85 -30.58
N SER A 470 34.89 14.08 -30.88
CA SER A 470 35.58 15.30 -30.44
C SER A 470 34.61 16.21 -29.70
N VAL A 471 33.89 15.64 -28.74
CA VAL A 471 33.00 16.45 -27.89
C VAL A 471 33.87 17.31 -26.98
N HIS A 472 33.78 18.62 -27.14
CA HIS A 472 34.55 19.56 -26.33
C HIS A 472 33.67 20.73 -25.95
N GLY A 473 33.69 21.10 -24.67
CA GLY A 473 32.89 22.20 -24.17
C GLY A 473 31.70 21.70 -23.36
N ARG A 474 30.91 22.68 -22.91
CA ARG A 474 29.72 22.39 -22.12
C ARG A 474 28.51 22.19 -23.03
N ILE A 475 27.70 21.19 -22.70
CA ILE A 475 26.62 20.73 -23.55
C ILE A 475 25.29 20.94 -22.85
N ALA A 476 24.32 21.50 -23.57
CA ALA A 476 22.95 21.62 -23.10
C ALA A 476 22.08 20.68 -23.95
N TYR A 477 21.34 19.81 -23.28
CA TYR A 477 20.57 18.77 -23.94
C TYR A 477 19.10 18.86 -23.57
N VAL A 478 18.24 18.56 -24.52
CA VAL A 478 16.80 18.54 -24.32
C VAL A 478 16.30 17.13 -24.61
N SER A 479 15.60 16.52 -23.66
CA SER A 479 15.11 15.17 -23.82
C SER A 479 13.90 15.15 -24.74
N GLN A 480 13.56 13.94 -25.20
CA GLN A 480 12.35 13.76 -26.00
C GLN A 480 11.12 14.12 -25.20
N GLN A 481 11.06 13.69 -23.94
CA GLN A 481 10.02 14.13 -23.02
C GLN A 481 10.63 15.04 -21.97
N PRO A 482 10.34 16.34 -21.98
CA PRO A 482 10.89 17.22 -20.95
C PRO A 482 10.42 16.79 -19.57
N TRP A 483 11.31 16.92 -18.59
CA TRP A 483 11.05 16.46 -17.24
C TRP A 483 11.44 17.53 -16.23
N VAL A 484 10.73 17.55 -15.11
CA VAL A 484 11.01 18.45 -14.01
C VAL A 484 10.86 17.68 -12.71
N PHE A 485 11.84 17.78 -11.82
CA PHE A 485 11.76 17.10 -10.54
C PHE A 485 10.86 17.88 -9.59
N SER A 486 10.42 17.20 -8.53
CA SER A 486 9.55 17.80 -7.54
C SER A 486 10.32 18.88 -6.79
N GLY A 487 9.83 20.11 -6.88
CA GLY A 487 10.48 21.22 -6.21
C GLY A 487 10.02 22.54 -6.83
N THR A 488 10.68 23.61 -6.38
CA THR A 488 10.37 24.93 -6.93
C THR A 488 10.95 25.07 -8.33
N LEU A 489 10.31 25.94 -9.11
CA LEU A 489 10.80 26.20 -10.47
C LEU A 489 12.20 26.80 -10.44
N ARG A 490 12.46 27.65 -9.43
CA ARG A 490 13.76 28.31 -9.30
C ARG A 490 14.92 27.32 -9.36
N SER A 491 14.77 26.18 -8.69
CA SER A 491 15.82 25.16 -8.72
C SER A 491 16.03 24.65 -10.12
N ASN A 492 14.95 24.44 -10.88
CA ASN A 492 15.08 23.97 -12.25
C ASN A 492 15.80 24.99 -13.11
N ILE A 493 15.45 26.27 -12.97
CA ILE A 493 16.09 27.29 -13.80
C ILE A 493 17.57 27.42 -13.44
N LEU A 494 17.87 27.54 -12.15
CA LEU A 494 19.27 27.69 -11.74
C LEU A 494 20.07 26.43 -12.01
N PHE A 495 19.57 25.28 -11.55
CA PHE A 495 20.28 24.02 -11.62
C PHE A 495 21.69 24.15 -11.02
N GLY A 496 21.77 24.90 -9.91
CA GLY A 496 23.02 25.11 -9.22
C GLY A 496 23.79 26.35 -9.62
N LYS A 497 23.39 27.02 -10.69
CA LYS A 497 24.06 28.25 -11.06
C LYS A 497 23.71 29.36 -10.07
N LYS A 498 24.53 30.41 -10.07
CA LYS A 498 24.33 31.52 -9.15
C LYS A 498 23.10 32.33 -9.53
N TYR A 499 22.59 33.07 -8.55
CA TYR A 499 21.44 33.96 -8.75
C TYR A 499 21.87 35.19 -9.56
N GLU A 500 22.07 34.97 -10.85
CA GLU A 500 22.34 36.06 -11.78
C GLU A 500 20.98 36.64 -12.17
N LYS A 501 20.57 37.68 -11.44
CA LYS A 501 19.21 38.19 -11.60
C LYS A 501 19.00 38.78 -13.00
N GLU A 502 20.01 39.45 -13.54
CA GLU A 502 19.89 40.02 -14.88
C GLU A 502 19.70 38.92 -15.92
N ARG A 503 20.54 37.89 -15.88
CA ARG A 503 20.37 36.77 -16.79
C ARG A 503 19.07 36.03 -16.53
N TYR A 504 18.65 35.95 -15.26
CA TYR A 504 17.38 35.31 -14.92
C TYR A 504 16.21 36.02 -15.60
N GLU A 505 16.13 37.35 -15.43
CA GLU A 505 15.03 38.07 -16.04
C GLU A 505 15.11 38.02 -17.56
N LYS A 506 16.33 38.09 -18.11
CA LYS A 506 16.49 38.02 -19.56
C LYS A 506 15.97 36.70 -20.11
N VAL A 507 16.33 35.58 -19.47
CA VAL A 507 15.89 34.29 -19.98
C VAL A 507 14.41 34.07 -19.71
N ILE A 508 13.88 34.59 -18.61
CA ILE A 508 12.46 34.37 -18.33
C ILE A 508 11.60 35.19 -19.28
N LYS A 509 12.05 36.38 -19.67
CA LYS A 509 11.30 37.15 -20.67
C LYS A 509 11.51 36.60 -22.08
N ALA A 510 12.68 36.03 -22.35
CA ALA A 510 12.93 35.49 -23.68
C ALA A 510 12.04 34.27 -23.96
N CYS A 511 11.77 33.47 -22.94
CA CYS A 511 10.96 32.28 -23.10
C CYS A 511 9.47 32.55 -23.07
N ALA A 512 9.06 33.81 -22.88
CA ALA A 512 7.65 34.19 -22.84
C ALA A 512 6.90 33.42 -21.76
N LEU A 513 7.56 33.20 -20.63
CA LEU A 513 6.94 32.55 -19.48
C LEU A 513 6.30 33.54 -18.52
N LYS A 514 6.28 34.83 -18.88
CA LYS A 514 5.65 35.82 -18.01
C LYS A 514 4.16 35.53 -17.85
N LYS A 515 3.48 35.18 -18.95
CA LYS A 515 2.07 34.84 -18.86
C LYS A 515 1.85 33.57 -18.03
N ASP A 516 2.77 32.61 -18.14
CA ASP A 516 2.66 31.40 -17.34
C ASP A 516 2.81 31.72 -15.86
N LEU A 517 3.75 32.59 -15.52
CA LEU A 517 3.89 33.01 -14.12
C LEU A 517 2.66 33.76 -13.64
N GLN A 518 2.10 34.63 -14.49
CA GLN A 518 0.92 35.39 -14.11
C GLN A 518 -0.26 34.46 -13.84
N LEU A 519 -0.48 33.48 -14.71
CA LEU A 519 -1.53 32.49 -14.46
C LEU A 519 -1.18 31.60 -13.29
N LEU A 520 0.11 31.43 -13.00
CA LEU A 520 0.54 30.63 -11.87
C LEU A 520 0.29 31.39 -10.58
N GLU A 521 -0.11 30.65 -9.54
CA GLU A 521 -0.58 31.30 -8.31
C GLU A 521 0.55 31.88 -7.48
N ASP A 522 1.80 31.46 -7.71
CA ASP A 522 2.93 31.95 -6.92
C ASP A 522 4.13 32.38 -7.74
N GLY A 523 4.31 31.87 -8.95
CA GLY A 523 5.43 32.29 -9.78
C GLY A 523 6.61 31.35 -9.73
N ASP A 524 7.81 31.90 -9.88
CA ASP A 524 9.02 31.07 -9.90
C ASP A 524 9.23 30.32 -8.60
N LEU A 525 8.63 30.78 -7.49
CA LEU A 525 8.75 30.07 -6.23
C LEU A 525 7.78 28.92 -6.10
N THR A 526 6.90 28.72 -7.08
CA THR A 526 5.92 27.65 -7.01
C THR A 526 6.61 26.29 -7.01
N VAL A 527 6.20 25.44 -6.07
CA VAL A 527 6.67 24.06 -6.04
C VAL A 527 5.87 23.25 -7.05
N ILE A 528 6.49 22.17 -7.55
CA ILE A 528 5.79 21.29 -8.48
C ILE A 528 4.55 20.73 -7.80
N GLY A 529 3.42 20.77 -8.51
CA GLY A 529 2.17 20.30 -7.97
C GLY A 529 2.17 18.81 -7.65
N ASP A 530 1.02 18.30 -7.18
CA ASP A 530 0.91 16.89 -6.82
C ASP A 530 1.22 15.99 -8.00
N ARG A 531 2.33 15.28 -7.92
CA ARG A 531 2.79 14.37 -8.97
C ARG A 531 2.91 15.08 -10.32
N GLY A 532 3.30 16.35 -10.30
CA GLY A 532 3.45 17.11 -11.52
C GLY A 532 2.17 17.36 -12.29
N THR A 533 1.01 17.29 -11.60
CA THR A 533 -0.26 17.48 -12.29
C THR A 533 -0.39 18.90 -12.83
N THR A 534 0.04 19.90 -12.06
CA THR A 534 -0.15 21.29 -12.46
C THR A 534 0.91 21.74 -13.46
N LEU A 535 1.08 20.96 -14.53
CA LEU A 535 2.02 21.28 -15.58
C LEU A 535 1.52 20.69 -16.89
N SER A 536 2.05 21.21 -18.00
CA SER A 536 1.70 20.73 -19.32
C SER A 536 2.97 20.48 -20.12
N GLY A 537 2.84 19.69 -21.19
CA GLY A 537 3.99 19.39 -22.01
C GLY A 537 4.64 20.62 -22.58
N GLY A 538 3.83 21.59 -23.01
CA GLY A 538 4.39 22.85 -23.48
C GLY A 538 5.15 23.59 -22.40
N GLN A 539 4.60 23.61 -21.19
CA GLN A 539 5.31 24.25 -20.07
C GLN A 539 6.60 23.52 -19.75
N LYS A 540 6.59 22.19 -19.78
CA LYS A 540 7.81 21.44 -19.53
C LYS A 540 8.86 21.73 -20.59
N ALA A 541 8.45 21.78 -21.86
CA ALA A 541 9.40 22.11 -22.92
C ALA A 541 9.96 23.52 -22.74
N ARG A 542 9.10 24.47 -22.39
CA ARG A 542 9.56 25.84 -22.20
C ARG A 542 10.53 25.94 -21.04
N VAL A 543 10.23 25.26 -19.92
CA VAL A 543 11.13 25.34 -18.78
C VAL A 543 12.44 24.62 -19.07
N ASN A 544 12.41 23.52 -19.84
CA ASN A 544 13.65 22.87 -20.23
C ASN A 544 14.50 23.79 -21.10
N LEU A 545 13.86 24.48 -22.05
CA LEU A 545 14.57 25.43 -22.89
C LEU A 545 15.16 26.55 -22.05
N ALA A 546 14.39 27.05 -21.09
CA ALA A 546 14.89 28.11 -20.22
C ALA A 546 16.07 27.62 -19.39
N ARG A 547 16.00 26.39 -18.88
CA ARG A 547 17.13 25.83 -18.14
C ARG A 547 18.36 25.74 -19.02
N ALA A 548 18.19 25.26 -20.26
CA ALA A 548 19.33 25.13 -21.15
C ALA A 548 19.93 26.49 -21.48
N VAL A 549 19.10 27.48 -21.76
CA VAL A 549 19.61 28.78 -22.15
C VAL A 549 20.24 29.48 -20.96
N TYR A 550 19.72 29.27 -19.74
CA TYR A 550 20.34 29.85 -18.57
C TYR A 550 21.65 29.16 -18.23
N GLN A 551 21.78 27.88 -18.58
CA GLN A 551 23.04 27.19 -18.38
C GLN A 551 24.16 27.84 -19.17
N ASP A 552 23.83 28.39 -20.35
CA ASP A 552 24.80 29.09 -21.20
C ASP A 552 25.97 28.18 -21.56
N ALA A 553 25.65 27.01 -22.08
CA ALA A 553 26.67 26.04 -22.47
C ALA A 553 27.18 26.35 -23.87
N ASP A 554 28.06 25.49 -24.37
CA ASP A 554 28.61 25.65 -25.72
C ASP A 554 27.79 24.89 -26.75
N ILE A 555 27.53 23.62 -26.52
CA ILE A 555 26.82 22.76 -27.46
C ILE A 555 25.37 22.72 -27.01
N TYR A 556 24.51 23.47 -27.72
CA TYR A 556 23.08 23.47 -27.45
C TYR A 556 22.45 22.37 -28.31
N LEU A 557 22.27 21.20 -27.72
CA LEU A 557 21.70 20.05 -28.41
C LEU A 557 20.24 19.96 -28.04
N LEU A 558 19.36 20.37 -28.94
CA LEU A 558 17.93 20.37 -28.70
C LEU A 558 17.27 19.20 -29.44
N ASP A 559 16.05 18.90 -29.01
CA ASP A 559 15.29 17.80 -29.62
C ASP A 559 13.81 18.12 -29.48
N ASP A 560 13.21 18.59 -30.57
CA ASP A 560 11.78 18.92 -30.67
C ASP A 560 11.30 19.73 -29.46
N PRO A 561 11.92 20.87 -29.15
CA PRO A 561 11.44 21.69 -28.04
C PRO A 561 10.24 22.52 -28.45
N LEU A 562 10.24 22.98 -29.70
CA LEU A 562 9.18 23.83 -30.22
C LEU A 562 7.96 23.04 -30.68
N SER A 563 8.07 21.71 -30.80
CA SER A 563 6.91 20.91 -31.18
C SER A 563 5.85 20.92 -30.09
N ALA A 564 6.27 20.83 -28.83
CA ALA A 564 5.31 20.79 -27.73
C ALA A 564 4.56 22.12 -27.60
N VAL A 565 5.28 23.24 -27.63
CA VAL A 565 4.64 24.55 -27.53
C VAL A 565 3.88 24.84 -28.81
N ASP A 566 2.86 25.69 -28.70
CA ASP A 566 2.02 26.04 -29.84
C ASP A 566 2.88 26.55 -30.99
N ALA A 567 2.41 26.30 -32.21
CA ALA A 567 3.23 26.55 -33.40
C ALA A 567 3.63 28.02 -33.50
N GLU A 568 2.67 28.93 -33.30
CA GLU A 568 3.00 30.34 -33.39
C GLU A 568 3.95 30.77 -32.28
N VAL A 569 3.68 30.33 -31.04
CA VAL A 569 4.57 30.66 -29.94
C VAL A 569 5.94 30.03 -30.16
N SER A 570 5.95 28.84 -30.76
CA SER A 570 7.23 28.22 -31.14
C SER A 570 8.00 29.10 -32.11
N ARG A 571 7.29 29.69 -33.08
CA ARG A 571 7.97 30.56 -34.05
C ARG A 571 8.49 31.83 -33.38
N HIS A 572 7.71 32.43 -32.48
CA HIS A 572 8.21 33.56 -31.71
C HIS A 572 9.47 33.20 -30.93
N LEU A 573 9.46 32.06 -30.25
CA LEU A 573 10.64 31.66 -29.48
C LEU A 573 11.84 31.40 -30.40
N PHE A 574 11.60 30.79 -31.56
CA PHE A 574 12.66 30.55 -32.52
C PHE A 574 13.28 31.87 -33.00
N GLU A 575 12.42 32.84 -33.35
CA GLU A 575 12.92 34.11 -33.83
C GLU A 575 13.68 34.87 -32.75
N LEU A 576 13.17 34.85 -31.52
CA LEU A 576 13.79 35.62 -30.45
C LEU A 576 15.07 34.97 -29.91
N CYS A 577 15.16 33.64 -29.97
CA CYS A 577 16.25 32.93 -29.34
C CYS A 577 17.27 32.40 -30.34
N ILE A 578 16.83 31.62 -31.33
CA ILE A 578 17.78 31.01 -32.26
C ILE A 578 18.51 32.07 -33.08
N CYS A 579 17.77 33.05 -33.59
CA CYS A 579 18.38 34.08 -34.43
C CYS A 579 19.30 34.98 -33.62
N GLN A 580 18.82 35.48 -32.48
CA GLN A 580 19.55 36.46 -31.70
C GLN A 580 20.37 35.81 -30.58
N ILE A 581 19.71 35.11 -29.66
CA ILE A 581 20.40 34.55 -28.51
C ILE A 581 21.38 33.46 -28.95
N LEU A 582 20.96 32.60 -29.88
CA LEU A 582 21.77 31.48 -30.34
C LEU A 582 22.48 31.80 -31.65
N HIS A 583 22.89 33.05 -31.83
CA HIS A 583 23.58 33.44 -33.05
C HIS A 583 24.90 32.70 -33.20
N GLU A 584 25.66 32.54 -32.11
CA GLU A 584 26.97 31.91 -32.12
C GLU A 584 26.96 30.78 -31.08
N LYS A 585 26.45 29.63 -31.49
CA LYS A 585 26.36 28.46 -30.63
C LYS A 585 26.44 27.20 -31.48
N ILE A 586 26.72 26.09 -30.83
CA ILE A 586 26.61 24.76 -31.44
C ILE A 586 25.17 24.31 -31.21
N THR A 587 24.36 24.34 -32.26
CA THR A 587 22.91 24.26 -32.12
C THR A 587 22.33 23.16 -32.99
N ILE A 588 22.90 21.95 -32.90
CA ILE A 588 22.28 20.80 -33.55
C ILE A 588 20.88 20.61 -32.99
N LEU A 589 19.90 20.45 -33.88
CA LEU A 589 18.52 20.36 -33.46
C LEU A 589 17.76 19.57 -34.51
N VAL A 590 17.03 18.54 -34.06
CA VAL A 590 16.17 17.77 -34.95
C VAL A 590 14.83 18.48 -35.08
N THR A 591 14.42 18.75 -36.31
CA THR A 591 13.25 19.56 -36.59
C THR A 591 12.22 18.78 -37.40
N HIS A 592 10.95 19.06 -37.12
CA HIS A 592 9.84 18.49 -37.86
C HIS A 592 9.07 19.52 -38.67
N GLN A 593 9.36 20.81 -38.50
CA GLN A 593 8.69 21.88 -39.21
C GLN A 593 9.65 22.50 -40.22
N LEU A 594 9.12 22.79 -41.42
CA LEU A 594 9.98 23.24 -42.51
C LEU A 594 10.62 24.58 -42.21
N GLN A 595 9.88 25.50 -41.56
CA GLN A 595 10.39 26.84 -41.34
C GLN A 595 11.64 26.86 -40.48
N TYR A 596 11.81 25.84 -39.62
CA TYR A 596 12.99 25.80 -38.77
C TYR A 596 14.25 25.55 -39.58
N LEU A 597 14.22 24.55 -40.46
CA LEU A 597 15.37 24.28 -41.32
C LEU A 597 15.49 25.29 -42.45
N LYS A 598 14.41 26.01 -42.77
CA LYS A 598 14.52 27.10 -43.75
C LYS A 598 15.44 28.19 -43.24
N ALA A 599 15.34 28.51 -41.95
CA ALA A 599 16.20 29.51 -41.32
C ALA A 599 17.43 28.87 -40.67
N ALA A 600 17.77 27.64 -41.05
CA ALA A 600 18.90 26.94 -40.47
C ALA A 600 20.20 27.39 -41.14
N SER A 601 21.31 27.13 -40.45
CA SER A 601 22.63 27.44 -40.98
C SER A 601 23.22 26.26 -41.74
N GLN A 602 23.04 25.05 -41.24
CA GLN A 602 23.49 23.84 -41.92
C GLN A 602 22.35 22.83 -41.92
N ILE A 603 22.11 22.22 -43.08
CA ILE A 603 21.04 21.25 -43.25
C ILE A 603 21.65 19.87 -43.40
N LEU A 604 20.90 18.85 -42.98
CA LEU A 604 21.36 17.47 -43.09
C LEU A 604 20.14 16.58 -43.26
N ILE A 605 20.00 15.97 -44.43
CA ILE A 605 18.95 14.98 -44.68
C ILE A 605 19.47 13.64 -44.19
N LEU A 606 18.85 13.11 -43.14
CA LEU A 606 19.32 11.89 -42.49
C LEU A 606 18.56 10.68 -43.02
N LYS A 607 19.32 9.68 -43.46
CA LYS A 607 18.77 8.38 -43.82
C LYS A 607 19.06 7.38 -42.71
N ASP A 608 18.23 6.35 -42.63
CA ASP A 608 18.40 5.32 -41.61
C ASP A 608 19.81 4.75 -41.67
N GLY A 609 20.44 4.65 -40.50
CA GLY A 609 21.86 4.33 -40.45
C GLY A 609 22.67 5.45 -41.07
N LYS A 610 23.47 5.13 -42.08
CA LYS A 610 24.20 6.16 -42.80
C LYS A 610 23.23 7.05 -43.56
N MET A 611 23.42 8.37 -43.47
CA MET A 611 22.58 9.31 -44.19
C MET A 611 22.90 9.29 -45.68
N VAL A 612 21.94 9.72 -46.48
CA VAL A 612 22.14 9.76 -47.93
C VAL A 612 23.24 10.74 -48.29
N GLN A 613 23.14 11.97 -47.78
CA GLN A 613 24.09 13.03 -48.08
C GLN A 613 23.78 14.22 -47.18
N LYS A 614 24.73 15.16 -47.13
CA LYS A 614 24.49 16.41 -46.43
C LYS A 614 23.37 17.20 -47.12
N GLY A 615 23.58 17.56 -48.38
CA GLY A 615 22.55 18.15 -49.19
C GLY A 615 22.26 19.60 -48.87
N THR A 616 21.32 20.15 -49.62
CA THR A 616 20.83 21.51 -49.43
C THR A 616 19.32 21.46 -49.23
N TYR A 617 18.77 22.57 -48.73
CA TYR A 617 17.32 22.64 -48.55
C TYR A 617 16.60 22.58 -49.89
N THR A 618 17.18 23.20 -50.92
CA THR A 618 16.54 23.20 -52.23
C THR A 618 16.40 21.79 -52.79
N GLU A 619 17.44 20.97 -52.63
CA GLU A 619 17.40 19.59 -53.12
C GLU A 619 17.04 18.62 -52.01
N GLY A 694 -10.52 11.38 14.01
CA GLY A 694 -11.09 10.11 13.61
C GLY A 694 -11.12 9.09 14.74
N LYS A 695 -12.05 9.26 15.67
CA LYS A 695 -12.22 8.35 16.80
C LYS A 695 -13.53 7.61 16.62
N VAL A 696 -13.45 6.28 16.58
CA VAL A 696 -14.64 5.45 16.37
C VAL A 696 -15.40 5.31 17.68
N GLY A 697 -16.70 5.60 17.64
CA GLY A 697 -17.53 5.47 18.81
C GLY A 697 -17.97 4.05 19.06
N PHE A 698 -18.75 3.87 20.12
CA PHE A 698 -19.25 2.55 20.47
C PHE A 698 -20.22 2.02 19.42
N GLN A 699 -20.79 2.88 18.60
CA GLN A 699 -21.74 2.43 17.59
C GLN A 699 -21.06 1.52 16.56
N ALA A 700 -19.82 1.84 16.19
CA ALA A 700 -19.10 0.98 15.25
C ALA A 700 -18.89 -0.41 15.82
N TYR A 701 -18.45 -0.49 17.08
CA TYR A 701 -18.30 -1.78 17.74
C TYR A 701 -19.63 -2.53 17.78
N LYS A 702 -20.70 -1.83 18.16
CA LYS A 702 -21.99 -2.48 18.28
C LYS A 702 -22.46 -3.04 16.95
N ASN A 703 -22.35 -2.25 15.88
CA ASN A 703 -22.77 -2.73 14.57
C ASN A 703 -21.91 -3.89 14.10
N TYR A 704 -20.60 -3.79 14.30
CA TYR A 704 -19.70 -4.87 13.90
C TYR A 704 -20.08 -6.18 14.58
N PHE A 705 -20.25 -6.15 15.90
CA PHE A 705 -20.55 -7.38 16.61
C PHE A 705 -21.97 -7.86 16.36
N ARG A 706 -22.92 -6.96 16.15
CA ARG A 706 -24.27 -7.37 15.81
C ARG A 706 -24.30 -8.08 14.47
N ALA A 707 -23.56 -7.55 13.49
CA ALA A 707 -23.37 -8.28 12.24
C ALA A 707 -22.63 -9.59 12.46
N GLY A 708 -21.85 -9.67 13.54
CA GLY A 708 -21.19 -10.91 13.89
C GLY A 708 -22.13 -12.08 14.07
N ALA A 709 -22.90 -12.07 15.16
CA ALA A 709 -23.82 -13.16 15.47
C ALA A 709 -24.84 -12.66 16.47
N HIS A 710 -25.75 -13.55 16.86
CA HIS A 710 -26.78 -13.20 17.82
C HIS A 710 -26.17 -12.91 19.18
N TRP A 711 -26.83 -12.02 19.94
CA TRP A 711 -26.30 -11.61 21.23
C TRP A 711 -26.20 -12.76 22.21
N ILE A 712 -26.98 -13.82 22.02
CA ILE A 712 -26.84 -15.01 22.86
C ILE A 712 -25.47 -15.64 22.64
N VAL A 713 -25.03 -15.72 21.38
CA VAL A 713 -23.70 -16.23 21.10
C VAL A 713 -22.64 -15.32 21.69
N PHE A 714 -22.90 -14.01 21.70
CA PHE A 714 -21.97 -13.08 22.32
C PHE A 714 -21.85 -13.33 23.82
N ILE A 715 -22.97 -13.58 24.48
CA ILE A 715 -22.94 -13.88 25.92
C ILE A 715 -22.19 -15.18 26.16
N PHE A 716 -22.47 -16.20 25.34
CA PHE A 716 -21.74 -17.46 25.47
C PHE A 716 -20.25 -17.25 25.26
N LEU A 717 -19.88 -16.37 24.34
CA LEU A 717 -18.48 -16.12 24.06
C LEU A 717 -17.78 -15.43 25.22
N ILE A 718 -18.41 -14.40 25.80
CA ILE A 718 -17.78 -13.72 26.92
C ILE A 718 -17.69 -14.64 28.12
N LEU A 719 -18.71 -15.50 28.31
CA LEU A 719 -18.63 -16.49 29.38
C LEU A 719 -17.48 -17.46 29.14
N LEU A 720 -17.29 -17.88 27.89
CA LEU A 720 -16.19 -18.79 27.58
C LEU A 720 -14.85 -18.12 27.82
N ASN A 721 -14.73 -16.84 27.48
CA ASN A 721 -13.52 -16.07 27.78
C ASN A 721 -13.25 -16.06 29.27
N THR A 722 -14.26 -15.72 30.06
CA THR A 722 -14.08 -15.68 31.52
C THR A 722 -13.68 -17.04 32.06
N ALA A 723 -14.31 -18.11 31.56
CA ALA A 723 -13.98 -19.44 32.02
C ALA A 723 -12.55 -19.82 31.66
N ALA A 724 -12.10 -19.47 30.45
CA ALA A 724 -10.74 -19.78 30.05
C ALA A 724 -9.74 -19.07 30.94
N GLN A 725 -9.97 -17.78 31.20
CA GLN A 725 -9.05 -17.05 32.07
C GLN A 725 -9.08 -17.60 33.48
N VAL A 726 -10.27 -17.94 33.98
CA VAL A 726 -10.38 -18.48 35.33
C VAL A 726 -9.61 -19.78 35.45
N ALA A 727 -9.76 -20.67 34.47
CA ALA A 727 -9.02 -21.93 34.51
C ALA A 727 -7.52 -21.68 34.43
N TYR A 728 -7.10 -20.75 33.58
CA TYR A 728 -5.69 -20.46 33.45
C TYR A 728 -5.09 -20.01 34.77
N VAL A 729 -5.78 -19.12 35.48
CA VAL A 729 -5.27 -18.67 36.77
C VAL A 729 -5.39 -19.77 37.83
N LEU A 730 -6.52 -20.46 37.85
CA LEU A 730 -6.77 -21.45 38.89
C LEU A 730 -5.85 -22.65 38.77
N GLN A 731 -5.25 -22.90 37.62
CA GLN A 731 -4.22 -23.93 37.56
C GLN A 731 -3.07 -23.59 38.51
N ASP A 732 -2.53 -22.38 38.38
CA ASP A 732 -1.48 -21.95 39.28
C ASP A 732 -1.99 -21.82 40.71
N TRP A 733 -3.24 -21.38 40.88
CA TRP A 733 -3.80 -21.29 42.23
C TRP A 733 -3.86 -22.66 42.88
N TRP A 734 -4.23 -23.68 42.12
CA TRP A 734 -4.27 -25.04 42.64
C TRP A 734 -2.88 -25.52 42.98
N LEU A 735 -1.89 -25.14 42.17
CA LEU A 735 -0.51 -25.45 42.54
C LEU A 735 -0.15 -24.83 43.89
N SER A 736 -0.52 -23.57 44.08
CA SER A 736 -0.24 -22.90 45.34
C SER A 736 -0.97 -23.57 46.50
N TYR A 737 -2.22 -23.95 46.28
CA TYR A 737 -3.00 -24.62 47.33
C TYR A 737 -2.38 -25.96 47.68
N TRP A 738 -1.91 -26.69 46.67
CA TRP A 738 -1.18 -27.93 46.91
C TRP A 738 0.04 -27.68 47.77
N ALA A 739 0.82 -26.65 47.44
CA ALA A 739 2.01 -26.35 48.22
C ALA A 739 1.66 -26.00 49.66
N ASN A 740 0.62 -25.19 49.85
CA ASN A 740 0.23 -24.80 51.19
C ASN A 740 -0.26 -25.99 52.01
N LYS A 741 -1.09 -26.84 51.41
CA LYS A 741 -1.57 -28.04 52.10
C LYS A 741 -0.42 -28.95 52.46
N GLN A 742 0.54 -29.11 51.55
CA GLN A 742 1.69 -29.94 51.85
C GLN A 742 2.53 -29.34 52.97
N SER A 743 2.63 -28.02 53.02
CA SER A 743 3.35 -27.38 54.12
C SER A 743 2.67 -27.67 55.45
N MET A 744 1.34 -27.55 55.50
CA MET A 744 0.64 -27.88 56.74
C MET A 744 0.82 -29.35 57.10
N LEU A 745 0.78 -30.23 56.10
CA LEU A 745 0.99 -31.65 56.37
C LEU A 745 2.37 -31.92 56.93
N ASN A 746 3.39 -31.25 56.37
CA ASN A 746 4.74 -31.42 56.88
C ASN A 746 4.87 -30.88 58.31
N VAL A 747 4.20 -29.76 58.59
CA VAL A 747 4.21 -29.23 59.96
C VAL A 747 3.58 -30.23 60.92
N THR A 748 2.46 -30.84 60.52
CA THR A 748 1.82 -31.84 61.36
C THR A 748 2.70 -33.06 61.54
N VAL A 749 3.36 -33.52 60.47
CA VAL A 749 4.17 -34.73 60.54
C VAL A 749 5.50 -34.50 61.24
N ASN A 750 5.91 -33.24 61.40
CA ASN A 750 7.16 -32.96 62.11
C ASN A 750 7.06 -33.41 63.56
N GLY A 751 5.91 -33.19 64.20
CA GLY A 751 5.68 -33.72 65.53
C GLY A 751 5.16 -35.15 65.47
N GLY A 752 6.01 -36.11 65.83
CA GLY A 752 5.66 -37.51 65.73
C GLY A 752 5.79 -38.04 64.32
N GLY A 753 6.98 -37.94 63.75
CA GLY A 753 7.22 -38.37 62.39
C GLY A 753 7.41 -39.86 62.23
N ASN A 754 6.37 -40.63 62.53
CA ASN A 754 6.38 -42.08 62.36
C ASN A 754 5.32 -42.57 61.39
N VAL A 755 4.12 -42.00 61.42
CA VAL A 755 3.11 -42.35 60.44
C VAL A 755 3.53 -41.91 59.05
N THR A 756 4.11 -40.71 58.94
CA THR A 756 4.54 -40.12 57.68
C THR A 756 3.36 -40.08 56.69
N GLU A 757 2.33 -39.34 57.07
CA GLU A 757 1.15 -39.21 56.23
C GLU A 757 1.53 -38.55 54.91
N LYS A 758 1.24 -39.24 53.82
CA LYS A 758 1.49 -38.72 52.49
C LYS A 758 0.22 -38.10 51.93
N LEU A 759 0.34 -36.91 51.37
CA LEU A 759 -0.80 -36.30 50.68
C LEU A 759 -1.21 -37.19 49.52
N ASP A 760 -2.52 -37.34 49.33
CA ASP A 760 -3.05 -38.24 48.31
C ASP A 760 -2.72 -37.66 46.94
N LEU A 761 -1.69 -38.21 46.30
CA LEU A 761 -1.28 -37.69 44.99
C LEU A 761 -2.34 -37.95 43.93
N ASN A 762 -3.19 -38.96 44.11
CA ASN A 762 -4.24 -39.21 43.12
C ASN A 762 -5.20 -38.02 43.05
N TRP A 763 -5.71 -37.58 44.20
CA TRP A 763 -6.67 -36.49 44.22
C TRP A 763 -6.06 -35.22 43.64
N TYR A 764 -4.90 -34.81 44.15
CA TYR A 764 -4.32 -33.54 43.72
C TYR A 764 -3.86 -33.60 42.28
N LEU A 765 -3.23 -34.71 41.89
CA LEU A 765 -2.78 -34.84 40.51
C LEU A 765 -3.95 -34.85 39.54
N GLY A 766 -5.04 -35.54 39.90
CA GLY A 766 -6.20 -35.55 39.03
C GLY A 766 -6.82 -34.17 38.90
N ILE A 767 -6.93 -33.44 40.01
CA ILE A 767 -7.48 -32.10 39.93
C ILE A 767 -6.60 -31.21 39.07
N TYR A 768 -5.28 -31.32 39.24
CA TYR A 768 -4.35 -30.53 38.44
C TYR A 768 -4.49 -30.85 36.96
N SER A 769 -4.54 -32.14 36.62
CA SER A 769 -4.66 -32.53 35.23
C SER A 769 -5.98 -32.05 34.64
N GLY A 770 -7.07 -32.17 35.39
CA GLY A 770 -8.34 -31.66 34.91
C GLY A 770 -8.30 -30.17 34.68
N LEU A 771 -7.66 -29.43 35.59
CA LEU A 771 -7.58 -27.98 35.43
C LEU A 771 -6.78 -27.60 34.20
N THR A 772 -5.64 -28.24 33.96
CA THR A 772 -4.85 -27.86 32.79
C THR A 772 -5.53 -28.28 31.50
N VAL A 773 -6.21 -29.43 31.50
CA VAL A 773 -6.95 -29.85 30.31
C VAL A 773 -8.09 -28.87 30.04
N ALA A 774 -8.80 -28.44 31.09
CA ALA A 774 -9.86 -27.46 30.90
C ALA A 774 -9.30 -26.15 30.38
N THR A 775 -8.13 -25.75 30.86
CA THR A 775 -7.50 -24.53 30.34
C THR A 775 -7.21 -24.65 28.86
N VAL A 776 -6.63 -25.77 28.43
CA VAL A 776 -6.31 -25.96 27.02
C VAL A 776 -7.59 -25.95 26.19
N LEU A 777 -8.60 -26.70 26.63
CA LEU A 777 -9.84 -26.81 25.87
C LEU A 777 -10.55 -25.46 25.78
N PHE A 778 -10.60 -24.72 26.88
CA PHE A 778 -11.28 -23.44 26.86
C PHE A 778 -10.51 -22.43 26.01
N GLY A 779 -9.18 -22.46 26.06
CA GLY A 779 -8.42 -21.57 25.20
C GLY A 779 -8.66 -21.85 23.73
N ILE A 780 -8.62 -23.12 23.35
CA ILE A 780 -8.86 -23.47 21.95
C ILE A 780 -10.27 -23.09 21.54
N ALA A 781 -11.26 -23.40 22.38
CA ALA A 781 -12.64 -23.10 22.04
C ALA A 781 -12.86 -21.60 21.91
N ARG A 782 -12.29 -20.82 22.82
CA ARG A 782 -12.44 -19.37 22.75
C ARG A 782 -11.78 -18.79 21.52
N SER A 783 -10.57 -19.25 21.20
CA SER A 783 -9.90 -18.75 20.00
C SER A 783 -10.71 -19.07 18.75
N LEU A 784 -11.15 -20.32 18.65
CA LEU A 784 -11.92 -20.73 17.46
C LEU A 784 -13.23 -19.96 17.38
N LEU A 785 -13.91 -19.75 18.50
CA LEU A 785 -15.19 -19.06 18.46
C LEU A 785 -15.01 -17.60 18.09
N VAL A 786 -13.99 -16.94 18.64
CA VAL A 786 -13.74 -15.54 18.29
C VAL A 786 -13.44 -15.42 16.81
N PHE A 787 -12.57 -16.29 16.29
CA PHE A 787 -12.25 -16.23 14.88
C PHE A 787 -13.48 -16.49 14.03
N TYR A 788 -14.29 -17.47 14.41
CA TYR A 788 -15.48 -17.80 13.63
C TYR A 788 -16.45 -16.64 13.60
N VAL A 789 -16.73 -16.04 14.76
CA VAL A 789 -17.73 -14.98 14.79
C VAL A 789 -17.23 -13.75 14.06
N LEU A 790 -15.93 -13.44 14.17
CA LEU A 790 -15.41 -12.27 13.47
C LEU A 790 -15.39 -12.49 11.96
N VAL A 791 -15.00 -13.69 11.51
CA VAL A 791 -15.00 -13.95 10.08
C VAL A 791 -16.43 -13.97 9.54
N ASN A 792 -17.38 -14.47 10.33
CA ASN A 792 -18.78 -14.41 9.92
C ASN A 792 -19.25 -12.97 9.81
N SER A 793 -18.83 -12.11 10.74
CA SER A 793 -19.16 -10.70 10.65
C SER A 793 -18.58 -10.10 9.37
N SER A 794 -17.34 -10.45 9.05
CA SER A 794 -16.72 -9.94 7.83
C SER A 794 -17.49 -10.40 6.59
N GLN A 795 -17.87 -11.67 6.56
CA GLN A 795 -18.59 -12.20 5.42
C GLN A 795 -19.96 -11.53 5.25
N THR A 796 -20.69 -11.39 6.37
CA THR A 796 -21.99 -10.73 6.30
C THR A 796 -21.86 -9.28 5.87
N LEU A 797 -20.87 -8.57 6.41
CA LEU A 797 -20.68 -7.18 6.02
C LEU A 797 -20.32 -7.07 4.54
N HIS A 798 -19.45 -7.95 4.05
CA HIS A 798 -19.08 -7.90 2.65
C HIS A 798 -20.28 -8.16 1.76
N ASN A 799 -21.09 -9.18 2.09
CA ASN A 799 -22.26 -9.46 1.28
C ASN A 799 -23.25 -8.30 1.31
N LYS A 800 -23.47 -7.71 2.48
CA LYS A 800 -24.37 -6.58 2.58
C LYS A 800 -23.86 -5.40 1.76
N MET A 801 -22.56 -5.11 1.85
CA MET A 801 -22.02 -3.98 1.12
C MET A 801 -22.11 -4.21 -0.38
N PHE A 802 -21.83 -5.43 -0.84
CA PHE A 802 -21.93 -5.71 -2.27
C PHE A 802 -23.37 -5.56 -2.74
N GLU A 803 -24.32 -6.07 -1.96
CA GLU A 803 -25.72 -5.90 -2.34
C GLU A 803 -26.10 -4.42 -2.36
N SER A 804 -25.55 -3.64 -1.44
CA SER A 804 -25.86 -2.23 -1.39
C SER A 804 -25.31 -1.50 -2.62
N ILE A 805 -24.04 -1.75 -2.96
CA ILE A 805 -23.42 -1.03 -4.07
C ILE A 805 -24.06 -1.46 -5.38
N LEU A 806 -24.43 -2.73 -5.51
CA LEU A 806 -25.11 -3.16 -6.73
C LEU A 806 -26.46 -2.48 -6.89
N LYS A 807 -27.03 -1.96 -5.81
CA LYS A 807 -28.27 -1.20 -5.89
C LYS A 807 -28.04 0.31 -5.81
N ALA A 808 -26.79 0.74 -5.81
CA ALA A 808 -26.50 2.16 -5.79
C ALA A 808 -26.75 2.79 -7.16
N PRO A 809 -27.22 4.02 -7.21
CA PRO A 809 -27.42 4.69 -8.49
C PRO A 809 -26.11 5.14 -9.10
N VAL A 810 -26.17 5.51 -10.38
CA VAL A 810 -24.96 5.91 -11.10
C VAL A 810 -24.38 7.18 -10.51
N LEU A 811 -25.21 8.03 -9.92
CA LEU A 811 -24.73 9.28 -9.35
C LEU A 811 -23.67 9.03 -8.30
N PHE A 812 -23.84 7.98 -7.50
CA PHE A 812 -22.83 7.62 -6.52
C PHE A 812 -21.51 7.30 -7.18
N PHE A 813 -21.54 6.55 -8.28
CA PHE A 813 -20.31 6.23 -8.98
C PHE A 813 -19.69 7.45 -9.63
N ASP A 814 -20.52 8.41 -10.05
CA ASP A 814 -19.99 9.64 -10.61
C ASP A 814 -19.30 10.48 -9.54
N ARG A 815 -19.85 10.49 -8.33
CA ARG A 815 -19.31 11.29 -7.24
C ARG A 815 -18.16 10.62 -6.51
N ASN A 816 -17.79 9.40 -6.89
CA ASN A 816 -16.70 8.69 -6.22
C ASN A 816 -15.80 8.04 -7.27
N PRO A 817 -14.48 8.22 -7.16
CA PRO A 817 -13.58 7.59 -8.13
C PRO A 817 -13.62 6.08 -8.02
N ILE A 818 -13.38 5.42 -9.16
CA ILE A 818 -13.35 3.96 -9.19
C ILE A 818 -12.27 3.44 -8.27
N GLY A 819 -11.12 4.12 -8.25
CA GLY A 819 -10.04 3.69 -7.37
C GLY A 819 -10.45 3.69 -5.91
N ARG A 820 -11.26 4.66 -5.50
CA ARG A 820 -11.71 4.72 -4.12
C ARG A 820 -12.54 3.50 -3.74
N ILE A 821 -13.53 3.16 -4.57
CA ILE A 821 -14.38 2.02 -4.28
C ILE A 821 -13.58 0.73 -4.31
N LEU A 822 -12.68 0.59 -5.29
CA LEU A 822 -11.85 -0.62 -5.34
C LEU A 822 -10.97 -0.73 -4.11
N ASN A 823 -10.41 0.38 -3.65
CA ASN A 823 -9.60 0.37 -2.43
C ASN A 823 -10.43 -0.05 -1.23
N ARG A 824 -11.64 0.50 -1.11
CA ARG A 824 -12.50 0.14 0.00
C ARG A 824 -12.85 -1.35 -0.01
N PHE A 825 -13.12 -1.89 -1.19
CA PHE A 825 -13.47 -3.29 -1.28
C PHE A 825 -12.27 -4.21 -1.14
N SER A 826 -11.06 -3.72 -1.40
CA SER A 826 -9.88 -4.56 -1.34
C SER A 826 -9.20 -4.50 0.02
N LYS A 827 -8.73 -3.33 0.41
CA LYS A 827 -7.90 -3.23 1.60
C LYS A 827 -8.72 -3.42 2.86
N ASP A 828 -9.91 -2.81 2.93
CA ASP A 828 -10.73 -2.95 4.13
C ASP A 828 -11.18 -4.39 4.33
N ILE A 829 -11.61 -5.06 3.26
CA ILE A 829 -12.03 -6.45 3.39
C ILE A 829 -10.85 -7.34 3.70
N GLY A 830 -9.68 -7.06 3.11
CA GLY A 830 -8.50 -7.81 3.49
C GLY A 830 -8.17 -7.65 4.96
N HIS A 831 -8.33 -6.43 5.49
CA HIS A 831 -8.15 -6.23 6.92
C HIS A 831 -9.12 -7.08 7.71
N LEU A 832 -10.42 -6.96 7.41
CA LEU A 832 -11.45 -7.66 8.15
C LEU A 832 -11.34 -9.17 8.03
N ASP A 833 -10.64 -9.67 7.01
CA ASP A 833 -10.50 -11.10 6.84
C ASP A 833 -9.19 -11.66 7.38
N ASP A 834 -8.14 -10.84 7.46
CA ASP A 834 -6.84 -11.36 7.84
C ASP A 834 -6.33 -10.77 9.16
N LEU A 835 -6.40 -9.45 9.33
CA LEU A 835 -5.75 -8.82 10.46
C LEU A 835 -6.70 -8.49 11.61
N LEU A 836 -7.89 -7.99 11.31
CA LEU A 836 -8.80 -7.60 12.40
C LEU A 836 -9.17 -8.77 13.29
N PRO A 837 -9.56 -9.95 12.79
CA PRO A 837 -9.81 -11.06 13.73
C PRO A 837 -8.60 -11.42 14.55
N LEU A 838 -7.43 -11.55 13.91
CA LEU A 838 -6.22 -11.91 14.65
C LEU A 838 -5.90 -10.86 15.70
N THR A 839 -5.88 -9.58 15.31
CA THR A 839 -5.52 -8.53 16.24
C THR A 839 -6.52 -8.42 17.37
N PHE A 840 -7.81 -8.51 17.06
CA PHE A 840 -8.84 -8.42 18.10
C PHE A 840 -8.73 -9.59 19.07
N LEU A 841 -8.52 -10.80 18.56
CA LEU A 841 -8.37 -11.95 19.44
C LEU A 841 -7.14 -11.79 20.32
N ASP A 842 -6.02 -11.35 19.75
CA ASP A 842 -4.82 -11.17 20.56
C ASP A 842 -5.01 -10.11 21.62
N PHE A 843 -5.67 -9.01 21.27
CA PHE A 843 -5.92 -7.94 22.24
C PHE A 843 -6.82 -8.44 23.36
N ILE A 844 -7.89 -9.17 23.02
CA ILE A 844 -8.78 -9.69 24.04
C ILE A 844 -8.04 -10.66 24.95
N GLN A 845 -7.25 -11.55 24.37
CA GLN A 845 -6.48 -12.50 25.15
C GLN A 845 -5.56 -11.81 26.13
N THR A 846 -4.77 -10.85 25.64
CA THR A 846 -3.78 -10.22 26.51
C THR A 846 -4.45 -9.32 27.54
N LEU A 847 -5.54 -8.64 27.18
CA LEU A 847 -6.27 -7.85 28.16
C LEU A 847 -6.84 -8.74 29.25
N LEU A 848 -7.37 -9.91 28.89
CA LEU A 848 -7.87 -10.83 29.89
C LEU A 848 -6.74 -11.31 30.80
N GLN A 849 -5.57 -11.57 30.22
CA GLN A 849 -4.43 -11.97 31.05
C GLN A 849 -4.03 -10.87 32.03
N VAL A 850 -4.01 -9.63 31.56
CA VAL A 850 -3.65 -8.51 32.44
C VAL A 850 -4.67 -8.36 33.55
N VAL A 851 -5.96 -8.45 33.21
CA VAL A 851 -7.01 -8.36 34.21
C VAL A 851 -6.88 -9.51 35.21
N GLY A 852 -6.49 -10.69 34.72
CA GLY A 852 -6.27 -11.80 35.61
C GLY A 852 -5.15 -11.53 36.60
N VAL A 853 -4.05 -10.97 36.13
CA VAL A 853 -2.93 -10.66 37.03
C VAL A 853 -3.35 -9.62 38.06
N VAL A 854 -4.04 -8.57 37.62
CA VAL A 854 -4.48 -7.53 38.55
C VAL A 854 -5.44 -8.11 39.58
N SER A 855 -6.36 -8.96 39.15
CA SER A 855 -7.32 -9.55 40.08
C SER A 855 -6.63 -10.49 41.05
N VAL A 856 -5.63 -11.23 40.60
CA VAL A 856 -4.87 -12.09 41.51
C VAL A 856 -4.21 -11.23 42.58
N ALA A 857 -3.56 -10.15 42.16
CA ALA A 857 -2.90 -9.28 43.13
C ALA A 857 -3.89 -8.69 44.12
N VAL A 858 -5.05 -8.24 43.63
CA VAL A 858 -6.05 -7.68 44.53
C VAL A 858 -6.58 -8.72 45.50
N ALA A 859 -6.87 -9.93 45.00
CA ALA A 859 -7.43 -10.96 45.85
C ALA A 859 -6.45 -11.39 46.94
N VAL A 860 -5.17 -11.52 46.60
CA VAL A 860 -4.19 -11.89 47.61
C VAL A 860 -4.06 -10.79 48.66
N ILE A 861 -3.93 -9.55 48.21
CA ILE A 861 -3.81 -8.41 49.12
C ILE A 861 -4.88 -7.38 48.77
N PRO A 862 -5.99 -7.33 49.50
CA PRO A 862 -7.06 -6.39 49.14
C PRO A 862 -6.62 -4.93 49.13
N TRP A 863 -5.70 -4.54 50.02
CA TRP A 863 -5.34 -3.14 50.13
C TRP A 863 -4.73 -2.59 48.85
N ILE A 864 -4.20 -3.44 47.99
CA ILE A 864 -3.64 -2.98 46.72
C ILE A 864 -4.68 -2.28 45.87
N ALA A 865 -5.97 -2.50 46.15
CA ALA A 865 -7.00 -1.78 45.41
C ALA A 865 -6.91 -0.28 45.66
N ILE A 866 -6.51 0.12 46.86
CA ILE A 866 -6.48 1.55 47.18
C ILE A 866 -5.50 2.32 46.29
N PRO A 867 -4.24 1.91 46.14
CA PRO A 867 -3.35 2.65 45.23
C PRO A 867 -3.52 2.28 43.77
N LEU A 868 -4.32 1.27 43.46
CA LEU A 868 -4.52 0.91 42.07
C LEU A 868 -5.42 1.91 41.36
N VAL A 869 -6.39 2.48 42.07
CA VAL A 869 -7.32 3.41 41.43
C VAL A 869 -6.61 4.61 40.81
N PRO A 870 -5.71 5.31 41.52
CA PRO A 870 -5.03 6.45 40.87
C PRO A 870 -4.16 6.01 39.71
N LEU A 871 -3.34 4.97 39.93
CA LEU A 871 -2.40 4.51 38.91
C LEU A 871 -3.09 4.34 37.57
N GLY A 872 -4.10 3.46 37.51
CA GLY A 872 -4.80 3.26 36.27
C GLY A 872 -5.35 4.55 35.70
N ILE A 873 -5.94 5.39 36.56
CA ILE A 873 -6.46 6.68 36.10
C ILE A 873 -5.36 7.46 35.41
N ILE A 874 -4.18 7.55 36.05
CA ILE A 874 -3.06 8.25 35.45
C ILE A 874 -2.78 7.67 34.07
N PHE A 875 -2.72 6.34 34.00
CA PHE A 875 -2.46 5.68 32.72
C PHE A 875 -3.43 6.19 31.66
N ILE A 876 -4.72 6.24 31.99
CA ILE A 876 -5.71 6.65 31.00
C ILE A 876 -5.35 8.02 30.47
N PHE A 877 -5.10 8.98 31.36
CA PHE A 877 -4.73 10.31 30.92
C PHE A 877 -3.49 10.24 30.04
N LEU A 878 -2.47 9.52 30.51
CA LEU A 878 -1.24 9.38 29.72
C LEU A 878 -1.57 8.92 28.32
N ARG A 879 -2.42 7.89 28.21
CA ARG A 879 -2.75 7.35 26.90
C ARG A 879 -3.26 8.46 25.99
N ARG A 880 -4.25 9.22 26.47
CA ARG A 880 -4.76 10.32 25.66
C ARG A 880 -3.64 11.28 25.31
N TYR A 881 -2.90 11.72 26.34
CA TYR A 881 -1.87 12.72 26.12
C TYR A 881 -0.80 12.21 25.15
N PHE A 882 -0.72 10.91 24.96
CA PHE A 882 0.22 10.40 23.96
C PHE A 882 -0.47 10.22 22.62
N LEU A 883 -1.65 9.61 22.61
CA LEU A 883 -2.26 9.21 21.34
C LEU A 883 -2.52 10.43 20.46
N GLU A 884 -3.08 11.48 21.06
CA GLU A 884 -3.39 12.69 20.30
C GLU A 884 -2.16 13.23 19.58
N THR A 885 -0.98 12.97 20.13
CA THR A 885 0.24 13.36 19.43
C THR A 885 0.72 12.27 18.48
N SER A 886 0.69 11.00 18.91
CA SER A 886 1.38 9.95 18.16
C SER A 886 0.82 9.83 16.76
N ARG A 887 -0.51 9.78 16.62
CA ARG A 887 -1.11 9.70 15.30
C ARG A 887 -0.51 10.75 14.38
N ASP A 888 -0.43 11.99 14.87
CA ASP A 888 0.10 13.07 14.06
C ASP A 888 1.48 12.71 13.51
N VAL A 889 2.41 12.33 14.39
CA VAL A 889 3.76 12.06 13.90
C VAL A 889 3.73 10.87 12.96
N LYS A 890 2.89 9.87 13.27
CA LYS A 890 2.74 8.75 12.35
C LYS A 890 2.35 9.24 10.97
N ARG A 891 1.33 10.10 10.92
CA ARG A 891 0.93 10.69 9.65
C ARG A 891 2.12 11.34 8.97
N LEU A 892 2.86 12.15 9.73
CA LEU A 892 4.02 12.83 9.17
C LEU A 892 4.95 11.82 8.49
N GLU A 893 5.23 10.71 9.16
CA GLU A 893 6.12 9.71 8.59
C GLU A 893 5.64 9.30 7.21
N SER A 894 4.36 8.94 7.10
CA SER A 894 3.84 8.54 5.80
C SER A 894 4.01 9.66 4.79
N THR A 895 3.67 10.89 5.17
CA THR A 895 3.71 11.98 4.22
C THR A 895 5.13 12.33 3.81
N THR A 896 6.14 11.80 4.49
CA THR A 896 7.51 12.04 4.06
C THR A 896 8.14 10.83 3.41
N ARG A 897 7.47 9.68 3.42
CA ARG A 897 8.04 8.50 2.76
C ARG A 897 7.91 8.60 1.25
N SER A 898 6.78 9.13 0.78
CA SER A 898 6.51 9.15 -0.66
C SER A 898 7.51 9.97 -1.48
N PRO A 899 7.89 11.20 -1.10
CA PRO A 899 8.70 12.01 -2.03
C PRO A 899 10.00 11.34 -2.44
N VAL A 900 10.68 10.69 -1.50
CA VAL A 900 11.99 10.10 -1.78
C VAL A 900 11.92 9.23 -3.02
N PHE A 901 11.07 8.20 -2.98
CA PHE A 901 10.91 7.31 -4.12
C PHE A 901 10.67 8.10 -5.40
N SER A 902 9.74 9.06 -5.34
CA SER A 902 9.41 9.82 -6.54
C SER A 902 10.66 10.44 -7.13
N HIS A 903 11.48 11.06 -6.29
CA HIS A 903 12.70 11.68 -6.79
C HIS A 903 13.55 10.67 -7.54
N LEU A 904 13.74 9.49 -6.95
CA LEU A 904 14.51 8.46 -7.63
C LEU A 904 13.92 8.17 -9.01
N SER A 905 12.59 7.99 -9.06
CA SER A 905 11.94 7.76 -10.34
C SER A 905 12.23 8.92 -11.28
N SER A 906 12.08 10.14 -10.79
CA SER A 906 12.41 11.29 -11.62
C SER A 906 13.88 11.27 -12.02
N SER A 907 14.75 10.93 -11.06
CA SER A 907 16.16 10.82 -11.39
C SER A 907 16.40 9.75 -12.45
N LEU A 908 15.56 8.71 -12.46
CA LEU A 908 15.66 7.71 -13.52
C LEU A 908 15.05 8.21 -14.82
N GLN A 909 13.99 9.02 -14.73
CA GLN A 909 13.29 9.43 -15.95
C GLN A 909 14.12 10.41 -16.76
N GLY A 910 14.71 11.41 -16.11
CA GLY A 910 15.48 12.42 -16.81
C GLY A 910 16.97 12.25 -16.62
N LEU A 911 17.39 10.99 -16.49
CA LEU A 911 18.79 10.68 -16.18
C LEU A 911 19.72 11.16 -17.28
N TRP A 912 19.25 11.16 -18.53
CA TRP A 912 20.04 11.63 -19.65
C TRP A 912 20.47 13.08 -19.44
N THR A 913 19.53 13.95 -19.08
CA THR A 913 19.87 15.35 -18.84
C THR A 913 20.84 15.48 -17.68
N ILE A 914 20.68 14.63 -16.67
CA ILE A 914 21.56 14.70 -15.50
C ILE A 914 23.00 14.43 -15.90
N ARG A 915 23.23 13.38 -16.69
CA ARG A 915 24.60 13.16 -17.14
C ARG A 915 25.04 14.22 -18.13
N ALA A 916 24.12 14.79 -18.89
CA ALA A 916 24.49 15.83 -19.85
C ALA A 916 25.01 17.07 -19.15
N TYR A 917 24.38 17.45 -18.05
CA TYR A 917 24.74 18.67 -17.34
C TYR A 917 25.85 18.46 -16.33
N LYS A 918 26.32 17.23 -16.13
CA LYS A 918 27.32 16.91 -15.12
C LYS A 918 26.85 17.39 -13.74
N ALA A 919 25.57 17.22 -13.47
CA ALA A 919 24.95 17.71 -12.24
C ALA A 919 24.48 16.56 -11.37
N GLU A 920 25.25 15.47 -11.33
CA GLU A 920 24.87 14.33 -10.50
C GLU A 920 24.90 14.70 -9.02
N GLU A 921 25.90 15.48 -8.61
CA GLU A 921 26.02 15.83 -7.20
C GLU A 921 24.85 16.68 -6.72
N ARG A 922 24.29 17.49 -7.61
CA ARG A 922 23.13 18.31 -7.22
C ARG A 922 21.93 17.44 -6.90
N CYS A 923 21.62 16.49 -7.78
CA CYS A 923 20.52 15.58 -7.52
C CYS A 923 20.82 14.70 -6.30
N GLN A 924 22.10 14.36 -6.11
CA GLN A 924 22.48 13.63 -4.90
C GLN A 924 22.16 14.43 -3.65
N GLU A 925 22.46 15.73 -3.67
CA GLU A 925 22.15 16.59 -2.54
C GLU A 925 20.65 16.72 -2.32
N LEU A 926 19.89 16.81 -3.42
CA LEU A 926 18.44 16.88 -3.29
C LEU A 926 17.89 15.62 -2.65
N PHE A 927 18.37 14.47 -3.09
CA PHE A 927 17.96 13.19 -2.51
C PHE A 927 18.35 13.13 -1.04
N ASP A 928 19.55 13.60 -0.71
CA ASP A 928 19.98 13.62 0.69
C ASP A 928 19.07 14.50 1.53
N ALA A 929 18.66 15.65 1.01
CA ALA A 929 17.78 16.53 1.76
C ALA A 929 16.41 15.88 1.99
N HIS A 930 15.85 15.29 0.94
CA HIS A 930 14.57 14.58 1.09
C HIS A 930 14.67 13.50 2.15
N GLN A 931 15.72 12.68 2.06
CA GLN A 931 15.79 11.53 2.95
C GLN A 931 16.21 11.95 4.35
N ASP A 932 16.87 13.09 4.50
CA ASP A 932 17.10 13.64 5.83
C ASP A 932 15.80 14.09 6.47
N LEU A 933 14.90 14.68 5.68
CA LEU A 933 13.59 15.00 6.23
C LEU A 933 12.85 13.74 6.66
N HIS A 934 12.92 12.70 5.83
CA HIS A 934 12.29 11.43 6.24
C HIS A 934 12.95 10.88 7.49
N SER A 935 14.26 11.05 7.63
CA SER A 935 14.94 10.60 8.84
C SER A 935 14.48 11.40 10.05
N GLU A 936 14.19 12.68 9.88
CA GLU A 936 13.60 13.45 10.97
C GLU A 936 12.28 12.83 11.40
N ALA A 937 11.44 12.47 10.43
CA ALA A 937 10.17 11.84 10.78
C ALA A 937 10.38 10.52 11.49
N TRP A 938 11.29 9.69 10.99
CA TRP A 938 11.54 8.40 11.61
C TRP A 938 12.06 8.56 13.03
N PHE A 939 12.98 9.51 13.24
CA PHE A 939 13.52 9.76 14.56
C PHE A 939 12.44 10.21 15.52
N LEU A 940 11.55 11.11 15.07
CA LEU A 940 10.45 11.54 15.93
C LEU A 940 9.56 10.37 16.29
N PHE A 941 9.23 9.53 15.31
CA PHE A 941 8.35 8.39 15.59
C PHE A 941 8.98 7.44 16.59
N LEU A 942 10.25 7.10 16.39
CA LEU A 942 10.94 6.19 17.31
C LEU A 942 10.98 6.79 18.71
N THR A 943 11.33 8.06 18.82
CA THR A 943 11.48 8.67 20.13
C THR A 943 10.14 8.75 20.86
N THR A 944 9.07 9.13 20.17
CA THR A 944 7.79 9.22 20.85
C THR A 944 7.29 7.84 21.28
N SER A 945 7.51 6.82 20.44
CA SER A 945 7.14 5.47 20.86
C SER A 945 7.90 5.05 22.11
N ARG A 946 9.21 5.32 22.14
CA ARG A 946 9.99 4.95 23.31
C ARG A 946 9.56 5.73 24.55
N TRP A 947 9.17 6.99 24.38
CA TRP A 947 8.70 7.80 25.50
C TRP A 947 7.45 7.19 26.12
N PHE A 948 6.47 6.86 25.27
CA PHE A 948 5.26 6.24 25.79
C PHE A 948 5.57 4.91 26.46
N ALA A 949 6.46 4.12 25.85
CA ALA A 949 6.82 2.84 26.42
C ALA A 949 7.47 3.02 27.79
N VAL A 950 8.36 4.00 27.93
CA VAL A 950 9.01 4.23 29.22
C VAL A 950 7.98 4.57 30.28
N ARG A 951 7.06 5.48 29.96
CA ARG A 951 6.09 5.88 30.97
C ARG A 951 5.21 4.71 31.40
N LEU A 952 4.69 3.96 30.43
CA LEU A 952 3.77 2.89 30.80
C LEU A 952 4.50 1.76 31.51
N ASP A 953 5.74 1.47 31.10
CA ASP A 953 6.52 0.44 31.77
C ASP A 953 6.86 0.89 33.19
N ALA A 954 7.08 2.19 33.39
CA ALA A 954 7.26 2.70 34.74
C ALA A 954 6.02 2.48 35.58
N ILE A 955 4.84 2.66 34.97
CA ILE A 955 3.60 2.35 35.69
C ILE A 955 3.59 0.88 36.13
N CYS A 956 3.96 -0.02 35.21
CA CYS A 956 4.00 -1.44 35.54
C CYS A 956 4.97 -1.71 36.69
N ALA A 957 6.15 -1.11 36.62
CA ALA A 957 7.16 -1.33 37.65
C ALA A 957 6.68 -0.81 39.00
N MET A 958 6.01 0.34 39.00
CA MET A 958 5.44 0.85 40.24
C MET A 958 4.42 -0.12 40.81
N PHE A 959 3.61 -0.73 39.94
CA PHE A 959 2.68 -1.74 40.42
C PHE A 959 3.40 -2.92 41.07
N VAL A 960 4.48 -3.38 40.44
CA VAL A 960 5.22 -4.52 40.99
C VAL A 960 5.81 -4.15 42.34
N ILE A 961 6.37 -2.94 42.45
CA ILE A 961 6.89 -2.48 43.73
C ILE A 961 5.79 -2.51 44.78
N ILE A 962 4.61 -2.00 44.42
CA ILE A 962 3.51 -1.95 45.38
C ILE A 962 3.18 -3.36 45.85
N VAL A 963 3.06 -4.30 44.92
CA VAL A 963 2.68 -5.66 45.28
C VAL A 963 3.71 -6.27 46.22
N ALA A 964 4.99 -6.20 45.85
CA ALA A 964 6.02 -6.86 46.65
C ALA A 964 6.13 -6.23 48.05
N PHE A 965 6.21 -4.91 48.11
CA PHE A 965 6.42 -4.28 49.41
C PHE A 965 5.18 -4.37 50.29
N GLY A 966 3.98 -4.28 49.71
CA GLY A 966 2.79 -4.51 50.49
C GLY A 966 2.71 -5.93 51.02
N SER A 967 3.16 -6.89 50.21
CA SER A 967 3.23 -8.27 50.69
C SER A 967 4.15 -8.37 51.89
N LEU A 968 5.29 -7.70 51.84
CA LEU A 968 6.18 -7.72 52.99
C LEU A 968 5.58 -7.00 54.20
N ILE A 969 4.78 -5.95 53.96
CA ILE A 969 4.16 -5.23 55.06
C ILE A 969 3.19 -6.13 55.81
N LEU A 970 2.39 -6.90 55.08
CA LEU A 970 1.34 -7.74 55.66
C LEU A 970 1.77 -9.19 55.78
N ALA A 971 3.04 -9.43 56.09
CA ALA A 971 3.56 -10.79 56.14
C ALA A 971 2.93 -11.64 57.23
N LYS A 972 2.22 -11.03 58.17
CA LYS A 972 1.61 -11.79 59.27
C LYS A 972 0.26 -12.40 58.89
N THR A 973 -0.29 -12.08 57.73
CA THR A 973 -1.59 -12.59 57.33
C THR A 973 -1.54 -13.23 55.95
N LEU A 974 -0.39 -13.75 55.55
CA LEU A 974 -0.24 -14.38 54.25
C LEU A 974 0.52 -15.69 54.37
N ASP A 975 0.28 -16.57 53.41
CA ASP A 975 0.98 -17.84 53.29
C ASP A 975 1.89 -17.80 52.07
N ALA A 976 2.69 -18.86 51.92
CA ALA A 976 3.64 -18.91 50.81
C ALA A 976 2.92 -18.90 49.47
N GLY A 977 1.81 -19.63 49.37
CA GLY A 977 1.21 -19.85 48.07
C GLY A 977 0.72 -18.58 47.40
N GLN A 978 -0.08 -17.79 48.13
CA GLN A 978 -0.68 -16.61 47.52
C GLN A 978 0.39 -15.56 47.19
N VAL A 979 1.37 -15.38 48.07
CA VAL A 979 2.40 -14.39 47.76
C VAL A 979 3.22 -14.84 46.56
N GLY A 980 3.54 -16.13 46.48
CA GLY A 980 4.25 -16.62 45.31
C GLY A 980 3.48 -16.38 44.03
N LEU A 981 2.19 -16.72 44.04
CA LEU A 981 1.36 -16.53 42.86
C LEU A 981 1.28 -15.07 42.46
N ALA A 982 1.01 -14.19 43.42
CA ALA A 982 0.86 -12.78 43.12
C ALA A 982 2.17 -12.20 42.59
N LEU A 983 3.29 -12.54 43.20
CA LEU A 983 4.56 -11.99 42.74
C LEU A 983 4.91 -12.50 41.36
N SER A 984 4.65 -13.78 41.08
CA SER A 984 4.94 -14.29 39.73
C SER A 984 4.10 -13.57 38.69
N TYR A 985 2.81 -13.37 38.97
CA TYR A 985 1.97 -12.71 37.98
C TYR A 985 2.36 -11.24 37.82
N ALA A 986 2.73 -10.58 38.92
CA ALA A 986 3.19 -9.20 38.82
C ALA A 986 4.45 -9.12 37.96
N LEU A 987 5.37 -10.07 38.12
CA LEU A 987 6.55 -10.10 37.26
C LEU A 987 6.15 -10.26 35.80
N THR A 988 5.17 -11.12 35.53
CA THR A 988 4.74 -11.33 34.16
C THR A 988 4.06 -10.10 33.56
N LEU A 989 3.53 -9.20 34.40
CA LEU A 989 2.63 -8.15 33.93
C LEU A 989 3.23 -7.27 32.84
N MET A 990 4.54 -7.06 32.84
CA MET A 990 5.13 -5.96 32.07
C MET A 990 4.91 -6.12 30.56
N GLY A 991 5.49 -7.16 29.98
CA GLY A 991 5.35 -7.36 28.55
C GLY A 991 3.91 -7.54 28.12
N MET A 992 3.11 -8.16 28.99
CA MET A 992 1.68 -8.28 28.70
C MET A 992 1.02 -6.91 28.57
N PHE A 993 1.34 -5.98 29.47
CA PHE A 993 0.75 -4.65 29.37
C PHE A 993 1.22 -3.93 28.11
N GLN A 994 2.52 -4.04 27.81
CA GLN A 994 3.04 -3.50 26.55
C GLN A 994 2.22 -3.97 25.37
N TRP A 995 2.09 -5.29 25.24
CA TRP A 995 1.41 -5.85 24.09
C TRP A 995 -0.06 -5.47 24.07
N CYS A 996 -0.69 -5.45 25.25
CA CYS A 996 -2.12 -5.13 25.30
C CYS A 996 -2.38 -3.72 24.82
N VAL A 997 -1.57 -2.75 25.27
CA VAL A 997 -1.81 -1.39 24.84
C VAL A 997 -1.51 -1.22 23.35
N ARG A 998 -0.43 -1.85 22.87
CA ARG A 998 -0.14 -1.72 21.44
C ARG A 998 -1.24 -2.33 20.60
N GLN A 999 -1.75 -3.50 21.00
CA GLN A 999 -2.83 -4.13 20.26
C GLN A 999 -4.09 -3.28 20.31
N SER A 1000 -4.35 -2.65 21.45
CA SER A 1000 -5.53 -1.79 21.55
C SER A 1000 -5.43 -0.62 20.58
N ALA A 1001 -4.26 0.01 20.51
CA ALA A 1001 -4.08 1.10 19.55
C ALA A 1001 -4.26 0.60 18.12
N GLU A 1002 -3.70 -0.57 17.81
CA GLU A 1002 -3.85 -1.14 16.47
C GLU A 1002 -5.30 -1.37 16.13
N VAL A 1003 -6.05 -1.99 17.04
CA VAL A 1003 -7.46 -2.29 16.81
C VAL A 1003 -8.22 -1.00 16.61
N GLU A 1004 -7.96 0.00 17.44
CA GLU A 1004 -8.71 1.25 17.37
C GLU A 1004 -8.47 1.96 16.05
N ASN A 1005 -7.20 2.09 15.63
CA ASN A 1005 -6.94 2.82 14.40
C ASN A 1005 -7.28 1.99 13.18
N MET A 1006 -7.39 0.67 13.32
CA MET A 1006 -7.64 -0.20 12.19
C MET A 1006 -9.13 -0.51 12.02
N MET A 1007 -9.96 -0.18 13.02
CA MET A 1007 -11.40 -0.30 12.81
C MET A 1007 -11.94 0.79 11.90
N ILE A 1008 -11.12 1.75 11.48
CA ILE A 1008 -11.61 2.74 10.54
C ILE A 1008 -12.05 2.06 9.26
N SER A 1009 -11.44 0.91 8.94
CA SER A 1009 -11.91 0.11 7.82
C SER A 1009 -13.33 -0.36 8.05
N VAL A 1010 -13.63 -0.83 9.25
CA VAL A 1010 -15.00 -1.26 9.56
C VAL A 1010 -15.96 -0.08 9.49
N GLU A 1011 -15.51 1.07 9.96
CA GLU A 1011 -16.37 2.26 9.92
C GLU A 1011 -16.71 2.62 8.48
N ARG A 1012 -15.71 2.61 7.60
CA ARG A 1012 -15.97 2.91 6.19
C ARG A 1012 -16.85 1.83 5.56
N VAL A 1013 -16.64 0.58 5.95
CA VAL A 1013 -17.47 -0.52 5.45
C VAL A 1013 -18.93 -0.29 5.83
N ILE A 1014 -19.16 0.07 7.10
CA ILE A 1014 -20.51 0.32 7.57
C ILE A 1014 -21.13 1.49 6.81
N GLU A 1015 -20.35 2.56 6.61
CA GLU A 1015 -20.85 3.69 5.84
C GLU A 1015 -21.25 3.28 4.44
N TYR A 1016 -20.47 2.39 3.82
CA TYR A 1016 -20.83 1.87 2.51
C TYR A 1016 -22.11 1.04 2.55
N THR A 1017 -22.31 0.29 3.63
CA THR A 1017 -23.51 -0.54 3.71
C THR A 1017 -24.78 0.28 3.88
N ASP A 1018 -24.67 1.58 4.12
CA ASP A 1018 -25.83 2.44 4.38
C ASP A 1018 -25.82 3.62 3.43
N LEU A 1019 -25.64 3.34 2.14
CA LEU A 1019 -25.77 4.37 1.12
C LEU A 1019 -27.18 4.35 0.53
N GLU A 1020 -27.57 5.47 -0.07
CA GLU A 1020 -28.91 5.58 -0.62
C GLU A 1020 -29.10 4.59 -1.76
N LYS A 1021 -30.22 3.88 -1.73
CA LYS A 1021 -30.56 2.90 -2.74
C LYS A 1021 -31.45 3.53 -3.81
N GLU A 1022 -31.92 2.70 -4.74
CA GLU A 1022 -32.86 3.14 -5.75
C GLU A 1022 -34.08 2.24 -5.75
N ALA A 1023 -34.93 2.40 -6.77
CA ALA A 1023 -36.12 1.58 -6.86
C ALA A 1023 -35.74 0.10 -6.95
N PRO A 1024 -36.54 -0.79 -6.36
CA PRO A 1024 -36.20 -2.22 -6.40
C PRO A 1024 -36.13 -2.75 -7.81
N TRP A 1025 -35.27 -3.74 -8.01
CA TRP A 1025 -35.10 -4.33 -9.34
C TRP A 1025 -36.42 -4.90 -9.85
N GLU A 1026 -37.15 -5.59 -8.99
CA GLU A 1026 -38.39 -6.26 -9.36
C GLU A 1026 -39.55 -5.60 -8.61
N TYR A 1027 -40.58 -5.24 -9.34
CA TYR A 1027 -41.80 -4.70 -8.76
C TYR A 1027 -42.84 -5.81 -8.70
N GLN A 1028 -44.07 -5.45 -8.32
CA GLN A 1028 -45.18 -6.39 -8.27
C GLN A 1028 -46.14 -6.27 -9.44
N LYS A 1029 -45.96 -5.27 -10.31
CA LYS A 1029 -46.88 -5.08 -11.42
C LYS A 1029 -46.75 -6.21 -12.44
N ARG A 1030 -45.52 -6.57 -12.80
CA ARG A 1030 -45.23 -7.67 -13.71
C ARG A 1030 -45.94 -7.49 -15.05
N PRO A 1031 -45.47 -6.58 -15.89
CA PRO A 1031 -46.10 -6.43 -17.21
C PRO A 1031 -45.98 -7.72 -18.00
N PRO A 1032 -46.93 -7.97 -18.90
CA PRO A 1032 -46.99 -9.27 -19.59
C PRO A 1032 -45.75 -9.51 -20.43
N PRO A 1033 -45.40 -10.77 -20.68
CA PRO A 1033 -44.21 -11.06 -21.49
C PRO A 1033 -44.38 -10.54 -22.91
N ALA A 1034 -43.22 -10.28 -23.55
CA ALA A 1034 -43.18 -9.58 -24.84
C ALA A 1034 -43.91 -8.24 -24.75
N TRP A 1035 -43.70 -7.55 -23.63
CA TRP A 1035 -44.40 -6.30 -23.37
C TRP A 1035 -44.25 -5.26 -24.49
N PRO A 1036 -43.07 -5.03 -25.07
CA PRO A 1036 -43.02 -4.10 -26.21
C PRO A 1036 -43.74 -4.65 -27.42
N HIS A 1037 -45.06 -4.65 -27.39
CA HIS A 1037 -45.84 -5.19 -28.51
C HIS A 1037 -45.59 -4.36 -29.78
N GLU A 1038 -45.65 -3.04 -29.66
CA GLU A 1038 -45.45 -2.15 -30.80
C GLU A 1038 -44.33 -1.15 -30.61
N GLY A 1039 -43.83 -0.97 -29.39
CA GLY A 1039 -42.79 0.01 -29.14
C GLY A 1039 -43.25 1.45 -29.34
N VAL A 1040 -44.47 1.77 -28.93
CA VAL A 1040 -44.98 3.13 -29.03
C VAL A 1040 -44.62 3.84 -27.73
N ILE A 1041 -43.59 4.68 -27.79
CA ILE A 1041 -43.12 5.44 -26.65
C ILE A 1041 -43.60 6.88 -26.77
N ILE A 1042 -44.26 7.36 -25.72
CA ILE A 1042 -44.81 8.71 -25.68
C ILE A 1042 -44.18 9.48 -24.53
N PHE A 1043 -43.74 10.69 -24.82
CA PHE A 1043 -43.17 11.58 -23.81
C PHE A 1043 -44.16 12.72 -23.55
N ASP A 1044 -44.38 13.02 -22.27
CA ASP A 1044 -45.32 14.07 -21.87
C ASP A 1044 -44.72 14.81 -20.68
N ASN A 1045 -44.34 16.07 -20.90
CA ASN A 1045 -43.85 16.96 -19.85
C ASN A 1045 -42.68 16.32 -19.09
N VAL A 1046 -41.62 16.03 -19.83
CA VAL A 1046 -40.44 15.39 -19.28
C VAL A 1046 -39.43 16.48 -18.94
N ASN A 1047 -39.37 16.83 -17.66
CA ASN A 1047 -38.38 17.79 -17.15
C ASN A 1047 -37.30 17.00 -16.42
N PHE A 1048 -36.35 16.48 -17.18
CA PHE A 1048 -35.31 15.66 -16.59
C PHE A 1048 -34.40 16.49 -15.69
N MET A 1049 -34.06 15.92 -14.55
CA MET A 1049 -33.19 16.57 -13.57
C MET A 1049 -32.10 15.58 -13.20
N TYR A 1050 -30.84 15.97 -13.41
CA TYR A 1050 -29.75 15.00 -13.40
C TYR A 1050 -29.32 14.62 -11.98
N SER A 1051 -28.85 15.60 -11.22
CA SER A 1051 -28.33 15.35 -9.88
C SER A 1051 -29.12 16.15 -8.86
N PRO A 1052 -29.52 15.54 -7.74
CA PRO A 1052 -30.29 16.27 -6.73
C PRO A 1052 -29.56 17.52 -6.26
N GLY A 1053 -30.22 18.67 -6.43
CA GLY A 1053 -29.64 19.95 -6.12
C GLY A 1053 -28.80 20.54 -7.24
N GLY A 1054 -28.61 19.81 -8.34
CA GLY A 1054 -27.82 20.30 -9.44
C GLY A 1054 -28.67 21.00 -10.48
N PRO A 1055 -28.11 21.21 -11.66
CA PRO A 1055 -28.87 21.88 -12.73
C PRO A 1055 -29.88 20.95 -13.37
N LEU A 1056 -30.89 21.56 -13.99
CA LEU A 1056 -31.94 20.84 -14.70
C LEU A 1056 -31.57 20.84 -16.18
N VAL A 1057 -31.09 19.69 -16.67
CA VAL A 1057 -30.58 19.63 -18.03
C VAL A 1057 -31.71 19.73 -19.05
N LEU A 1058 -32.79 18.99 -18.83
CA LEU A 1058 -33.85 18.85 -19.80
C LEU A 1058 -35.20 19.20 -19.18
N LYS A 1059 -36.03 19.93 -19.94
CA LYS A 1059 -37.34 20.36 -19.45
C LYS A 1059 -38.37 20.23 -20.56
N HIS A 1060 -39.57 19.79 -20.18
CA HIS A 1060 -40.76 19.83 -21.03
C HIS A 1060 -40.52 19.14 -22.37
N LEU A 1061 -40.07 17.88 -22.31
CA LEU A 1061 -39.90 17.08 -23.51
C LEU A 1061 -41.20 16.34 -23.80
N THR A 1062 -41.73 16.54 -25.00
CA THR A 1062 -42.99 15.95 -25.44
C THR A 1062 -42.82 15.23 -26.77
N ALA A 1063 -41.77 14.43 -26.88
CA ALA A 1063 -41.52 13.67 -28.10
C ALA A 1063 -42.58 12.59 -28.27
N LEU A 1064 -43.09 12.47 -29.49
CA LEU A 1064 -44.14 11.51 -29.82
C LEU A 1064 -43.55 10.55 -30.87
N ILE A 1065 -43.00 9.44 -30.40
CA ILE A 1065 -42.38 8.45 -31.27
C ILE A 1065 -43.37 7.33 -31.52
N LYS A 1066 -43.63 7.05 -32.80
CA LYS A 1066 -44.57 6.03 -33.19
C LYS A 1066 -43.86 4.69 -33.38
N SER A 1067 -44.64 3.65 -33.67
CA SER A 1067 -44.07 2.32 -33.87
C SER A 1067 -43.25 2.27 -35.15
N GLN A 1068 -42.11 1.59 -35.08
CA GLN A 1068 -41.23 1.37 -36.24
C GLN A 1068 -40.84 2.70 -36.89
N GLU A 1069 -40.29 3.60 -36.08
CA GLU A 1069 -39.81 4.89 -36.56
C GLU A 1069 -38.32 5.00 -36.25
N LYS A 1070 -37.52 5.21 -37.29
CA LYS A 1070 -36.07 5.35 -37.13
C LYS A 1070 -35.76 6.82 -36.92
N VAL A 1071 -35.62 7.23 -35.67
CA VAL A 1071 -35.41 8.62 -35.31
C VAL A 1071 -33.92 8.87 -35.11
N GLY A 1072 -33.37 9.76 -35.92
CA GLY A 1072 -31.98 10.17 -35.80
C GLY A 1072 -31.82 11.38 -34.90
N ILE A 1073 -31.98 11.17 -33.60
CA ILE A 1073 -32.05 12.29 -32.67
C ILE A 1073 -30.71 13.03 -32.64
N VAL A 1074 -30.77 14.34 -32.38
CA VAL A 1074 -29.57 15.18 -32.33
C VAL A 1074 -29.91 16.42 -31.53
N GLY A 1075 -28.86 17.08 -31.01
CA GLY A 1075 -29.03 18.31 -30.27
C GLY A 1075 -28.28 18.35 -28.96
N ARG A 1076 -27.93 19.55 -28.50
CA ARG A 1076 -27.23 19.76 -27.23
C ARG A 1076 -25.93 18.96 -27.18
N THR A 1077 -25.19 18.98 -28.30
CA THR A 1077 -23.91 18.29 -28.41
C THR A 1077 -24.01 16.84 -27.98
N GLY A 1078 -23.43 16.50 -26.84
CA GLY A 1078 -23.49 15.16 -26.31
C GLY A 1078 -24.02 15.09 -24.90
N ALA A 1079 -23.97 16.22 -24.18
CA ALA A 1079 -24.46 16.26 -22.81
C ALA A 1079 -25.97 16.07 -22.77
N GLY A 1080 -26.70 16.81 -23.62
CA GLY A 1080 -28.14 16.63 -23.67
C GLY A 1080 -28.55 15.25 -24.15
N LYS A 1081 -27.81 14.71 -25.11
CA LYS A 1081 -28.08 13.35 -25.59
C LYS A 1081 -27.90 12.33 -24.47
N SER A 1082 -26.81 12.45 -23.70
CA SER A 1082 -26.58 11.54 -22.59
C SER A 1082 -27.66 11.69 -21.54
N SER A 1083 -28.08 12.92 -21.25
CA SER A 1083 -29.16 13.14 -20.30
C SER A 1083 -30.44 12.48 -20.78
N LEU A 1084 -30.75 12.61 -22.07
CA LEU A 1084 -31.97 12.02 -22.61
C LEU A 1084 -31.95 10.51 -22.51
N ILE A 1085 -30.83 9.88 -22.88
CA ILE A 1085 -30.79 8.42 -22.86
C ILE A 1085 -30.84 7.91 -21.42
N SER A 1086 -30.17 8.61 -20.50
CA SER A 1086 -30.23 8.20 -19.10
C SER A 1086 -31.64 8.33 -18.55
N ALA A 1087 -32.33 9.42 -18.90
CA ALA A 1087 -33.70 9.61 -18.43
C ALA A 1087 -34.64 8.55 -18.99
N LEU A 1088 -34.50 8.24 -20.28
CA LEU A 1088 -35.34 7.21 -20.88
C LEU A 1088 -35.11 5.86 -20.21
N PHE A 1089 -33.85 5.56 -19.89
CA PHE A 1089 -33.49 4.24 -19.41
C PHE A 1089 -33.86 4.03 -17.95
N ARG A 1090 -34.46 5.01 -17.28
CA ARG A 1090 -34.70 5.01 -15.84
C ARG A 1090 -33.39 4.92 -15.05
N LEU A 1091 -32.26 5.07 -15.73
CA LEU A 1091 -30.97 4.99 -15.04
C LEU A 1091 -30.84 6.11 -14.01
N SER A 1092 -31.23 7.32 -14.40
CA SER A 1092 -31.42 8.42 -13.46
C SER A 1092 -32.88 8.45 -13.03
N GLU A 1093 -33.31 9.57 -12.44
CA GLU A 1093 -34.69 9.72 -11.99
C GLU A 1093 -35.50 10.43 -13.07
N PRO A 1094 -36.42 9.76 -13.75
CA PRO A 1094 -37.14 10.40 -14.86
C PRO A 1094 -38.26 11.31 -14.40
N GLU A 1095 -37.93 12.56 -14.07
CA GLU A 1095 -38.96 13.53 -13.68
C GLU A 1095 -39.75 13.93 -14.91
N GLY A 1096 -40.86 13.25 -15.13
CA GLY A 1096 -41.69 13.49 -16.31
C GLY A 1096 -42.62 12.33 -16.54
N LYS A 1097 -43.38 12.45 -17.63
CA LYS A 1097 -44.36 11.44 -17.99
C LYS A 1097 -43.83 10.62 -19.17
N ILE A 1098 -43.72 9.31 -18.98
CA ILE A 1098 -43.25 8.40 -20.02
C ILE A 1098 -44.23 7.26 -20.15
N TRP A 1099 -44.86 7.13 -21.31
CA TRP A 1099 -45.69 5.98 -21.65
C TRP A 1099 -44.88 5.12 -22.61
N ILE A 1100 -44.07 4.21 -22.05
CA ILE A 1100 -43.35 3.25 -22.88
C ILE A 1100 -44.31 2.09 -23.15
N ASP A 1101 -44.82 2.03 -24.38
CA ASP A 1101 -45.89 1.12 -24.75
C ASP A 1101 -47.06 1.23 -23.77
N LYS A 1102 -47.55 2.47 -23.63
CA LYS A 1102 -48.71 2.84 -22.81
C LYS A 1102 -48.56 2.41 -21.35
N ILE A 1103 -47.33 2.16 -20.89
CA ILE A 1103 -47.06 1.78 -19.52
C ILE A 1103 -46.12 2.82 -18.91
N LEU A 1104 -46.46 3.30 -17.72
CA LEU A 1104 -45.60 4.26 -17.04
C LEU A 1104 -44.32 3.58 -16.57
N THR A 1105 -43.19 4.28 -16.74
CA THR A 1105 -41.92 3.75 -16.27
C THR A 1105 -41.90 3.59 -14.77
N THR A 1106 -42.71 4.37 -14.05
CA THR A 1106 -42.73 4.27 -12.59
C THR A 1106 -43.27 2.92 -12.12
N GLU A 1107 -44.31 2.42 -12.78
CA GLU A 1107 -44.96 1.19 -12.36
C GLU A 1107 -44.26 -0.07 -12.84
N ILE A 1108 -43.02 0.03 -13.29
CA ILE A 1108 -42.23 -1.12 -13.71
C ILE A 1108 -40.99 -1.20 -12.83
N GLY A 1109 -40.66 -2.42 -12.39
CA GLY A 1109 -39.41 -2.63 -11.69
C GLY A 1109 -38.23 -2.34 -12.58
N LEU A 1110 -37.11 -1.99 -11.94
CA LEU A 1110 -35.94 -1.54 -12.70
C LEU A 1110 -35.45 -2.62 -13.65
N HIS A 1111 -35.23 -3.84 -13.13
CA HIS A 1111 -34.70 -4.90 -13.97
C HIS A 1111 -35.66 -5.26 -15.08
N ASP A 1112 -36.97 -5.22 -14.79
CA ASP A 1112 -37.96 -5.59 -15.80
C ASP A 1112 -37.85 -4.69 -17.03
N LEU A 1113 -37.68 -3.38 -16.81
CA LEU A 1113 -37.43 -2.49 -17.93
C LEU A 1113 -36.03 -2.73 -18.51
N ARG A 1114 -35.07 -3.07 -17.66
CA ARG A 1114 -33.69 -3.21 -18.13
C ARG A 1114 -33.54 -4.31 -19.16
N LYS A 1115 -34.22 -5.44 -18.95
CA LYS A 1115 -34.04 -6.59 -19.85
C LYS A 1115 -34.44 -6.23 -21.28
N LYS A 1116 -35.72 -5.94 -21.50
CA LYS A 1116 -36.24 -5.74 -22.85
C LYS A 1116 -35.99 -4.31 -23.33
N MET A 1117 -34.69 -3.99 -23.40
CA MET A 1117 -34.24 -2.67 -23.86
C MET A 1117 -32.84 -2.83 -24.44
N SER A 1118 -32.77 -2.90 -25.76
CA SER A 1118 -31.50 -3.14 -26.44
C SER A 1118 -30.77 -1.83 -26.71
N ILE A 1119 -29.47 -1.83 -26.44
CA ILE A 1119 -28.65 -0.64 -26.62
C ILE A 1119 -27.25 -1.07 -27.05
N ILE A 1120 -26.73 -0.41 -28.08
CA ILE A 1120 -25.35 -0.52 -28.51
C ILE A 1120 -24.66 0.81 -28.19
N PRO A 1121 -23.80 0.85 -27.18
CA PRO A 1121 -23.21 2.12 -26.77
C PRO A 1121 -21.95 2.47 -27.55
N GLN A 1122 -21.34 3.60 -27.21
CA GLN A 1122 -20.10 4.00 -27.86
C GLN A 1122 -18.91 3.19 -27.38
N GLU A 1123 -18.95 2.69 -26.14
CA GLU A 1123 -17.84 1.94 -25.59
C GLU A 1123 -18.20 0.47 -25.48
N PRO A 1124 -17.67 -0.39 -26.34
CA PRO A 1124 -17.94 -1.84 -26.24
C PRO A 1124 -16.96 -2.55 -25.31
N VAL A 1125 -17.20 -2.41 -24.01
CA VAL A 1125 -16.33 -3.00 -23.01
C VAL A 1125 -16.58 -4.50 -22.93
N LEU A 1126 -15.51 -5.26 -22.76
CA LEU A 1126 -15.58 -6.72 -22.65
C LEU A 1126 -15.07 -7.15 -21.28
N PHE A 1127 -15.63 -8.25 -20.78
CA PHE A 1127 -15.30 -8.76 -19.46
C PHE A 1127 -14.50 -10.05 -19.60
N THR A 1128 -13.51 -10.21 -18.72
CA THR A 1128 -12.70 -11.42 -18.72
C THR A 1128 -13.54 -12.62 -18.32
N GLY A 1129 -13.19 -13.77 -18.89
CA GLY A 1129 -13.91 -15.00 -18.62
C GLY A 1129 -14.04 -15.87 -19.85
N THR A 1130 -15.25 -16.30 -20.16
CA THR A 1130 -15.52 -17.13 -21.33
C THR A 1130 -16.34 -16.34 -22.34
N MET A 1131 -16.25 -16.78 -23.60
CA MET A 1131 -17.03 -16.14 -24.66
C MET A 1131 -18.52 -16.31 -24.41
N ARG A 1132 -18.95 -17.53 -24.08
CA ARG A 1132 -20.37 -17.83 -23.97
C ARG A 1132 -21.06 -16.89 -22.99
N LYS A 1133 -20.41 -16.58 -21.88
CA LYS A 1133 -20.97 -15.59 -20.95
C LYS A 1133 -21.09 -14.23 -21.62
N ASN A 1134 -20.09 -13.85 -22.42
CA ASN A 1134 -20.14 -12.56 -23.09
C ASN A 1134 -21.32 -12.47 -24.05
N LEU A 1135 -21.56 -13.52 -24.83
CA LEU A 1135 -22.77 -13.53 -25.64
C LEU A 1135 -24.02 -13.77 -24.79
N ASP A 1136 -23.94 -14.69 -23.84
CA ASP A 1136 -25.11 -15.05 -23.04
C ASP A 1136 -24.63 -15.41 -21.63
N PRO A 1137 -24.73 -14.49 -20.69
CA PRO A 1137 -24.26 -14.79 -19.32
C PRO A 1137 -25.26 -15.65 -18.56
N PHE A 1138 -26.54 -15.45 -18.81
CA PHE A 1138 -27.57 -16.24 -18.16
C PHE A 1138 -27.74 -17.63 -18.76
N ASN A 1139 -27.20 -17.87 -19.96
CA ASN A 1139 -27.19 -19.18 -20.60
C ASN A 1139 -28.61 -19.73 -20.76
N GLU A 1140 -29.40 -19.00 -21.54
CA GLU A 1140 -30.75 -19.43 -21.88
C GLU A 1140 -30.96 -19.57 -23.38
N HIS A 1141 -29.92 -19.38 -24.19
CA HIS A 1141 -30.00 -19.51 -25.64
C HIS A 1141 -29.21 -20.72 -26.08
N THR A 1142 -29.82 -21.55 -26.92
CA THR A 1142 -29.15 -22.75 -27.41
C THR A 1142 -27.97 -22.37 -28.30
N ASP A 1143 -27.02 -23.31 -28.42
CA ASP A 1143 -25.76 -23.01 -29.09
C ASP A 1143 -25.98 -22.74 -30.57
N GLU A 1144 -27.01 -23.32 -31.17
CA GLU A 1144 -27.28 -23.09 -32.59
C GLU A 1144 -27.61 -21.62 -32.85
N GLU A 1145 -28.39 -21.00 -31.98
CA GLU A 1145 -28.68 -19.57 -32.13
C GLU A 1145 -27.40 -18.76 -32.00
N LEU A 1146 -26.52 -19.15 -31.09
CA LEU A 1146 -25.24 -18.44 -30.95
C LEU A 1146 -24.42 -18.55 -32.23
N TRP A 1147 -24.40 -19.75 -32.84
CA TRP A 1147 -23.67 -19.91 -34.09
C TRP A 1147 -24.29 -19.07 -35.20
N ASN A 1148 -25.63 -19.02 -35.26
CA ASN A 1148 -26.30 -18.19 -36.26
C ASN A 1148 -25.95 -16.73 -36.08
N ALA A 1149 -25.94 -16.25 -34.83
CA ALA A 1149 -25.56 -14.88 -34.57
C ALA A 1149 -24.12 -14.61 -34.97
N LEU A 1150 -23.21 -15.54 -34.66
CA LEU A 1150 -21.82 -15.37 -35.03
C LEU A 1150 -21.67 -15.33 -36.55
N GLN A 1151 -22.46 -16.12 -37.27
CA GLN A 1151 -22.48 -16.02 -38.72
C GLN A 1151 -22.98 -14.66 -39.17
N GLU A 1152 -24.00 -14.13 -38.50
CA GLU A 1152 -24.52 -12.82 -38.85
C GLU A 1152 -23.46 -11.74 -38.67
N VAL A 1153 -22.69 -11.81 -37.58
CA VAL A 1153 -21.62 -10.85 -37.33
C VAL A 1153 -20.34 -11.21 -38.06
N GLN A 1154 -20.33 -12.30 -38.82
CA GLN A 1154 -19.16 -12.73 -39.60
C GLN A 1154 -17.94 -12.94 -38.71
N LEU A 1155 -18.16 -13.54 -37.54
CA LEU A 1155 -17.09 -13.88 -36.63
C LEU A 1155 -17.07 -15.36 -36.26
N LYS A 1156 -17.86 -16.18 -36.96
CA LYS A 1156 -17.87 -17.61 -36.67
C LYS A 1156 -16.50 -18.23 -36.92
N GLU A 1157 -15.87 -17.89 -38.04
CA GLU A 1157 -14.54 -18.40 -38.32
C GLU A 1157 -13.50 -17.81 -37.37
N THR A 1158 -13.72 -16.58 -36.89
CA THR A 1158 -12.78 -15.96 -35.97
C THR A 1158 -12.74 -16.70 -34.64
N ILE A 1159 -13.90 -17.11 -34.14
CA ILE A 1159 -13.92 -17.85 -32.87
C ILE A 1159 -13.59 -19.32 -33.11
N GLU A 1160 -13.84 -19.83 -34.32
CA GLU A 1160 -13.56 -21.24 -34.59
C GLU A 1160 -12.06 -21.53 -34.49
N ASP A 1161 -11.22 -20.64 -35.00
CA ASP A 1161 -9.79 -20.86 -34.94
C ASP A 1161 -9.23 -20.66 -33.54
N LEU A 1162 -9.98 -20.00 -32.66
CA LEU A 1162 -9.51 -19.80 -31.30
C LEU A 1162 -9.48 -21.14 -30.57
N PRO A 1163 -8.37 -21.50 -29.91
CA PRO A 1163 -8.31 -22.80 -29.25
C PRO A 1163 -9.36 -22.99 -28.16
N GLY A 1164 -9.71 -21.93 -27.43
CA GLY A 1164 -10.68 -22.05 -26.37
C GLY A 1164 -12.11 -22.24 -26.85
N LYS A 1165 -12.41 -21.81 -28.07
CA LYS A 1165 -13.75 -21.94 -28.67
C LYS A 1165 -14.74 -21.24 -27.77
N MET A 1166 -15.85 -21.86 -27.38
CA MET A 1166 -16.82 -21.19 -26.52
C MET A 1166 -16.24 -20.92 -25.14
N ASP A 1167 -15.28 -21.73 -24.70
CA ASP A 1167 -14.63 -21.54 -23.41
C ASP A 1167 -13.32 -20.77 -23.53
N THR A 1168 -13.23 -19.86 -24.51
CA THR A 1168 -12.00 -19.12 -24.73
C THR A 1168 -11.76 -18.13 -23.58
N GLU A 1169 -10.55 -18.16 -23.04
CA GLU A 1169 -10.14 -17.18 -22.05
C GLU A 1169 -9.88 -15.84 -22.75
N LEU A 1170 -10.22 -14.77 -22.06
CA LEU A 1170 -10.05 -13.42 -22.58
C LEU A 1170 -9.01 -12.66 -21.76
N ALA A 1171 -8.20 -11.87 -22.46
CA ALA A 1171 -7.17 -11.08 -21.79
C ALA A 1171 -7.84 -9.93 -21.05
N GLU A 1172 -7.02 -9.03 -20.49
CA GLU A 1172 -7.54 -7.91 -19.72
C GLU A 1172 -8.43 -7.04 -20.61
N SER A 1173 -9.74 -7.07 -20.34
CA SER A 1173 -10.73 -6.31 -21.11
C SER A 1173 -10.65 -6.65 -22.61
N GLY A 1174 -10.40 -7.92 -22.92
CA GLY A 1174 -10.35 -8.36 -24.29
C GLY A 1174 -9.26 -7.68 -25.10
N SER A 1175 -8.05 -7.64 -24.55
CA SER A 1175 -6.95 -6.93 -25.22
C SER A 1175 -6.65 -7.53 -26.58
N ASN A 1176 -6.64 -8.86 -26.68
CA ASN A 1176 -6.37 -9.50 -27.96
C ASN A 1176 -7.44 -9.18 -29.00
N PHE A 1177 -8.71 -9.13 -28.57
CA PHE A 1177 -9.78 -8.74 -29.48
C PHE A 1177 -9.64 -7.28 -29.88
N SER A 1178 -9.94 -7.00 -31.14
CA SER A 1178 -9.89 -5.64 -31.65
C SER A 1178 -11.18 -4.89 -31.33
N VAL A 1179 -11.12 -3.56 -31.45
CA VAL A 1179 -12.30 -2.73 -31.17
C VAL A 1179 -13.44 -3.09 -32.11
N GLY A 1180 -13.13 -3.36 -33.38
CA GLY A 1180 -14.15 -3.80 -34.31
C GLY A 1180 -14.84 -5.06 -33.82
N GLN A 1181 -14.05 -6.02 -33.34
CA GLN A 1181 -14.64 -7.23 -32.77
C GLN A 1181 -15.44 -6.92 -31.51
N ARG A 1182 -15.05 -5.89 -30.76
CA ARG A 1182 -15.80 -5.52 -29.57
C ARG A 1182 -17.19 -5.00 -29.94
N GLN A 1183 -17.27 -4.09 -30.90
CA GLN A 1183 -18.59 -3.67 -31.35
C GLN A 1183 -19.36 -4.81 -32.02
N LEU A 1184 -18.65 -5.75 -32.66
CA LEU A 1184 -19.32 -6.90 -33.24
C LEU A 1184 -19.99 -7.76 -32.17
N VAL A 1185 -19.26 -8.07 -31.09
CA VAL A 1185 -19.88 -8.88 -30.05
C VAL A 1185 -20.98 -8.09 -29.36
N CYS A 1186 -20.83 -6.77 -29.22
CA CYS A 1186 -21.89 -5.96 -28.63
C CYS A 1186 -23.17 -6.03 -29.46
N LEU A 1187 -23.06 -5.88 -30.78
CA LEU A 1187 -24.27 -5.92 -31.58
C LEU A 1187 -24.80 -7.35 -31.72
N ALA A 1188 -23.94 -8.36 -31.57
CA ALA A 1188 -24.43 -9.73 -31.45
C ALA A 1188 -25.28 -9.90 -30.20
N ARG A 1189 -24.82 -9.34 -29.08
CA ARG A 1189 -25.64 -9.33 -27.87
C ARG A 1189 -26.96 -8.63 -28.13
N ALA A 1190 -26.92 -7.52 -28.84
CA ALA A 1190 -28.14 -6.80 -29.17
C ALA A 1190 -29.08 -7.66 -30.00
N ILE A 1191 -28.53 -8.43 -30.94
CA ILE A 1191 -29.35 -9.34 -31.73
C ILE A 1191 -29.99 -10.39 -30.83
N LEU A 1192 -29.21 -10.95 -29.91
CA LEU A 1192 -29.74 -11.95 -29.00
C LEU A 1192 -30.80 -11.38 -28.05
N ARG A 1193 -30.76 -10.06 -27.80
CA ARG A 1193 -31.78 -9.46 -26.95
C ARG A 1193 -33.16 -9.57 -27.58
N LYS A 1194 -33.24 -9.43 -28.90
CA LYS A 1194 -34.50 -9.53 -29.65
C LYS A 1194 -35.52 -8.51 -29.17
N ASN A 1195 -35.06 -7.37 -28.70
CA ASN A 1195 -35.96 -6.30 -28.28
C ASN A 1195 -36.49 -5.54 -29.49
N GLN A 1196 -37.77 -5.15 -29.41
CA GLN A 1196 -38.42 -4.51 -30.53
C GLN A 1196 -37.86 -3.13 -30.83
N ILE A 1197 -37.29 -2.45 -29.84
CA ILE A 1197 -36.77 -1.10 -30.01
C ILE A 1197 -35.33 -1.05 -29.52
N LEU A 1198 -34.51 -0.26 -30.22
CA LEU A 1198 -33.07 -0.28 -30.04
C LEU A 1198 -32.52 1.13 -29.92
N ILE A 1199 -31.44 1.27 -29.14
CA ILE A 1199 -30.73 2.52 -28.96
C ILE A 1199 -29.32 2.35 -29.53
N ILE A 1200 -28.85 3.34 -30.28
CA ILE A 1200 -27.51 3.30 -30.87
C ILE A 1200 -26.80 4.59 -30.51
N ASP A 1201 -25.71 4.49 -29.74
CA ASP A 1201 -25.01 5.66 -29.22
C ASP A 1201 -23.61 5.74 -29.83
N GLU A 1202 -23.50 6.43 -30.96
CA GLU A 1202 -22.22 6.77 -31.59
C GLU A 1202 -21.34 5.54 -31.76
N ALA A 1203 -21.85 4.57 -32.52
CA ALA A 1203 -21.11 3.32 -32.71
C ALA A 1203 -19.85 3.53 -33.55
N THR A 1204 -19.99 4.22 -34.68
CA THR A 1204 -18.90 4.39 -35.64
C THR A 1204 -18.31 5.79 -35.60
N ALA A 1205 -18.19 6.37 -34.41
CA ALA A 1205 -17.68 7.75 -34.30
C ALA A 1205 -16.19 7.82 -34.64
N ASN A 1206 -15.39 6.92 -34.09
CA ASN A 1206 -13.95 6.96 -34.27
C ASN A 1206 -13.40 5.56 -34.53
N VAL A 1207 -14.06 4.82 -35.43
CA VAL A 1207 -13.65 3.48 -35.78
C VAL A 1207 -13.25 3.48 -37.25
N ASP A 1208 -12.51 2.44 -37.65
CA ASP A 1208 -12.01 2.35 -39.00
C ASP A 1208 -13.16 2.26 -39.99
N PRO A 1209 -12.99 2.79 -41.21
CA PRO A 1209 -14.11 2.82 -42.17
C PRO A 1209 -14.67 1.45 -42.51
N ARG A 1210 -13.85 0.40 -42.53
CA ARG A 1210 -14.34 -0.92 -42.89
C ARG A 1210 -15.32 -1.42 -41.82
N THR A 1211 -14.94 -1.31 -40.56
CA THR A 1211 -15.85 -1.64 -39.47
C THR A 1211 -17.06 -0.71 -39.47
N ASP A 1212 -16.84 0.57 -39.77
CA ASP A 1212 -17.95 1.51 -39.85
C ASP A 1212 -19.01 1.02 -40.83
N GLU A 1213 -18.58 0.64 -42.04
CA GLU A 1213 -19.55 0.26 -43.06
C GLU A 1213 -20.18 -1.08 -42.76
N LEU A 1214 -19.41 -2.04 -42.22
CA LEU A 1214 -20.03 -3.32 -41.91
C LEU A 1214 -21.07 -3.15 -40.79
N ILE A 1215 -20.77 -2.31 -39.80
CA ILE A 1215 -21.74 -2.05 -38.74
C ILE A 1215 -22.97 -1.35 -39.29
N GLN A 1216 -22.77 -0.36 -40.16
CA GLN A 1216 -23.90 0.36 -40.73
C GLN A 1216 -24.80 -0.58 -41.52
N LYS A 1217 -24.20 -1.47 -42.31
CA LYS A 1217 -25.01 -2.45 -43.03
C LYS A 1217 -25.73 -3.39 -42.07
N LYS A 1218 -25.07 -3.77 -40.98
CA LYS A 1218 -25.72 -4.63 -39.99
C LYS A 1218 -26.97 -3.96 -39.44
N ILE A 1219 -26.87 -2.68 -39.07
CA ILE A 1219 -28.07 -1.99 -38.58
C ILE A 1219 -29.09 -1.86 -39.70
N ARG A 1220 -28.64 -1.64 -40.94
CA ARG A 1220 -29.57 -1.41 -42.04
C ARG A 1220 -30.44 -2.63 -42.30
N GLU A 1221 -29.83 -3.80 -42.47
CA GLU A 1221 -30.61 -4.98 -42.85
C GLU A 1221 -30.95 -5.88 -41.66
N LYS A 1222 -29.97 -6.17 -40.79
CA LYS A 1222 -30.24 -7.07 -39.68
C LYS A 1222 -31.21 -6.49 -38.67
N PHE A 1223 -31.46 -5.18 -38.72
CA PHE A 1223 -32.39 -4.52 -37.81
C PHE A 1223 -33.46 -3.76 -38.59
N ALA A 1224 -34.00 -4.40 -39.62
CA ALA A 1224 -35.02 -3.77 -40.46
C ALA A 1224 -36.42 -3.86 -39.88
N HIS A 1225 -36.60 -4.54 -38.75
CA HIS A 1225 -37.92 -4.70 -38.15
C HIS A 1225 -38.02 -4.07 -36.77
N CYS A 1226 -36.98 -3.38 -36.31
CA CYS A 1226 -36.92 -2.86 -34.97
C CYS A 1226 -37.06 -1.34 -34.97
N THR A 1227 -37.79 -0.82 -33.99
CA THR A 1227 -37.98 0.63 -33.83
C THR A 1227 -36.73 1.20 -33.17
N VAL A 1228 -35.68 1.33 -33.97
CA VAL A 1228 -34.39 1.77 -33.44
C VAL A 1228 -34.40 3.28 -33.23
N LEU A 1229 -33.50 3.74 -32.36
CA LEU A 1229 -33.30 5.15 -32.10
C LEU A 1229 -31.81 5.42 -32.17
N THR A 1230 -31.37 6.10 -33.22
CA THR A 1230 -29.96 6.40 -33.43
C THR A 1230 -29.64 7.71 -32.75
N ILE A 1231 -29.04 7.64 -31.57
CA ILE A 1231 -28.66 8.83 -30.81
C ILE A 1231 -27.17 9.04 -31.06
N ALA A 1232 -26.86 9.89 -32.04
CA ALA A 1232 -25.49 10.17 -32.42
C ALA A 1232 -25.43 11.49 -33.14
N HIS A 1233 -24.24 12.08 -33.18
CA HIS A 1233 -24.00 13.34 -33.86
C HIS A 1233 -23.40 13.17 -35.24
N ARG A 1234 -23.23 11.93 -35.71
CA ARG A 1234 -22.63 11.69 -37.01
C ARG A 1234 -23.65 11.93 -38.12
N LEU A 1235 -23.19 12.58 -39.20
CA LEU A 1235 -24.10 12.95 -40.28
C LEU A 1235 -24.67 11.73 -40.98
N ASN A 1236 -23.81 10.74 -41.27
CA ASN A 1236 -24.28 9.56 -41.99
C ASN A 1236 -25.32 8.80 -41.20
N THR A 1237 -25.17 8.74 -39.88
CA THR A 1237 -26.15 8.03 -39.05
C THR A 1237 -27.51 8.69 -39.12
N ILE A 1238 -27.56 10.03 -39.15
CA ILE A 1238 -28.83 10.74 -39.06
C ILE A 1238 -29.48 10.99 -40.42
N ILE A 1239 -28.70 10.98 -41.51
CA ILE A 1239 -29.29 11.20 -42.83
C ILE A 1239 -30.26 10.09 -43.18
N ASP A 1240 -29.88 8.83 -42.91
CA ASP A 1240 -30.74 7.70 -43.26
C ASP A 1240 -32.04 7.72 -42.46
N SER A 1241 -32.03 8.29 -41.26
CA SER A 1241 -33.21 8.28 -40.41
C SER A 1241 -34.34 9.06 -41.07
N ASP A 1242 -35.54 8.48 -41.03
CA ASP A 1242 -36.70 9.11 -41.66
C ASP A 1242 -37.25 10.28 -40.86
N LYS A 1243 -37.04 10.30 -39.54
CA LYS A 1243 -37.57 11.35 -38.69
C LYS A 1243 -36.49 11.89 -37.77
N ILE A 1244 -36.46 13.21 -37.63
CA ILE A 1244 -35.58 13.90 -36.69
C ILE A 1244 -36.43 14.90 -35.93
N MET A 1245 -36.30 14.92 -34.60
CA MET A 1245 -37.14 15.76 -33.77
C MET A 1245 -36.47 17.12 -33.68
N VAL A 1246 -37.22 18.18 -33.98
CA VAL A 1246 -36.71 19.55 -33.91
C VAL A 1246 -37.34 20.23 -32.70
N LEU A 1247 -36.49 20.74 -31.80
CA LEU A 1247 -36.95 21.37 -30.58
C LEU A 1247 -36.34 22.76 -30.47
N ASP A 1248 -37.19 23.75 -30.17
CA ASP A 1248 -36.75 25.10 -29.86
C ASP A 1248 -37.50 25.58 -28.64
N SER A 1249 -36.76 25.90 -27.58
CA SER A 1249 -37.31 26.33 -26.29
C SER A 1249 -38.24 25.30 -25.67
N GLY A 1250 -38.21 24.06 -26.16
CA GLY A 1250 -39.07 23.01 -25.65
C GLY A 1250 -40.48 23.02 -26.19
N ARG A 1251 -40.88 24.05 -26.92
CA ARG A 1251 -42.22 24.16 -27.48
C ARG A 1251 -42.12 24.20 -29.00
N LEU A 1252 -42.65 23.17 -29.65
CA LEU A 1252 -42.63 23.09 -31.12
C LEU A 1252 -43.81 23.87 -31.67
N LYS A 1253 -43.62 25.19 -31.77
CA LYS A 1253 -44.68 26.06 -32.30
C LYS A 1253 -44.94 25.75 -33.77
N GLU A 1254 -43.91 25.49 -34.55
CA GLU A 1254 -44.04 25.18 -35.97
C GLU A 1254 -44.21 23.67 -36.13
N TYR A 1255 -45.44 23.24 -36.39
CA TYR A 1255 -45.75 21.83 -36.57
C TYR A 1255 -45.55 21.49 -38.05
N ASP A 1256 -44.32 21.12 -38.40
CA ASP A 1256 -43.99 20.77 -39.77
C ASP A 1256 -42.90 19.71 -39.74
N GLU A 1257 -42.40 19.34 -40.92
CA GLU A 1257 -41.37 18.33 -41.06
C GLU A 1257 -40.03 18.98 -41.40
N PRO A 1258 -38.91 18.37 -41.00
CA PRO A 1258 -37.61 18.98 -41.27
C PRO A 1258 -37.31 19.13 -42.76
N TYR A 1259 -37.90 18.29 -43.62
CA TYR A 1259 -37.56 18.31 -45.04
C TYR A 1259 -37.85 19.66 -45.68
N VAL A 1260 -38.79 20.43 -45.13
CA VAL A 1260 -39.09 21.74 -45.69
C VAL A 1260 -38.03 22.77 -45.31
N LEU A 1261 -37.13 22.44 -44.38
CA LEU A 1261 -36.05 23.32 -44.00
C LEU A 1261 -34.67 22.72 -44.22
N LEU A 1262 -34.59 21.49 -44.75
CA LEU A 1262 -33.30 20.85 -44.95
C LEU A 1262 -32.47 21.51 -46.04
N GLN A 1263 -33.09 22.29 -46.92
CA GLN A 1263 -32.35 22.92 -48.01
C GLN A 1263 -31.77 24.26 -47.54
N ASN A 1264 -31.01 24.22 -46.45
CA ASN A 1264 -30.29 25.36 -45.87
C ASN A 1264 -31.14 26.64 -45.89
N LYS A 1265 -32.27 26.57 -45.20
CA LYS A 1265 -33.07 27.76 -44.88
C LYS A 1265 -33.28 27.87 -43.37
N GLU A 1266 -32.33 27.38 -42.60
CA GLU A 1266 -32.36 27.43 -41.15
C GLU A 1266 -30.94 27.74 -40.68
N SER A 1267 -30.68 27.56 -39.39
CA SER A 1267 -29.36 27.88 -38.83
C SER A 1267 -28.50 26.62 -38.71
N LEU A 1268 -28.94 25.63 -37.93
CA LEU A 1268 -28.10 24.47 -37.66
C LEU A 1268 -27.83 23.67 -38.93
N PHE A 1269 -28.90 23.28 -39.64
CA PHE A 1269 -28.73 22.52 -40.86
C PHE A 1269 -27.88 23.26 -41.86
N TYR A 1270 -27.95 24.60 -41.84
CA TYR A 1270 -27.03 25.39 -42.65
C TYR A 1270 -25.58 25.12 -42.24
N LYS A 1271 -25.31 25.07 -40.93
CA LYS A 1271 -23.95 24.80 -40.48
C LYS A 1271 -23.46 23.44 -40.97
N MET A 1272 -24.25 22.38 -40.77
CA MET A 1272 -23.78 21.08 -41.22
C MET A 1272 -23.62 21.04 -42.74
N VAL A 1273 -24.59 21.59 -43.48
CA VAL A 1273 -24.56 21.52 -44.94
C VAL A 1273 -23.33 22.25 -45.48
N GLN A 1274 -23.02 23.43 -44.95
CA GLN A 1274 -21.86 24.17 -45.45
C GLN A 1274 -20.55 23.54 -44.98
N GLN A 1275 -20.38 23.39 -43.66
CA GLN A 1275 -19.10 22.95 -43.13
C GLN A 1275 -18.83 21.49 -43.47
N LEU A 1276 -19.71 20.59 -43.04
CA LEU A 1276 -19.45 19.16 -43.16
C LEU A 1276 -20.07 18.54 -44.42
N GLY A 1277 -20.68 19.35 -45.28
CA GLY A 1277 -21.27 18.83 -46.50
C GLY A 1277 -22.77 18.57 -46.39
PG ANP B . 11.19 10.41 -31.88
O1G ANP B . 10.25 9.81 -32.93
O2G ANP B . 11.53 11.88 -32.12
O3G ANP B . 10.82 10.08 -30.44
PB ANP B . 13.77 8.97 -30.91
O1B ANP B . 13.12 8.91 -29.56
O2B ANP B . 15.15 9.55 -31.05
N3B ANP B . 12.73 9.51 -32.09
PA ANP B . 14.45 6.83 -32.78
O1A ANP B . 13.37 6.77 -33.80
O2A ANP B . 15.77 7.49 -33.11
O3A ANP B . 13.93 7.33 -31.35
O5' ANP B . 14.73 5.25 -32.36
C5' ANP B . 15.90 4.91 -31.66
C4' ANP B . 16.85 4.05 -32.47
O4' ANP B . 18.20 4.21 -32.03
C3' ANP B . 16.57 2.54 -32.38
O3' ANP B . 15.69 2.07 -33.34
C2' ANP B . 17.96 1.94 -32.44
O2' ANP B . 18.43 1.97 -33.75
C1' ANP B . 18.70 2.99 -31.58
N9 ANP B . 18.43 2.91 -30.14
C8 ANP B . 18.25 3.98 -29.29
N7 ANP B . 18.03 3.63 -28.06
C5 ANP B . 18.07 2.26 -28.09
C6 ANP B . 17.91 1.30 -27.08
N6 ANP B . 17.67 1.62 -25.81
N1 ANP B . 18.02 0.01 -27.42
C2 ANP B . 18.27 -0.30 -28.68
N3 ANP B . 18.44 0.51 -29.72
C4 ANP B . 18.32 1.79 -29.37
C13 DU0 C . -13.77 -23.96 39.55
C15 DU0 C . -13.91 -26.18 42.05
C17 DU0 C . -12.30 -27.54 48.20
C20 DU0 C . -12.13 -28.14 51.04
C21 DU0 C . -11.59 -28.38 52.43
C22 DU0 C . -11.70 -29.82 52.92
C24 DU0 C . -13.21 -31.57 53.49
C26 DU0 C . -15.07 -33.31 53.80
C01 DU0 C . -13.27 -28.75 45.65
C02 DU0 C . -11.85 -28.16 45.79
C03 DU0 C . -11.79 -27.07 46.85
C04 DU0 C . -12.44 -25.88 46.16
C05 DU0 C . -11.71 -25.91 44.82
C06 DU0 C . -11.44 -27.40 44.51
C07 DU0 C . -12.21 -27.67 43.21
C08 DU0 C . -11.49 -28.56 42.23
C09 DU0 C . -12.54 -26.27 42.67
C11 DU0 C . -11.84 -24.89 40.86
C12 DU0 C . -12.99 -25.23 39.91
C14 DU0 C . -13.88 -26.29 40.54
C18 DU0 C . -12.26 -26.40 49.22
C19 DU0 C . -12.28 -26.88 50.62
C25 DU0 C . -14.69 -31.83 53.69
C27 DU0 C . -14.13 -34.02 54.77
C51 DU0 C . -16.54 -33.40 54.20
C75 DU0 C . -11.11 -30.81 51.94
C76 DU0 C . -10.79 -30.17 50.60
C77 DU0 C . -11.91 -29.26 50.03
C78 DU0 C . -13.21 -30.06 49.86
C79 DU0 C . -11.42 -28.69 48.68
C80 DU0 C . -11.26 -29.79 47.60
C81 DU0 C . -10.88 -29.25 46.23
O10 DU0 C . -11.54 -25.96 41.74
O16 DU0 C . -12.50 -25.38 43.76
O23 DU0 C . -13.03 -30.21 53.16
O28 DU0 C . -14.15 -33.40 56.03
O52 DU0 C . -17.04 -34.71 54.07
C13 DU0 D . -18.59 -18.85 34.85
C15 DU0 D . -15.55 -18.89 37.21
C17 DU0 D . -14.18 -20.62 43.17
C20 DU0 D . -12.97 -21.73 45.54
C21 DU0 D . -12.28 -22.35 46.72
C22 DU0 D . -11.98 -21.32 47.81
C24 DU0 D . -10.68 -21.49 49.78
C26 DU0 D . -9.56 -22.71 51.74
C01 DU0 D . -13.47 -19.58 40.40
C02 DU0 D . -14.30 -18.77 41.42
C03 DU0 D . -15.07 -19.70 42.37
C04 DU0 D . -16.16 -20.28 41.47
C05 DU0 D . -16.58 -19.08 40.62
C06 DU0 D . -15.46 -18.02 40.74
C07 DU0 D . -15.26 -17.49 39.32
C08 DU0 D . -15.43 -15.99 39.20
C09 DU0 D . -16.22 -18.32 38.45
C11 DU0 D . -18.22 -17.95 37.15
C12 DU0 D . -17.56 -18.36 35.85
C14 DU0 D . -16.52 -19.43 36.18
C18 DU0 D . -15.01 -21.49 44.11
C19 DU0 D . -14.19 -22.12 45.18
C25 DU0 D . -9.53 -22.38 50.25
C27 DU0 D . -9.60 -21.42 52.56
C51 DU0 D . -10.76 -23.62 52.00
C75 DU0 D . -12.06 -19.91 47.28
C76 DU0 D . -11.52 -19.77 45.86
C77 DU0 D . -12.21 -20.65 44.80
C78 DU0 D . -11.17 -21.32 43.91
C79 DU0 D . -13.19 -19.78 43.98
C80 DU0 D . -12.45 -18.76 43.11
C81 DU0 D . -13.38 -17.90 42.28
O10 DU0 D . -17.29 -17.47 38.11
O16 DU0 D . -16.68 -19.39 39.24
O23 DU0 D . -10.69 -21.49 48.37
O28 DU0 D . -9.78 -21.69 53.93
O52 DU0 D . -10.70 -24.19 53.29
C13 DU0 E . -12.60 -10.71 34.46
C15 DU0 E . -11.55 -14.08 35.97
C17 DU0 E . -10.09 -15.43 42.65
C20 DU0 E . -9.44 -16.15 45.36
C21 DU0 E . -9.05 -16.56 46.75
C22 DU0 E . -7.74 -15.91 47.17
C24 DU0 E . -7.37 -16.30 49.50
C26 DU0 E . -7.31 -14.18 51.02
C01 DU0 E . -9.81 -16.50 39.78
C02 DU0 E . -9.31 -15.12 40.23
C03 DU0 E . -10.13 -14.58 41.39
C04 DU0 E . -11.46 -14.25 40.72
C05 DU0 E . -10.96 -13.45 39.51
C06 DU0 E . -9.58 -14.05 39.16
C07 DU0 E . -9.72 -14.47 37.70
C08 DU0 E . -8.46 -14.37 36.88
C09 DU0 E . -10.87 -13.57 37.24
C11 DU0 E . -11.19 -11.33 36.44
C12 DU0 E . -11.72 -11.77 35.09
C14 DU0 E . -12.47 -13.08 35.31
C18 DU0 E . -10.83 -14.77 43.80
C19 DU0 E . -10.47 -15.35 45.13
C25 DU0 E . -7.45 -14.78 49.62
C27 DU0 E . -5.90 -13.63 51.23
C51 DU0 E . -7.72 -15.21 52.06
C75 DU0 E . -6.80 -15.73 45.99
C76 DU0 E . -7.07 -16.64 44.80
C77 DU0 E . -8.53 -16.64 44.26
C78 DU0 E . -8.94 -18.06 43.88
C79 DU0 E . -8.63 -15.67 43.07
C80 DU0 E . -7.75 -16.14 41.90
C81 DU0 E . -7.87 -15.21 40.70
O10 DU0 E . -10.33 -12.29 37.03
O16 DU0 E . -11.75 -13.59 38.33
O23 DU0 E . -7.07 -16.65 48.18
O28 DU0 E . -4.95 -14.67 51.24
O52 DU0 E . -7.15 -14.91 53.33
C13 DU0 F . -12.08 -9.22 39.27
C15 DU0 F . -11.28 -8.39 42.95
C17 DU0 F . -11.38 -12.01 48.65
C20 DU0 F . -11.27 -13.28 51.26
C21 DU0 F . -11.03 -13.89 52.63
C22 DU0 F . -12.11 -13.48 53.63
C24 DU0 F . -12.78 -13.47 55.90
C26 DU0 F . -12.77 -12.96 58.43
C01 DU0 F . -10.91 -9.33 47.13
C02 DU0 F . -12.25 -10.08 47.19
C03 DU0 F . -12.04 -11.58 47.35
C04 DU0 F . -11.41 -11.98 46.01
C05 DU0 F . -12.26 -11.19 45.01
C06 DU0 F . -12.96 -10.07 45.81
C07 DU0 F . -12.84 -8.83 44.92
C08 DU0 F . -14.13 -8.05 44.73
C09 DU0 F . -12.22 -9.39 43.62
C11 DU0 F . -12.99 -10.08 41.45
C12 DU0 F . -12.29 -8.93 40.76
C14 DU0 F . -10.99 -8.69 41.50
C18 DU0 F . -11.34 -13.53 48.77
C19 DU0 F . -11.14 -14.02 50.17
C25 DU0 F . -12.27 -13.85 57.28
C27 DU0 F . -11.99 -11.66 58.47
C51 DU0 F . -14.28 -12.77 58.25
C75 DU0 F . -12.20 -11.97 53.68
C76 DU0 F . -12.52 -11.40 52.31
C77 DU0 F . -11.52 -11.78 51.20
C78 DU0 F . -10.19 -11.05 51.41
C79 DU0 F . -12.16 -11.43 49.84
C80 DU0 F . -12.43 -9.92 49.68
C81 DU0 F . -13.10 -9.57 48.35
O10 DU0 F . -13.30 -9.76 42.79
O16 DU0 F . -11.50 -10.52 44.03
O23 DU0 F . -11.88 -13.95 54.93
O28 DU0 F . -12.51 -10.71 57.57
O52 DU0 F . -14.84 -12.11 59.35
C13 DU0 G . 7.15 -34.60 26.98
C15 DU0 G . 5.83 -37.84 28.60
C17 DU0 G . 7.20 -41.29 34.43
C20 DU0 G . 7.65 -42.80 36.85
C21 DU0 G . 7.67 -43.69 38.05
C22 DU0 G . 9.04 -44.31 38.29
C24 DU0 G . 7.94 -45.24 40.19
C26 DU0 G . 6.76 -46.70 41.96
C01 DU0 G . 6.51 -41.64 31.46
C02 DU0 G . 7.73 -40.86 31.97
C03 DU0 G . 7.48 -40.25 33.35
C04 DU0 G . 6.48 -39.13 33.05
C05 DU0 G . 7.22 -38.45 31.89
C06 DU0 G . 7.97 -39.57 31.14
C07 DU0 G . 7.39 -39.50 29.72
C08 DU0 G . 8.36 -39.92 28.62
C09 DU0 G . 6.91 -38.04 29.66
C11 DU0 G . 7.96 -35.97 28.92
C12 DU0 G . 7.15 -35.97 27.64
C14 DU0 G . 5.76 -36.43 28.03
C18 DU0 G . 7.01 -40.61 35.78
C19 DU0 G . 7.15 -41.56 36.92
C25 DU0 G . 7.82 -46.60 40.86
C27 DU0 G . 5.65 -45.66 41.76
C51 DU0 G . 7.46 -46.59 43.32
C75 DU0 G . 9.51 -45.01 37.01
C76 DU0 G . 9.51 -44.05 35.83
C77 DU0 G . 8.15 -43.39 35.55
C78 DU0 G . 7.13 -44.43 35.06
C79 DU0 G . 8.37 -42.27 34.50
C80 DU0 G . 8.74 -42.84 33.13
C81 DU0 G . 8.95 -41.77 32.05
O10 DU0 G . 8.09 -37.27 29.47
O16 DU0 G . 6.37 -37.83 30.94
O23 DU0 G . 9.04 -45.28 39.32
O28 DU0 G . 4.65 -45.79 42.74
O52 DU0 G . 8.49 -45.63 43.30
C13 DU0 H . 12.39 -36.62 30.14
C15 DU0 H . 11.53 -39.25 32.85
C17 DU0 H . 15.25 -42.49 37.57
C20 DU0 H . 16.49 -43.93 39.76
C21 DU0 H . 17.42 -44.76 40.62
C22 DU0 H . 16.86 -46.11 41.05
C24 DU0 H . 15.96 -45.08 43.00
C26 DU0 H . 17.35 -44.72 45.13
C01 DU0 H . 12.74 -42.65 35.86
C02 DU0 H . 14.14 -42.55 35.26
C03 DU0 H . 15.11 -41.83 36.22
C04 DU0 H . 14.67 -40.37 36.12
C05 DU0 H . 14.54 -40.22 34.60
C06 DU0 H . 14.18 -41.61 34.04
C07 DU0 H . 12.89 -41.36 33.26
C08 DU0 H . 12.76 -42.20 31.99
C09 DU0 H . 12.91 -39.84 33.03
C11 DU0 H . 13.77 -38.34 31.35
C12 DU0 H . 12.37 -37.94 30.90
C14 DU0 H . 11.52 -37.89 32.15
C18 DU0 H . 16.29 -41.79 38.45
C19 DU0 H . 16.79 -42.65 39.56
C25 DU0 H . 17.00 -45.65 43.96
C27 DU0 H . 18.14 -45.49 46.19
C51 DU0 H . 18.12 -43.53 44.56
C75 DU0 H . 16.37 -46.92 39.86
C76 DU0 H . 16.30 -46.10 38.59
C77 DU0 H . 15.66 -44.70 38.77
C78 DU0 H . 14.21 -44.85 39.29
C79 DU0 H . 15.66 -43.97 37.40
C80 DU0 H . 14.85 -44.71 36.33
C81 DU0 H . 14.70 -43.95 35.02
O10 DU0 H . 13.77 -39.63 31.93
O16 DU0 H . 13.48 -39.35 34.21
O23 DU0 H . 15.78 -46.00 41.95
O28 DU0 H . 18.31 -44.72 47.35
O52 DU0 H . 19.49 -43.83 44.41
C13 DU0 I . -13.19 -30.72 31.10
C15 DU0 I . -12.46 -34.41 32.01
C17 DU0 I . -11.15 -36.40 38.30
C20 DU0 I . -11.02 -37.65 40.88
C21 DU0 I . -11.22 -38.46 42.13
C22 DU0 I . -9.93 -39.13 42.61
C24 DU0 I . -10.99 -39.57 44.69
C26 DU0 I . -11.60 -40.06 47.13
C01 DU0 I . -11.52 -37.18 35.38
C02 DU0 I . -10.39 -36.26 35.86
C03 DU0 I . -10.78 -35.50 37.14
C04 DU0 I . -11.80 -34.47 36.67
C05 DU0 I . -11.16 -33.99 35.36
C06 DU0 I . -10.17 -35.08 34.90
C07 DU0 I . -10.48 -35.27 33.41
C08 DU0 I . -9.26 -35.37 32.51
C09 DU0 I . -11.44 -34.11 33.09
C11 DU0 I . -11.39 -31.81 32.46
C12 DU0 I . -12.40 -31.99 31.33
C14 DU0 I . -13.29 -33.18 31.65
C18 DU0 I . -11.48 -35.59 39.55
C19 DU0 I . -11.52 -36.43 40.78
C25 DU0 I . -10.80 -40.48 45.90
C27 DU0 I . -13.09 -40.08 46.81
C51 DU0 I . -11.10 -38.69 47.56
C75 DU0 I . -9.29 -39.91 41.46
C76 DU0 I . -9.05 -39.01 40.26
C77 DU0 I . -10.34 -38.36 39.72
C78 DU0 I . -11.28 -39.44 39.19
C79 DU0 I . -9.97 -37.34 38.62
C80 DU0 I . -9.40 -38.03 37.37
C81 DU0 I . -9.15 -37.08 36.19
O10 DU0 I . -10.66 -32.99 32.74
O16 DU0 I . -12.11 -33.87 34.30
O23 DU0 I . -10.15 -40.04 43.66
O28 DU0 I . -13.86 -39.67 47.93
O52 DU0 I . -9.84 -38.76 48.19
C13 DU0 J . 4.20 8.60 35.07
C15 DU0 J . 3.53 12.41 34.80
C17 DU0 J . -1.43 15.71 31.84
C20 DU0 J . -3.54 17.53 31.08
C21 DU0 J . -4.52 18.42 30.34
C22 DU0 J . -4.35 19.92 30.59
C24 DU0 J . -5.86 19.72 32.43
C26 DU0 J . -7.24 19.68 34.60
C01 DU0 J . 1.14 15.66 33.53
C02 DU0 J . 1.07 15.20 32.07
C03 DU0 J . -0.32 14.68 31.70
C04 DU0 J . -0.42 13.36 32.45
C05 DU0 J . 0.99 12.77 32.28
C06 DU0 J . 1.91 13.92 31.83
C07 DU0 J . 3.19 13.72 32.65
C08 DU0 J . 4.46 13.75 31.82
C09 DU0 J . 2.93 12.41 33.41
C11 DU0 J . 3.42 10.07 33.20
C12 DU0 J . 4.20 10.02 34.50
C14 DU0 J . 3.59 11.02 35.46
C18 DU0 J . -2.76 15.16 31.36
C19 DU0 J . -3.77 16.22 31.06
C25 DU0 J . -6.01 20.21 33.85
C27 DU0 J . -7.31 20.28 36.00
C51 DU0 J . -7.17 18.15 34.59
C75 DU0 J . -2.91 20.37 30.34
C76 DU0 J . -1.93 19.20 30.23
C77 DU0 J . -2.14 18.09 31.27
C78 DU0 J . -2.00 18.65 32.70
C79 DU0 J . -1.09 16.98 31.03
C80 DU0 J . 0.35 17.47 31.25
C81 DU0 J . 1.40 16.36 31.14
O10 DU0 J . 3.45 11.36 32.62
O16 DU0 J . 1.53 12.30 33.50
O23 DU0 J . -4.69 20.31 31.90
O28 DU0 J . -6.12 20.02 36.72
O52 DU0 J . -8.10 17.59 35.48
C1 PLM K . -8.86 7.25 22.71
O1 PLM K . -9.48 7.96 21.88
O2 PLM K . -8.16 6.26 22.45
C2 PLM K . -8.99 7.64 24.20
C3 PLM K . -10.39 7.65 24.77
C4 PLM K . -10.68 6.44 25.64
C5 PLM K . -10.41 5.10 24.95
C6 PLM K . -10.53 3.86 25.83
C7 PLM K . -9.73 3.96 27.12
C8 PLM K . -9.35 2.60 27.69
C9 PLM K . -8.34 1.87 26.80
CA PLM K . -7.94 0.49 27.29
CB PLM K . -6.69 -0.07 26.64
CC PLM K . -6.33 -1.46 27.13
CD PLM K . -5.59 -1.45 28.46
CE PLM K . -6.48 -1.75 29.68
CF PLM K . -5.73 -2.39 30.85
CG PLM K . -6.59 -2.45 32.11
MG MG L . 14.61 9.39 -33.03
#